data_2KOG
#
_entry.id   2KOG
#
_cell.length_a   1.000
_cell.length_b   1.000
_cell.length_c   1.000
_cell.angle_alpha   90.00
_cell.angle_beta   90.00
_cell.angle_gamma   90.00
#
_symmetry.space_group_name_H-M   'P 1'
#
_entity_poly.entity_id   1
_entity_poly.type   'polypeptide(L)'
_entity_poly.pdbx_seq_one_letter_code
;GSHMSATAATVPPAAPAGEGGPPAPPPNLTSNRRLQQTQAQVDEVVDIMRVNVDKVLERDQKLSELDDRADALQAGASQF
ETSAAKLKRKYWWKNLKMMIILGVICAIILIIIIVYFST
;
_entity_poly.pdbx_strand_id   A
#
# COMPACT_ATOMS: atom_id res chain seq x y z
N MET A 4 -17.62 -26.72 -53.82
CA MET A 4 -16.42 -26.62 -52.94
C MET A 4 -16.83 -26.86 -51.50
N SER A 5 -15.97 -27.54 -50.75
CA SER A 5 -16.25 -27.82 -49.34
C SER A 5 -16.39 -26.53 -48.55
N ALA A 6 -15.48 -25.59 -48.80
CA ALA A 6 -15.51 -24.31 -48.11
C ALA A 6 -14.54 -23.33 -48.76
N THR A 7 -15.09 -22.29 -49.38
CA THR A 7 -14.27 -21.27 -50.05
C THR A 7 -14.63 -19.89 -49.53
N ALA A 8 -13.61 -19.12 -49.15
CA ALA A 8 -13.81 -17.77 -48.63
C ALA A 8 -12.73 -16.84 -49.14
N ALA A 9 -13.10 -15.58 -49.39
CA ALA A 9 -12.15 -14.59 -49.88
C ALA A 9 -11.04 -14.35 -48.85
N THR A 10 -11.41 -14.35 -47.58
CA THR A 10 -10.45 -14.13 -46.51
C THR A 10 -9.64 -12.87 -46.77
N VAL A 11 -10.32 -11.73 -46.76
CA VAL A 11 -9.66 -10.46 -47.01
C VAL A 11 -8.51 -10.24 -46.02
N PRO A 12 -7.51 -9.50 -46.41
CA PRO A 12 -6.34 -9.22 -45.55
C PRO A 12 -6.72 -8.37 -44.32
N PRO A 13 -5.84 -8.30 -43.35
CA PRO A 13 -6.08 -7.49 -42.11
C PRO A 13 -6.54 -6.07 -42.44
N ALA A 14 -7.49 -5.57 -41.66
CA ALA A 14 -8.01 -4.22 -41.86
C ALA A 14 -6.91 -3.19 -41.64
N ALA A 15 -6.06 -3.44 -40.65
CA ALA A 15 -4.96 -2.52 -40.33
C ALA A 15 -5.49 -1.10 -40.20
N PRO A 16 -6.17 -0.82 -39.12
CA PRO A 16 -6.75 0.54 -38.85
C PRO A 16 -5.70 1.65 -38.98
N ALA A 17 -4.49 1.35 -38.50
CA ALA A 17 -3.41 2.32 -38.56
C ALA A 17 -3.78 3.59 -37.78
N GLY A 18 -2.99 3.89 -36.76
CA GLY A 18 -3.26 5.08 -35.94
C GLY A 18 -2.19 5.24 -34.86
N GLU A 19 -2.57 5.00 -33.62
CA GLU A 19 -1.64 5.12 -32.50
C GLU A 19 -1.00 6.49 -32.50
N GLY A 20 -1.79 7.52 -32.78
CA GLY A 20 -1.28 8.89 -32.80
C GLY A 20 -0.88 9.33 -31.41
N GLY A 21 0.17 10.15 -31.34
CA GLY A 21 0.65 10.64 -30.05
C GLY A 21 1.87 11.54 -30.23
N PRO A 22 1.77 12.52 -31.10
CA PRO A 22 2.88 13.46 -31.38
C PRO A 22 3.30 14.26 -30.14
N PRO A 23 4.43 14.91 -30.19
CA PRO A 23 4.93 15.74 -29.05
C PRO A 23 3.84 16.70 -28.52
N ALA A 24 3.06 17.25 -29.45
CA ALA A 24 2.00 18.18 -29.06
C ALA A 24 2.57 19.34 -28.25
N PRO A 25 3.34 20.19 -28.88
CA PRO A 25 3.97 21.35 -28.20
C PRO A 25 2.97 22.50 -27.99
N PRO A 26 3.28 23.40 -27.09
CA PRO A 26 2.41 24.56 -26.80
C PRO A 26 1.77 25.15 -28.06
N PRO A 27 0.65 25.80 -27.92
CA PRO A 27 -0.06 26.43 -29.08
C PRO A 27 0.72 27.59 -29.68
N ASN A 28 0.64 27.73 -31.01
CA ASN A 28 1.35 28.80 -31.70
C ASN A 28 0.83 30.16 -31.24
N LEU A 29 -0.48 30.27 -31.06
CA LEU A 29 -1.10 31.53 -30.63
C LEU A 29 -1.66 31.39 -29.23
N THR A 30 -1.59 32.47 -28.46
CA THR A 30 -2.09 32.46 -27.09
C THR A 30 -3.60 32.20 -27.08
N SER A 31 -4.32 32.90 -27.95
CA SER A 31 -5.77 32.73 -28.04
C SER A 31 -6.24 32.80 -29.48
N ASN A 32 -7.31 32.08 -29.79
CA ASN A 32 -7.85 32.07 -31.15
C ASN A 32 -9.31 31.63 -31.13
N ARG A 33 -9.53 30.32 -31.22
CA ARG A 33 -10.89 29.79 -31.22
C ARG A 33 -10.87 28.27 -31.09
N ARG A 34 -10.33 27.59 -32.11
CA ARG A 34 -10.25 26.13 -32.09
C ARG A 34 -9.42 25.66 -30.91
N LEU A 35 -8.29 26.33 -30.68
CA LEU A 35 -7.42 25.97 -29.58
C LEU A 35 -8.13 26.10 -28.24
N GLN A 36 -8.90 27.19 -28.10
CA GLN A 36 -9.62 27.43 -26.86
C GLN A 36 -10.58 26.28 -26.57
N GLN A 37 -11.26 25.81 -27.61
CA GLN A 37 -12.21 24.72 -27.47
C GLN A 37 -11.50 23.44 -27.02
N THR A 38 -10.21 23.33 -27.35
CA THR A 38 -9.45 22.16 -26.98
C THR A 38 -9.22 22.13 -25.47
N GLN A 39 -8.61 21.04 -25.00
CA GLN A 39 -8.32 20.89 -23.58
C GLN A 39 -6.93 21.43 -23.25
N ALA A 40 -6.15 21.73 -24.28
CA ALA A 40 -4.82 22.27 -24.08
C ALA A 40 -4.87 23.60 -23.35
N GLN A 41 -5.99 24.29 -23.48
CA GLN A 41 -6.16 25.59 -22.83
C GLN A 41 -6.26 25.43 -21.31
N VAL A 42 -7.21 24.61 -20.87
CA VAL A 42 -7.41 24.38 -19.45
C VAL A 42 -6.22 23.62 -18.85
N ASP A 43 -5.52 22.88 -19.70
CA ASP A 43 -4.38 22.10 -19.25
C ASP A 43 -3.29 23.02 -18.69
N GLU A 44 -3.06 24.13 -19.39
CA GLU A 44 -2.04 25.08 -18.97
C GLU A 44 -2.47 25.76 -17.67
N VAL A 45 -3.78 25.93 -17.49
CA VAL A 45 -4.31 26.57 -16.29
C VAL A 45 -4.00 25.73 -15.05
N VAL A 46 -3.83 24.44 -15.26
CA VAL A 46 -3.54 23.54 -14.15
C VAL A 46 -2.21 23.91 -13.50
N ASP A 47 -1.20 24.17 -14.33
CA ASP A 47 0.12 24.53 -13.82
C ASP A 47 0.04 25.84 -13.04
N ILE A 48 -0.70 26.81 -13.57
CA ILE A 48 -0.84 28.10 -12.91
C ILE A 48 -1.56 27.94 -11.58
N MET A 49 -2.62 27.14 -11.57
CA MET A 49 -3.40 26.92 -10.36
C MET A 49 -2.53 26.28 -9.29
N ARG A 50 -1.70 25.32 -9.70
CA ARG A 50 -0.82 24.63 -8.76
C ARG A 50 0.13 25.62 -8.08
N VAL A 51 0.68 26.54 -8.87
CA VAL A 51 1.59 27.53 -8.34
C VAL A 51 0.90 28.42 -7.33
N ASN A 52 -0.32 28.85 -7.67
CA ASN A 52 -1.08 29.72 -6.78
C ASN A 52 -1.25 29.07 -5.41
N VAL A 53 -1.46 27.75 -5.42
CA VAL A 53 -1.64 27.02 -4.17
C VAL A 53 -0.39 27.10 -3.30
N ASP A 54 0.76 26.92 -3.92
CA ASP A 54 2.03 26.96 -3.20
C ASP A 54 2.56 28.39 -3.13
N LYS A 55 1.91 29.30 -3.85
CA LYS A 55 2.33 30.69 -3.86
C LYS A 55 2.13 31.32 -2.49
N VAL A 56 0.96 31.09 -1.91
CA VAL A 56 0.66 31.64 -0.60
C VAL A 56 1.59 31.06 0.46
N LEU A 57 1.83 29.77 0.37
CA LEU A 57 2.71 29.10 1.32
C LEU A 57 4.12 29.66 1.25
N GLU A 58 4.59 29.88 0.03
CA GLU A 58 5.93 30.41 -0.18
C GLU A 58 5.99 31.88 0.22
N ARG A 59 7.11 32.28 0.83
CA ARG A 59 7.28 33.67 1.26
C ARG A 59 8.61 34.22 0.78
N ASP A 60 8.66 35.52 0.55
CA ASP A 60 9.88 36.17 0.08
C ASP A 60 10.79 36.49 1.26
N GLN A 61 11.81 35.65 1.44
CA GLN A 61 12.76 35.84 2.54
C GLN A 61 13.70 37.01 2.23
N LYS A 62 13.82 37.92 3.18
CA LYS A 62 14.69 39.09 3.00
C LYS A 62 16.14 38.65 2.84
N LEU A 63 16.56 37.68 3.64
CA LEU A 63 17.92 37.18 3.58
C LEU A 63 18.21 36.56 2.22
N SER A 64 17.23 35.81 1.71
CA SER A 64 17.38 35.15 0.41
C SER A 64 18.65 34.31 0.38
N GLU A 65 19.31 34.19 1.53
CA GLU A 65 20.54 33.41 1.61
C GLU A 65 20.26 31.95 1.31
N LEU A 66 18.99 31.57 1.38
CA LEU A 66 18.60 30.19 1.12
C LEU A 66 19.25 29.25 2.14
N ASP A 67 19.90 29.83 3.13
CA ASP A 67 20.56 29.04 4.16
C ASP A 67 19.54 28.51 5.16
N ASP A 68 19.49 27.20 5.32
CA ASP A 68 18.56 26.58 6.25
C ASP A 68 18.85 27.04 7.68
N ARG A 69 20.13 27.09 8.04
CA ARG A 69 20.53 27.50 9.38
C ARG A 69 21.77 28.38 9.32
N ALA A 70 21.87 29.32 10.25
CA ALA A 70 23.03 30.22 10.30
C ALA A 70 23.55 30.34 11.72
N ASP A 71 22.80 29.82 12.68
CA ASP A 71 23.20 29.87 14.08
C ASP A 71 24.48 29.06 14.29
N ALA A 72 24.59 27.94 13.59
CA ALA A 72 25.77 27.10 13.72
C ALA A 72 25.93 26.59 15.14
N LEU A 73 24.89 25.93 15.65
CA LEU A 73 24.92 25.40 17.00
C LEU A 73 26.22 24.65 17.26
N GLN A 74 26.17 23.34 17.10
CA GLN A 74 27.34 22.51 17.31
C GLN A 74 27.06 21.06 16.92
N ALA A 75 26.36 20.34 17.78
CA ALA A 75 26.03 18.95 17.52
C ALA A 75 24.83 18.50 18.36
N GLY A 76 24.09 17.53 17.86
CA GLY A 76 22.92 17.03 18.58
C GLY A 76 21.93 16.36 17.62
N ALA A 77 20.70 16.16 18.09
CA ALA A 77 19.67 15.54 17.27
C ALA A 77 19.38 16.39 16.04
N SER A 78 19.38 17.71 16.22
CA SER A 78 19.09 18.62 15.12
C SER A 78 17.73 18.32 14.50
N GLN A 79 17.13 19.33 13.88
CA GLN A 79 15.82 19.16 13.25
C GLN A 79 15.95 18.40 11.94
N PHE A 80 17.18 18.30 11.44
CA PHE A 80 17.43 17.59 10.19
C PHE A 80 17.01 16.13 10.31
N GLU A 81 17.40 15.49 11.41
CA GLU A 81 17.06 14.09 11.63
C GLU A 81 15.55 13.93 11.77
N THR A 82 14.92 14.86 12.49
CA THR A 82 13.48 14.80 12.70
C THR A 82 12.74 15.01 11.39
N SER A 83 13.30 15.85 10.52
CA SER A 83 12.68 16.14 9.24
C SER A 83 12.57 14.87 8.40
N ALA A 84 13.64 14.07 8.39
CA ALA A 84 13.64 12.82 7.63
C ALA A 84 12.55 11.88 8.13
N ALA A 85 12.21 12.00 9.40
CA ALA A 85 11.18 11.16 9.99
C ALA A 85 9.84 11.37 9.29
N LYS A 86 9.55 12.62 8.94
CA LYS A 86 8.31 12.94 8.27
C LYS A 86 8.23 12.25 6.91
N LEU A 87 9.33 12.27 6.17
CA LEU A 87 9.37 11.65 4.86
C LEU A 87 9.16 10.14 4.98
N LYS A 88 9.80 9.54 5.97
CA LYS A 88 9.68 8.11 6.18
C LYS A 88 8.25 7.74 6.58
N ARG A 89 7.62 8.63 7.34
CA ARG A 89 6.25 8.39 7.80
C ARG A 89 5.32 8.21 6.61
N LYS A 90 5.60 8.92 5.53
CA LYS A 90 4.78 8.85 4.34
C LYS A 90 4.76 7.42 3.78
N TYR A 91 5.93 6.80 3.74
CA TYR A 91 6.04 5.43 3.23
C TYR A 91 5.30 4.46 4.15
N TRP A 92 5.43 4.68 5.46
CA TRP A 92 4.77 3.81 6.43
C TRP A 92 3.35 4.31 6.72
N TRP A 93 2.65 3.60 7.59
CA TRP A 93 1.28 3.97 7.95
C TRP A 93 0.94 3.46 9.34
N LYS A 94 1.40 4.18 10.36
CA LYS A 94 1.12 3.80 11.74
C LYS A 94 -0.28 4.24 12.15
N ASN A 95 -0.90 5.05 11.31
CA ASN A 95 -2.24 5.54 11.60
C ASN A 95 -3.24 4.38 11.65
N LEU A 96 -3.06 3.43 10.73
CA LEU A 96 -3.95 2.28 10.67
C LEU A 96 -3.86 1.47 11.95
N LYS A 97 -2.65 1.30 12.46
CA LYS A 97 -2.44 0.55 13.69
C LYS A 97 -3.19 1.19 14.85
N MET A 98 -3.18 2.52 14.89
CA MET A 98 -3.86 3.26 15.95
C MET A 98 -5.36 3.00 15.90
N MET A 99 -5.90 2.85 14.70
CA MET A 99 -7.32 2.60 14.54
C MET A 99 -7.65 1.15 14.89
N ILE A 100 -6.79 0.24 14.47
CA ILE A 100 -7.01 -1.18 14.74
C ILE A 100 -7.00 -1.46 16.24
N ILE A 101 -6.00 -0.91 16.94
CA ILE A 101 -5.88 -1.11 18.37
C ILE A 101 -6.98 -0.36 19.10
N LEU A 102 -7.32 0.82 18.61
CA LEU A 102 -8.35 1.63 19.23
C LEU A 102 -9.69 0.90 19.20
N GLY A 103 -9.98 0.27 18.07
CA GLY A 103 -11.23 -0.46 17.93
C GLY A 103 -11.32 -1.60 18.94
N VAL A 104 -10.19 -2.24 19.21
CA VAL A 104 -10.15 -3.34 20.16
C VAL A 104 -10.57 -2.85 21.55
N ILE A 105 -10.01 -1.73 21.98
CA ILE A 105 -10.34 -1.18 23.30
C ILE A 105 -11.81 -0.83 23.38
N CYS A 106 -12.29 -0.12 22.37
CA CYS A 106 -13.70 0.28 22.33
C CYS A 106 -14.61 -0.94 22.30
N ALA A 107 -14.17 -1.98 21.60
CA ALA A 107 -14.96 -3.21 21.50
C ALA A 107 -15.21 -3.80 22.88
N ILE A 108 -14.21 -3.71 23.75
CA ILE A 108 -14.33 -4.24 25.10
C ILE A 108 -15.42 -3.49 25.88
N ILE A 109 -15.43 -2.18 25.74
CA ILE A 109 -16.42 -1.36 26.43
C ILE A 109 -17.83 -1.71 25.96
N LEU A 110 -17.98 -1.89 24.65
CA LEU A 110 -19.28 -2.22 24.10
C LEU A 110 -19.78 -3.54 24.64
N ILE A 111 -18.89 -4.51 24.75
CA ILE A 111 -19.25 -5.82 25.26
C ILE A 111 -19.71 -5.72 26.71
N ILE A 112 -18.98 -4.93 27.50
CA ILE A 112 -19.32 -4.77 28.91
C ILE A 112 -20.69 -4.12 29.05
N ILE A 113 -20.94 -3.09 28.24
CA ILE A 113 -22.22 -2.40 28.29
C ILE A 113 -23.36 -3.34 27.90
N ILE A 114 -23.13 -4.11 26.85
CA ILE A 114 -24.15 -5.05 26.38
C ILE A 114 -24.44 -6.10 27.44
N VAL A 115 -23.39 -6.63 28.04
CA VAL A 115 -23.54 -7.65 29.06
C VAL A 115 -24.19 -7.05 30.30
N TYR A 116 -23.75 -5.87 30.68
CA TYR A 116 -24.28 -5.20 31.86
C TYR A 116 -25.78 -4.93 31.70
N PHE A 117 -26.14 -4.43 30.52
CA PHE A 117 -27.53 -4.13 30.23
C PHE A 117 -28.40 -5.38 30.32
N SER A 118 -27.90 -6.46 29.75
CA SER A 118 -28.63 -7.73 29.77
C SER A 118 -28.34 -8.50 31.05
N THR A 119 -27.32 -8.07 31.77
CA THR A 119 -26.93 -8.72 33.02
C THR A 119 -27.07 -10.24 32.89
N MET A 4 -56.66 5.73 20.40
CA MET A 4 -56.32 4.32 20.75
C MET A 4 -55.40 3.75 19.68
N SER A 5 -55.96 3.40 18.53
CA SER A 5 -55.18 2.83 17.44
C SER A 5 -54.10 3.82 16.99
N ALA A 6 -54.47 5.10 16.92
CA ALA A 6 -53.53 6.13 16.49
C ALA A 6 -52.58 6.48 17.63
N THR A 7 -51.41 5.83 17.65
CA THR A 7 -50.42 6.08 18.68
C THR A 7 -49.88 7.50 18.57
N ALA A 8 -49.76 7.99 17.34
CA ALA A 8 -49.25 9.34 17.11
C ALA A 8 -49.44 9.73 15.64
N ALA A 9 -50.24 8.96 14.93
CA ALA A 9 -50.50 9.25 13.53
C ALA A 9 -49.19 9.44 12.76
N THR A 10 -48.58 8.33 12.38
CA THR A 10 -47.31 8.39 11.65
C THR A 10 -47.50 9.09 10.31
N VAL A 11 -48.57 8.71 9.59
CA VAL A 11 -48.85 9.30 8.30
C VAL A 11 -47.59 9.40 7.46
N PRO A 12 -47.05 8.27 7.06
CA PRO A 12 -45.81 8.22 6.25
C PRO A 12 -46.07 8.55 4.76
N PRO A 13 -45.53 9.63 4.25
CA PRO A 13 -45.72 10.03 2.82
C PRO A 13 -45.42 8.88 1.86
N ALA A 14 -44.40 8.09 2.18
CA ALA A 14 -44.02 6.96 1.33
C ALA A 14 -43.24 5.92 2.14
N ALA A 15 -43.32 4.67 1.71
CA ALA A 15 -42.62 3.59 2.39
C ALA A 15 -43.09 3.49 3.84
N PRO A 16 -44.28 2.98 4.06
CA PRO A 16 -44.85 2.82 5.42
C PRO A 16 -43.89 2.11 6.38
N ALA A 17 -43.19 1.11 5.87
CA ALA A 17 -42.24 0.36 6.67
C ALA A 17 -41.02 1.19 6.99
N GLY A 18 -40.54 1.09 8.22
CA GLY A 18 -39.37 1.84 8.63
C GLY A 18 -38.13 1.40 7.85
N GLU A 19 -38.01 0.09 7.64
CA GLU A 19 -36.86 -0.44 6.91
C GLU A 19 -36.99 -0.12 5.43
N GLY A 20 -35.93 0.44 4.85
CA GLY A 20 -35.94 0.79 3.42
C GLY A 20 -35.04 1.99 3.17
N GLY A 21 -34.42 2.01 1.98
CA GLY A 21 -33.53 3.10 1.61
C GLY A 21 -32.44 2.62 0.67
N PRO A 22 -31.78 1.55 1.03
CA PRO A 22 -30.68 0.97 0.21
C PRO A 22 -31.16 0.55 -1.19
N PRO A 23 -30.31 -0.09 -1.95
CA PRO A 23 -30.65 -0.57 -3.33
C PRO A 23 -31.80 -1.57 -3.31
N ALA A 24 -32.63 -1.53 -4.36
CA ALA A 24 -33.76 -2.45 -4.46
C ALA A 24 -33.33 -3.87 -4.11
N PRO A 25 -34.29 -4.74 -3.86
CA PRO A 25 -34.01 -6.16 -3.52
C PRO A 25 -32.91 -6.76 -4.39
N PRO A 26 -32.25 -7.78 -3.91
CA PRO A 26 -31.16 -8.45 -4.68
C PRO A 26 -31.68 -9.18 -5.91
N PRO A 27 -30.81 -9.52 -6.83
CA PRO A 27 -31.19 -10.25 -8.07
C PRO A 27 -32.18 -11.39 -7.81
N ASN A 28 -31.80 -12.30 -6.91
CA ASN A 28 -32.66 -13.43 -6.58
C ASN A 28 -32.07 -14.24 -5.43
N LEU A 29 -30.95 -14.89 -5.69
CA LEU A 29 -30.29 -15.70 -4.67
C LEU A 29 -31.22 -16.79 -4.15
N THR A 30 -30.66 -17.97 -3.91
CA THR A 30 -31.46 -19.08 -3.41
C THR A 30 -31.94 -18.80 -1.99
N SER A 31 -31.07 -18.18 -1.19
CA SER A 31 -31.41 -17.86 0.19
C SER A 31 -32.11 -16.51 0.26
N ASN A 32 -33.44 -16.54 0.24
CA ASN A 32 -34.23 -15.31 0.31
C ASN A 32 -34.75 -15.10 1.73
N ARG A 33 -34.36 -15.98 2.64
CA ARG A 33 -34.79 -15.87 4.03
C ARG A 33 -33.86 -14.93 4.82
N ARG A 34 -34.30 -13.69 5.00
CA ARG A 34 -33.50 -12.72 5.73
C ARG A 34 -33.90 -12.70 7.20
N LEU A 35 -34.89 -13.50 7.55
CA LEU A 35 -35.35 -13.57 8.93
C LEU A 35 -34.23 -14.09 9.84
N GLN A 36 -33.54 -15.12 9.38
CA GLN A 36 -32.46 -15.71 10.16
C GLN A 36 -31.24 -14.79 10.14
N GLN A 37 -31.01 -14.16 9.00
CA GLN A 37 -29.86 -13.26 8.86
C GLN A 37 -30.16 -11.90 9.48
N THR A 38 -31.37 -11.75 10.01
CA THR A 38 -31.76 -10.49 10.62
C THR A 38 -30.83 -10.15 11.78
N GLN A 39 -30.52 -11.14 12.61
CA GLN A 39 -29.63 -10.93 13.74
C GLN A 39 -28.23 -10.58 13.27
N ALA A 40 -27.78 -11.25 12.21
CA ALA A 40 -26.46 -11.01 11.66
C ALA A 40 -26.41 -9.69 10.89
N GLN A 41 -27.59 -9.14 10.61
CA GLN A 41 -27.68 -7.88 9.88
C GLN A 41 -26.88 -6.79 10.59
N VAL A 42 -26.69 -6.95 11.89
CA VAL A 42 -25.94 -5.98 12.67
C VAL A 42 -24.49 -5.90 12.18
N ASP A 43 -23.91 -7.06 11.88
CA ASP A 43 -22.54 -7.10 11.39
C ASP A 43 -22.42 -6.40 10.04
N GLU A 44 -23.45 -6.53 9.22
CA GLU A 44 -23.45 -5.91 7.90
C GLU A 44 -23.35 -4.39 8.02
N VAL A 45 -24.05 -3.83 9.01
CA VAL A 45 -24.04 -2.39 9.22
C VAL A 45 -22.64 -1.93 9.59
N VAL A 46 -21.99 -2.69 10.48
CA VAL A 46 -20.64 -2.34 10.91
C VAL A 46 -19.68 -2.33 9.72
N ASP A 47 -19.80 -3.33 8.86
CA ASP A 47 -18.94 -3.42 7.68
C ASP A 47 -19.13 -2.19 6.79
N ILE A 48 -20.38 -1.78 6.61
CA ILE A 48 -20.68 -0.62 5.78
C ILE A 48 -20.08 0.65 6.40
N MET A 49 -20.23 0.78 7.70
CA MET A 49 -19.70 1.94 8.41
C MET A 49 -18.18 1.93 8.39
N ARG A 50 -17.59 0.75 8.49
CA ARG A 50 -16.14 0.62 8.49
C ARG A 50 -15.54 1.18 7.21
N VAL A 51 -16.10 0.78 6.07
CA VAL A 51 -15.62 1.26 4.78
C VAL A 51 -16.01 2.71 4.56
N ASN A 52 -17.10 3.13 5.21
CA ASN A 52 -17.58 4.49 5.06
C ASN A 52 -16.55 5.48 5.58
N VAL A 53 -15.89 5.12 6.70
CA VAL A 53 -14.88 5.98 7.29
C VAL A 53 -13.71 6.16 6.34
N ASP A 54 -13.30 5.07 5.71
CA ASP A 54 -12.18 5.10 4.78
C ASP A 54 -12.62 5.73 3.45
N LYS A 55 -13.92 5.73 3.19
CA LYS A 55 -14.44 6.30 1.96
C LYS A 55 -14.23 7.80 1.93
N VAL A 56 -14.60 8.46 3.02
CA VAL A 56 -14.44 9.90 3.11
C VAL A 56 -12.96 10.27 3.18
N LEU A 57 -12.17 9.38 3.73
CA LEU A 57 -10.73 9.63 3.87
C LEU A 57 -10.09 9.83 2.50
N GLU A 58 -10.48 8.99 1.56
CA GLU A 58 -9.93 9.06 0.20
C GLU A 58 -11.04 9.31 -0.80
N ARG A 59 -10.94 10.43 -1.51
CA ARG A 59 -11.94 10.80 -2.52
C ARG A 59 -11.27 11.24 -3.80
N ASP A 60 -11.79 10.74 -4.93
CA ASP A 60 -11.24 11.07 -6.23
C ASP A 60 -11.84 12.38 -6.74
N GLN A 61 -10.98 13.39 -6.92
CA GLN A 61 -11.44 14.68 -7.39
C GLN A 61 -12.08 14.57 -8.78
N LYS A 62 -11.47 13.75 -9.63
CA LYS A 62 -11.99 13.55 -10.97
C LYS A 62 -12.12 14.88 -11.71
N LEU A 63 -11.02 15.31 -12.32
CA LEU A 63 -11.02 16.57 -13.05
C LEU A 63 -11.79 16.41 -14.36
N SER A 64 -12.96 17.03 -14.43
CA SER A 64 -13.77 16.97 -15.62
C SER A 64 -15.15 17.61 -15.37
N GLU A 65 -15.69 17.36 -14.18
CA GLU A 65 -16.99 17.90 -13.81
C GLU A 65 -17.00 18.35 -12.35
N LEU A 66 -17.26 17.40 -11.46
CA LEU A 66 -17.31 17.69 -10.04
C LEU A 66 -15.89 17.89 -9.49
N ASP A 67 -15.13 18.74 -10.15
CA ASP A 67 -13.76 19.02 -9.73
C ASP A 67 -13.75 19.65 -8.35
N ASP A 68 -14.73 20.52 -8.09
CA ASP A 68 -14.82 21.21 -6.81
C ASP A 68 -13.72 22.26 -6.67
N ARG A 69 -12.65 22.10 -7.45
CA ARG A 69 -11.54 23.04 -7.40
C ARG A 69 -11.99 24.43 -7.85
N ALA A 70 -12.80 24.46 -8.90
CA ALA A 70 -13.28 25.73 -9.44
C ALA A 70 -14.32 26.34 -8.49
N ASP A 71 -14.31 27.67 -8.39
CA ASP A 71 -15.24 28.36 -7.51
C ASP A 71 -15.07 27.91 -6.07
N ALA A 72 -13.81 27.88 -5.63
CA ALA A 72 -13.52 27.47 -4.26
C ALA A 72 -14.12 28.45 -3.26
N LEU A 73 -14.60 29.58 -3.77
CA LEU A 73 -15.19 30.60 -2.91
C LEU A 73 -16.42 30.04 -2.19
N GLN A 74 -17.24 29.30 -2.93
CA GLN A 74 -18.44 28.72 -2.36
C GLN A 74 -18.09 27.77 -1.24
N ALA A 75 -17.03 26.99 -1.43
CA ALA A 75 -16.58 26.04 -0.43
C ALA A 75 -16.17 26.75 0.85
N GLY A 76 -15.47 27.88 0.70
CA GLY A 76 -15.04 28.66 1.85
C GLY A 76 -13.96 27.91 2.62
N ALA A 77 -13.24 27.04 1.93
CA ALA A 77 -12.17 26.26 2.55
C ALA A 77 -12.71 25.47 3.75
N SER A 78 -13.08 24.22 3.51
CA SER A 78 -13.61 23.37 4.57
C SER A 78 -14.75 24.07 5.29
N GLN A 79 -15.42 23.35 6.19
CA GLN A 79 -16.53 23.94 6.94
C GLN A 79 -16.10 24.26 8.36
N PHE A 80 -15.95 23.22 9.18
CA PHE A 80 -15.53 23.41 10.58
C PHE A 80 -14.84 22.17 11.11
N GLU A 81 -14.85 21.11 10.32
CA GLU A 81 -14.22 19.86 10.72
C GLU A 81 -12.73 20.06 10.97
N THR A 82 -12.20 21.17 10.49
CA THR A 82 -10.78 21.47 10.66
C THR A 82 -10.43 21.51 12.15
N SER A 83 -11.27 22.16 12.93
CA SER A 83 -11.03 22.26 14.37
C SER A 83 -11.02 20.87 15.01
N ALA A 84 -11.97 20.04 14.62
CA ALA A 84 -12.06 18.69 15.16
C ALA A 84 -10.84 17.86 14.75
N ALA A 85 -10.33 18.13 13.55
CA ALA A 85 -9.17 17.39 13.06
C ALA A 85 -7.99 17.56 14.01
N LYS A 86 -7.86 18.74 14.59
CA LYS A 86 -6.76 19.00 15.51
C LYS A 86 -6.84 18.07 16.71
N LEU A 87 -8.05 17.87 17.23
CA LEU A 87 -8.23 16.99 18.38
C LEU A 87 -7.83 15.56 18.02
N LYS A 88 -8.21 15.13 16.83
CA LYS A 88 -7.90 13.78 16.38
C LYS A 88 -6.39 13.58 16.29
N ARG A 89 -5.70 14.59 15.77
CA ARG A 89 -4.26 14.51 15.63
C ARG A 89 -3.60 14.26 16.98
N LYS A 90 -4.27 14.65 18.04
CA LYS A 90 -3.72 14.47 19.38
C LYS A 90 -3.34 13.00 19.61
N TYR A 91 -4.24 12.09 19.26
CA TYR A 91 -3.98 10.65 19.43
C TYR A 91 -3.89 9.96 18.06
N TRP A 92 -4.66 10.44 17.11
CA TRP A 92 -4.66 9.86 15.77
C TRP A 92 -3.52 10.43 14.94
N TRP A 93 -2.39 9.73 14.94
CA TRP A 93 -1.21 10.17 14.18
C TRP A 93 -1.26 9.62 12.75
N LYS A 94 -2.43 9.68 12.15
CA LYS A 94 -2.61 9.18 10.79
C LYS A 94 -2.06 7.76 10.66
N ASN A 95 -2.07 7.03 11.77
CA ASN A 95 -1.58 5.66 11.77
C ASN A 95 -2.74 4.67 11.76
N LEU A 96 -2.84 3.90 10.67
CA LEU A 96 -3.91 2.92 10.54
C LEU A 96 -3.79 1.86 11.62
N LYS A 97 -2.55 1.48 11.95
CA LYS A 97 -2.32 0.47 12.97
C LYS A 97 -2.93 0.90 14.30
N MET A 98 -2.78 2.18 14.63
CA MET A 98 -3.33 2.69 15.89
C MET A 98 -4.85 2.60 15.88
N MET A 99 -5.45 2.86 14.72
CA MET A 99 -6.90 2.80 14.60
C MET A 99 -7.41 1.40 14.93
N ILE A 100 -6.70 0.38 14.46
CA ILE A 100 -7.09 -1.00 14.71
C ILE A 100 -7.03 -1.31 16.20
N ILE A 101 -5.95 -0.87 16.84
CA ILE A 101 -5.79 -1.09 18.28
C ILE A 101 -6.87 -0.38 19.06
N LEU A 102 -7.17 0.85 18.67
CA LEU A 102 -8.19 1.63 19.36
C LEU A 102 -9.54 0.92 19.29
N GLY A 103 -9.85 0.37 18.12
CA GLY A 103 -11.12 -0.32 17.94
C GLY A 103 -11.23 -1.50 18.89
N VAL A 104 -10.12 -2.18 19.12
CA VAL A 104 -10.12 -3.34 20.01
C VAL A 104 -10.50 -2.92 21.43
N ILE A 105 -9.89 -1.84 21.91
CA ILE A 105 -10.18 -1.36 23.25
C ILE A 105 -11.63 -0.93 23.38
N CYS A 106 -12.07 -0.14 22.41
CA CYS A 106 -13.45 0.34 22.40
C CYS A 106 -14.43 -0.82 22.32
N ALA A 107 -14.05 -1.85 21.57
CA ALA A 107 -14.90 -3.03 21.42
C ALA A 107 -15.16 -3.68 22.76
N ILE A 108 -14.15 -3.66 23.62
CA ILE A 108 -14.27 -4.27 24.95
C ILE A 108 -15.33 -3.54 25.77
N ILE A 109 -15.31 -2.21 25.70
CA ILE A 109 -16.27 -1.40 26.45
C ILE A 109 -17.70 -1.69 26.00
N LEU A 110 -17.88 -1.83 24.69
CA LEU A 110 -19.20 -2.10 24.15
C LEU A 110 -19.77 -3.39 24.72
N ILE A 111 -18.91 -4.38 24.92
CA ILE A 111 -19.35 -5.65 25.46
C ILE A 111 -19.94 -5.47 26.86
N ILE A 112 -19.29 -4.63 27.66
CA ILE A 112 -19.76 -4.38 29.02
C ILE A 112 -21.21 -3.89 28.99
N ILE A 113 -21.51 -3.03 28.05
CA ILE A 113 -22.87 -2.50 27.94
C ILE A 113 -23.87 -3.62 27.67
N ILE A 114 -23.52 -4.52 26.77
CA ILE A 114 -24.40 -5.64 26.44
C ILE A 114 -24.62 -6.53 27.66
N VAL A 115 -23.53 -6.89 28.33
CA VAL A 115 -23.62 -7.74 29.51
C VAL A 115 -24.33 -7.00 30.64
N TYR A 116 -23.97 -5.74 30.82
CA TYR A 116 -24.58 -4.93 31.87
C TYR A 116 -26.08 -4.82 31.67
N PHE A 117 -26.48 -4.60 30.43
CA PHE A 117 -27.89 -4.45 30.10
C PHE A 117 -28.66 -5.72 30.50
N SER A 118 -28.08 -6.86 30.18
CA SER A 118 -28.71 -8.14 30.48
C SER A 118 -28.38 -8.58 31.90
N THR A 119 -27.37 -7.94 32.48
CA THR A 119 -26.94 -8.25 33.84
C THR A 119 -26.97 -9.76 34.08
N MET A 4 -21.44 -44.44 -73.56
CA MET A 4 -22.18 -43.26 -73.04
C MET A 4 -21.21 -42.33 -72.33
N SER A 5 -20.23 -41.83 -73.09
CA SER A 5 -19.23 -40.91 -72.53
C SER A 5 -19.89 -39.60 -72.13
N ALA A 6 -21.07 -39.35 -72.67
CA ALA A 6 -21.79 -38.12 -72.36
C ALA A 6 -22.15 -38.06 -70.88
N THR A 7 -22.50 -39.21 -70.31
CA THR A 7 -22.87 -39.28 -68.90
C THR A 7 -23.74 -38.10 -68.51
N ALA A 8 -25.05 -38.28 -68.63
CA ALA A 8 -25.99 -37.21 -68.27
C ALA A 8 -25.93 -36.92 -66.78
N ALA A 9 -26.04 -35.63 -66.43
CA ALA A 9 -26.00 -35.24 -65.03
C ALA A 9 -27.14 -35.90 -64.25
N THR A 10 -27.75 -35.15 -63.33
CA THR A 10 -28.84 -35.67 -62.52
C THR A 10 -29.84 -34.57 -62.23
N VAL A 11 -31.07 -34.97 -61.90
CA VAL A 11 -32.13 -34.01 -61.59
C VAL A 11 -33.02 -34.54 -60.47
N PRO A 12 -32.52 -34.54 -59.27
CA PRO A 12 -33.27 -35.04 -58.09
C PRO A 12 -34.64 -34.36 -57.95
N PRO A 13 -35.57 -35.01 -57.28
CA PRO A 13 -36.94 -34.46 -57.07
C PRO A 13 -36.94 -33.24 -56.14
N ALA A 14 -37.94 -32.40 -56.27
CA ALA A 14 -38.05 -31.21 -55.45
C ALA A 14 -38.25 -31.60 -53.98
N ALA A 15 -37.64 -30.84 -53.08
CA ALA A 15 -37.77 -31.11 -51.66
C ALA A 15 -37.30 -29.91 -50.84
N PRO A 16 -38.09 -28.88 -50.79
CA PRO A 16 -37.77 -27.64 -50.03
C PRO A 16 -37.55 -27.91 -48.54
N ALA A 17 -36.63 -27.17 -47.94
CA ALA A 17 -36.34 -27.34 -46.52
C ALA A 17 -37.54 -26.91 -45.68
N GLY A 18 -37.75 -27.62 -44.57
CA GLY A 18 -38.88 -27.30 -43.67
C GLY A 18 -38.48 -27.52 -42.22
N GLU A 19 -38.65 -28.76 -41.75
CA GLU A 19 -38.31 -29.08 -40.37
C GLU A 19 -38.90 -28.05 -39.41
N GLY A 20 -40.12 -28.30 -38.96
CA GLY A 20 -40.79 -27.38 -38.04
C GLY A 20 -42.14 -27.93 -37.62
N GLY A 21 -42.90 -27.13 -36.88
CA GLY A 21 -44.23 -27.54 -36.42
C GLY A 21 -44.18 -27.93 -34.95
N PRO A 22 -43.64 -27.09 -34.12
CA PRO A 22 -43.52 -27.36 -32.66
C PRO A 22 -44.90 -27.53 -31.99
N PRO A 23 -44.92 -28.07 -30.80
CA PRO A 23 -46.18 -28.27 -30.05
C PRO A 23 -47.12 -27.07 -30.18
N ALA A 24 -48.19 -27.24 -30.93
CA ALA A 24 -49.17 -26.18 -31.12
C ALA A 24 -50.04 -26.06 -29.88
N PRO A 25 -50.80 -27.10 -29.57
CA PRO A 25 -51.71 -27.08 -28.39
C PRO A 25 -50.97 -26.74 -27.09
N PRO A 26 -51.23 -25.58 -26.51
CA PRO A 26 -50.57 -25.16 -25.23
C PRO A 26 -50.67 -26.25 -24.16
N PRO A 27 -51.81 -26.89 -24.02
CA PRO A 27 -52.00 -27.96 -23.01
C PRO A 27 -51.01 -29.12 -23.18
N ASN A 28 -50.65 -29.74 -22.07
CA ASN A 28 -49.73 -30.87 -22.10
C ASN A 28 -48.42 -30.48 -22.79
N LEU A 29 -47.56 -29.79 -22.04
CA LEU A 29 -46.28 -29.35 -22.59
C LEU A 29 -45.30 -30.51 -22.63
N THR A 30 -44.29 -30.40 -23.49
CA THR A 30 -43.29 -31.46 -23.63
C THR A 30 -42.22 -31.31 -22.55
N SER A 31 -42.37 -30.29 -21.70
CA SER A 31 -41.41 -30.05 -20.63
C SER A 31 -40.07 -29.55 -21.21
N ASN A 32 -39.97 -29.57 -22.53
CA ASN A 32 -38.75 -29.11 -23.19
C ASN A 32 -37.53 -29.84 -22.62
N ARG A 33 -37.59 -31.16 -22.59
CA ARG A 33 -36.49 -31.95 -22.07
C ARG A 33 -36.23 -31.61 -20.61
N ARG A 34 -36.08 -32.65 -19.79
CA ARG A 34 -35.83 -32.46 -18.36
C ARG A 34 -34.49 -31.77 -18.14
N LEU A 35 -33.50 -32.13 -18.96
CA LEU A 35 -32.17 -31.55 -18.85
C LEU A 35 -32.18 -30.08 -19.28
N GLN A 36 -33.34 -29.44 -19.15
CA GLN A 36 -33.46 -28.03 -19.52
C GLN A 36 -32.58 -27.16 -18.65
N GLN A 37 -32.54 -27.48 -17.36
CA GLN A 37 -31.74 -26.72 -16.41
C GLN A 37 -30.25 -26.90 -16.70
N THR A 38 -29.89 -28.10 -17.17
CA THR A 38 -28.50 -28.41 -17.48
C THR A 38 -27.97 -27.48 -18.56
N GLN A 39 -28.78 -27.28 -19.61
CA GLN A 39 -28.38 -26.41 -20.71
C GLN A 39 -28.25 -24.97 -20.23
N ALA A 40 -29.06 -24.59 -19.26
CA ALA A 40 -29.04 -23.24 -18.72
C ALA A 40 -27.70 -22.96 -18.03
N GLN A 41 -27.04 -24.01 -17.58
CA GLN A 41 -25.75 -23.86 -16.90
C GLN A 41 -24.69 -23.34 -17.87
N VAL A 42 -24.68 -23.88 -19.08
CA VAL A 42 -23.71 -23.48 -20.09
C VAL A 42 -24.16 -22.19 -20.79
N ASP A 43 -25.42 -21.83 -20.56
CA ASP A 43 -25.97 -20.62 -21.17
C ASP A 43 -25.23 -19.38 -20.67
N GLU A 44 -24.89 -19.39 -19.38
CA GLU A 44 -24.17 -18.26 -18.79
C GLU A 44 -22.79 -18.12 -19.40
N VAL A 45 -22.16 -19.24 -19.71
CA VAL A 45 -20.83 -19.24 -20.30
C VAL A 45 -20.87 -18.62 -21.70
N VAL A 46 -21.88 -18.99 -22.46
CA VAL A 46 -22.02 -18.45 -23.82
C VAL A 46 -22.16 -16.93 -23.79
N ASP A 47 -22.98 -16.43 -22.88
CA ASP A 47 -23.18 -14.99 -22.76
C ASP A 47 -21.87 -14.30 -22.42
N ILE A 48 -21.12 -14.88 -21.49
CA ILE A 48 -19.84 -14.30 -21.08
C ILE A 48 -18.86 -14.30 -22.24
N MET A 49 -18.82 -15.42 -22.96
CA MET A 49 -17.92 -15.55 -24.10
C MET A 49 -18.31 -14.58 -25.20
N ARG A 50 -19.60 -14.40 -25.40
CA ARG A 50 -20.08 -13.51 -26.45
C ARG A 50 -19.54 -12.10 -26.25
N VAL A 51 -19.64 -11.59 -25.03
CA VAL A 51 -19.15 -10.26 -24.71
C VAL A 51 -17.63 -10.24 -24.66
N ASN A 52 -17.04 -11.40 -24.36
CA ASN A 52 -15.60 -11.51 -24.28
C ASN A 52 -14.96 -11.20 -25.63
N VAL A 53 -15.63 -11.60 -26.69
CA VAL A 53 -15.12 -11.36 -28.04
C VAL A 53 -15.04 -9.87 -28.33
N ASP A 54 -16.07 -9.14 -27.92
CA ASP A 54 -16.11 -7.70 -28.15
C ASP A 54 -15.01 -6.98 -27.36
N LYS A 55 -14.40 -7.71 -26.44
CA LYS A 55 -13.34 -7.15 -25.62
C LYS A 55 -12.12 -6.82 -26.47
N VAL A 56 -12.00 -7.51 -27.60
CA VAL A 56 -10.87 -7.29 -28.50
C VAL A 56 -10.78 -5.81 -28.88
N LEU A 57 -11.93 -5.14 -28.90
CA LEU A 57 -11.98 -3.74 -29.27
C LEU A 57 -11.19 -2.89 -28.28
N GLU A 58 -11.33 -3.22 -27.01
CA GLU A 58 -10.62 -2.49 -25.96
C GLU A 58 -10.65 -0.99 -26.23
N ARG A 59 -11.61 -0.30 -25.64
CA ARG A 59 -11.73 1.14 -25.83
C ARG A 59 -10.75 1.88 -24.93
N ASP A 60 -9.92 2.70 -25.55
CA ASP A 60 -8.92 3.48 -24.80
C ASP A 60 -9.45 4.88 -24.52
N GLN A 61 -10.71 5.12 -24.89
CA GLN A 61 -11.32 6.43 -24.67
C GLN A 61 -11.39 6.74 -23.18
N LYS A 62 -11.10 7.99 -22.82
CA LYS A 62 -11.12 8.41 -21.43
C LYS A 62 -12.53 8.28 -20.86
N LEU A 63 -13.52 8.69 -21.66
CA LEU A 63 -14.91 8.61 -21.24
C LEU A 63 -15.84 8.61 -22.44
N SER A 64 -16.23 7.42 -22.88
CA SER A 64 -17.12 7.29 -24.02
C SER A 64 -18.49 7.89 -23.70
N GLU A 65 -18.92 7.74 -22.45
CA GLU A 65 -20.21 8.27 -22.04
C GLU A 65 -20.38 8.15 -20.53
N LEU A 66 -20.73 6.94 -20.08
CA LEU A 66 -20.92 6.69 -18.65
C LEU A 66 -20.22 5.39 -18.24
N ASP A 67 -19.16 5.53 -17.45
CA ASP A 67 -18.41 4.37 -16.98
C ASP A 67 -17.56 4.74 -15.77
N ASP A 68 -16.84 3.76 -15.25
CA ASP A 68 -15.98 3.98 -14.09
C ASP A 68 -16.78 4.53 -12.91
N ARG A 69 -16.38 5.69 -12.42
CA ARG A 69 -17.07 6.32 -11.30
C ARG A 69 -18.50 6.66 -11.68
N ALA A 70 -18.68 7.18 -12.89
CA ALA A 70 -20.01 7.56 -13.37
C ALA A 70 -20.59 8.68 -12.52
N ASP A 71 -19.88 9.05 -11.46
CA ASP A 71 -20.32 10.11 -10.57
C ASP A 71 -19.77 11.46 -11.03
N ALA A 72 -19.00 11.44 -12.11
CA ALA A 72 -18.41 12.67 -12.64
C ALA A 72 -19.51 13.57 -13.18
N LEU A 73 -20.07 14.41 -12.31
CA LEU A 73 -21.13 15.33 -12.72
C LEU A 73 -20.70 16.78 -12.48
N GLN A 74 -20.58 17.54 -13.57
CA GLN A 74 -20.17 18.92 -13.47
C GLN A 74 -21.23 19.74 -12.71
N ALA A 75 -20.76 20.51 -11.74
CA ALA A 75 -21.67 21.34 -10.94
C ALA A 75 -20.92 22.53 -10.33
N GLY A 76 -19.75 22.81 -10.87
CA GLY A 76 -18.93 23.92 -10.38
C GLY A 76 -17.53 23.86 -10.94
N ALA A 77 -16.64 24.69 -10.40
CA ALA A 77 -15.26 24.72 -10.86
C ALA A 77 -14.58 23.38 -10.63
N SER A 78 -14.87 22.76 -9.49
CA SER A 78 -14.28 21.46 -9.17
C SER A 78 -15.20 20.69 -8.23
N GLN A 79 -15.14 19.35 -8.31
CA GLN A 79 -15.97 18.50 -7.47
C GLN A 79 -15.16 17.33 -6.96
N PHE A 80 -15.56 16.81 -5.79
CA PHE A 80 -14.85 15.68 -5.18
C PHE A 80 -13.38 16.00 -4.98
N GLU A 81 -12.98 17.21 -5.38
CA GLU A 81 -11.59 17.62 -5.24
C GLU A 81 -11.21 17.74 -3.77
N THR A 82 -12.11 18.32 -2.97
CA THR A 82 -11.86 18.49 -1.55
C THR A 82 -11.80 17.13 -0.85
N SER A 83 -12.62 16.20 -1.32
CA SER A 83 -12.65 14.86 -0.73
C SER A 83 -11.29 14.17 -0.90
N ALA A 84 -10.67 14.39 -2.04
CA ALA A 84 -9.37 13.78 -2.33
C ALA A 84 -8.33 14.22 -1.30
N ALA A 85 -8.38 15.50 -0.93
CA ALA A 85 -7.44 16.04 0.05
C ALA A 85 -7.52 15.26 1.36
N LYS A 86 -8.75 14.95 1.77
CA LYS A 86 -8.96 14.20 3.01
C LYS A 86 -8.33 12.82 2.91
N LEU A 87 -8.50 12.16 1.76
CA LEU A 87 -7.96 10.84 1.56
C LEU A 87 -6.43 10.87 1.59
N LYS A 88 -5.86 11.88 0.96
CA LYS A 88 -4.41 12.03 0.92
C LYS A 88 -3.85 12.15 2.33
N ARG A 89 -4.61 12.79 3.21
CA ARG A 89 -4.18 12.97 4.59
C ARG A 89 -3.91 11.63 5.25
N LYS A 90 -4.75 10.66 4.95
CA LYS A 90 -4.60 9.33 5.53
C LYS A 90 -3.27 8.71 5.12
N TYR A 91 -2.90 8.87 3.86
CA TYR A 91 -1.65 8.33 3.35
C TYR A 91 -0.47 9.00 4.04
N TRP A 92 -0.55 10.32 4.22
CA TRP A 92 0.53 11.07 4.85
C TRP A 92 0.51 10.87 6.37
N TRP A 93 -0.65 11.12 6.97
CA TRP A 93 -0.80 10.98 8.42
C TRP A 93 -0.65 9.52 8.84
N LYS A 94 -1.22 8.62 8.05
CA LYS A 94 -1.16 7.20 8.34
C LYS A 94 -1.70 6.91 9.73
N ASN A 95 -0.88 6.27 10.57
CA ASN A 95 -1.29 5.94 11.92
C ASN A 95 -2.49 5.00 11.92
N LEU A 96 -2.53 4.12 10.92
CA LEU A 96 -3.63 3.16 10.81
C LEU A 96 -3.58 2.16 11.96
N LYS A 97 -2.38 1.83 12.40
CA LYS A 97 -2.21 0.87 13.48
C LYS A 97 -2.95 1.34 14.73
N MET A 98 -2.88 2.64 15.01
CA MET A 98 -3.54 3.19 16.17
C MET A 98 -5.05 2.98 16.07
N MET A 99 -5.60 3.18 14.87
CA MET A 99 -7.03 3.01 14.67
C MET A 99 -7.44 1.56 14.92
N ILE A 100 -6.62 0.63 14.46
CA ILE A 100 -6.91 -0.79 14.64
C ILE A 100 -6.89 -1.15 16.12
N ILE A 101 -5.90 -0.65 16.84
CA ILE A 101 -5.77 -0.92 18.25
C ILE A 101 -6.96 -0.36 19.01
N LEU A 102 -7.34 0.87 18.66
CA LEU A 102 -8.46 1.51 19.32
C LEU A 102 -9.74 0.72 19.11
N GLY A 103 -9.94 0.23 17.90
CA GLY A 103 -11.13 -0.55 17.58
C GLY A 103 -11.23 -1.77 18.47
N VAL A 104 -10.10 -2.44 18.69
CA VAL A 104 -10.09 -3.63 19.53
C VAL A 104 -10.48 -3.28 20.96
N ILE A 105 -9.89 -2.23 21.50
CA ILE A 105 -10.18 -1.81 22.87
C ILE A 105 -11.65 -1.43 23.01
N CYS A 106 -12.13 -0.67 22.06
CA CYS A 106 -13.53 -0.25 22.08
C CYS A 106 -14.46 -1.46 22.10
N ALA A 107 -14.01 -2.56 21.49
CA ALA A 107 -14.80 -3.77 21.45
C ALA A 107 -15.07 -4.27 22.86
N ILE A 108 -14.08 -4.15 23.73
CA ILE A 108 -14.24 -4.60 25.12
C ILE A 108 -15.31 -3.77 25.82
N ILE A 109 -15.25 -2.46 25.64
CA ILE A 109 -16.21 -1.57 26.28
C ILE A 109 -17.62 -1.86 25.78
N LEU A 110 -17.74 -2.08 24.49
CA LEU A 110 -19.04 -2.37 23.91
C LEU A 110 -19.70 -3.57 24.58
N ILE A 111 -18.89 -4.56 24.91
CA ILE A 111 -19.42 -5.77 25.56
C ILE A 111 -20.04 -5.40 26.91
N ILE A 112 -19.38 -4.52 27.65
CA ILE A 112 -19.87 -4.11 28.95
C ILE A 112 -21.30 -3.61 28.85
N ILE A 113 -21.61 -2.90 27.77
CA ILE A 113 -22.96 -2.38 27.58
C ILE A 113 -23.97 -3.52 27.51
N ILE A 114 -23.65 -4.55 26.75
CA ILE A 114 -24.55 -5.70 26.61
C ILE A 114 -24.67 -6.44 27.94
N VAL A 115 -23.54 -6.65 28.60
CA VAL A 115 -23.52 -7.35 29.87
C VAL A 115 -24.25 -6.53 30.93
N TYR A 116 -23.98 -5.24 30.95
CA TYR A 116 -24.61 -4.36 31.92
C TYR A 116 -26.12 -4.38 31.76
N PHE A 117 -26.58 -4.33 30.53
CA PHE A 117 -28.01 -4.34 30.25
C PHE A 117 -28.64 -5.64 30.71
N SER A 118 -27.94 -6.74 30.45
CA SER A 118 -28.43 -8.06 30.83
C SER A 118 -28.30 -8.28 32.34
N THR A 119 -27.53 -7.43 32.99
CA THR A 119 -27.33 -7.54 34.43
C THR A 119 -28.64 -7.91 35.14
N MET A 4 -1.34 -18.34 -19.23
CA MET A 4 0.09 -17.91 -19.28
C MET A 4 0.92 -18.97 -19.99
N SER A 5 2.23 -18.82 -19.94
CA SER A 5 3.13 -19.78 -20.57
C SER A 5 2.66 -20.09 -22.00
N ALA A 6 2.15 -21.31 -22.19
CA ALA A 6 1.67 -21.73 -23.50
C ALA A 6 0.39 -20.97 -23.86
N THR A 7 0.33 -20.51 -25.11
CA THR A 7 -0.84 -19.77 -25.58
C THR A 7 -2.06 -20.68 -25.64
N ALA A 8 -1.85 -21.90 -26.15
CA ALA A 8 -2.95 -22.86 -26.26
C ALA A 8 -2.41 -24.23 -26.63
N ALA A 9 -1.11 -24.31 -26.89
CA ALA A 9 -0.49 -25.58 -27.24
C ALA A 9 -1.18 -26.21 -28.45
N THR A 10 -0.73 -25.84 -29.65
CA THR A 10 -1.31 -26.37 -30.87
C THR A 10 -1.08 -27.86 -30.97
N VAL A 11 0.15 -28.29 -30.67
CA VAL A 11 0.49 -29.70 -30.73
C VAL A 11 1.22 -30.13 -29.46
N PRO A 12 1.08 -31.39 -29.09
CA PRO A 12 1.74 -31.93 -27.87
C PRO A 12 3.14 -31.35 -27.65
N PRO A 13 3.60 -31.35 -26.43
CA PRO A 13 4.96 -30.83 -26.08
C PRO A 13 6.07 -31.70 -26.66
N ALA A 14 7.22 -31.08 -26.93
CA ALA A 14 8.36 -31.80 -27.47
C ALA A 14 9.66 -31.33 -26.82
N ALA A 15 9.53 -30.53 -25.76
CA ALA A 15 10.70 -30.02 -25.06
C ALA A 15 10.30 -29.45 -23.70
N PRO A 16 9.98 -30.31 -22.78
CA PRO A 16 9.56 -29.90 -21.40
C PRO A 16 10.65 -29.09 -20.69
N ALA A 17 10.22 -28.10 -19.92
CA ALA A 17 11.16 -27.25 -19.19
C ALA A 17 11.94 -28.08 -18.16
N GLY A 18 11.35 -29.19 -17.74
CA GLY A 18 11.99 -30.07 -16.76
C GLY A 18 11.55 -29.71 -15.34
N GLU A 19 10.56 -28.84 -15.24
CA GLU A 19 10.05 -28.43 -13.94
C GLU A 19 11.19 -27.93 -13.05
N GLY A 20 11.84 -28.85 -12.36
CA GLY A 20 12.93 -28.49 -11.47
C GLY A 20 14.08 -27.86 -12.26
N GLY A 21 14.81 -28.69 -13.00
CA GLY A 21 15.92 -28.19 -13.80
C GLY A 21 16.89 -27.40 -12.94
N PRO A 22 18.05 -27.09 -13.47
CA PRO A 22 19.10 -26.32 -12.75
C PRO A 22 18.67 -24.86 -12.50
N PRO A 23 18.48 -24.49 -11.26
CA PRO A 23 18.08 -23.10 -10.89
C PRO A 23 18.96 -22.05 -11.57
N ALA A 24 20.26 -22.33 -11.64
CA ALA A 24 21.19 -21.40 -12.25
C ALA A 24 22.61 -21.94 -12.18
N PRO A 25 23.48 -21.46 -13.03
CA PRO A 25 24.90 -21.89 -13.07
C PRO A 25 25.66 -21.51 -11.79
N PRO A 26 26.80 -22.11 -11.57
CA PRO A 26 27.64 -21.84 -10.38
C PRO A 26 27.75 -20.34 -10.09
N PRO A 27 28.48 -19.99 -9.07
CA PRO A 27 28.68 -18.57 -8.67
C PRO A 27 29.37 -17.75 -9.77
N ASN A 28 29.01 -16.48 -9.86
CA ASN A 28 29.59 -15.59 -10.87
C ASN A 28 30.94 -15.06 -10.38
N LEU A 29 32.00 -15.82 -10.63
CA LEU A 29 33.33 -15.41 -10.22
C LEU A 29 33.74 -14.13 -10.94
N THR A 30 33.44 -14.07 -12.23
CA THR A 30 33.78 -12.89 -13.03
C THR A 30 35.26 -12.54 -12.86
N SER A 31 35.53 -11.30 -12.46
CA SER A 31 36.90 -10.86 -12.26
C SER A 31 37.47 -11.45 -10.98
N ASN A 32 38.80 -11.52 -10.92
CA ASN A 32 39.47 -12.07 -9.73
C ASN A 32 40.03 -10.96 -8.87
N ARG A 33 39.78 -11.04 -7.57
CA ARG A 33 40.26 -10.02 -6.63
C ARG A 33 40.82 -10.68 -5.38
N ARG A 34 41.88 -10.07 -4.82
CA ARG A 34 42.51 -10.61 -3.62
C ARG A 34 41.55 -10.52 -2.44
N LEU A 35 40.77 -9.45 -2.39
CA LEU A 35 39.82 -9.25 -1.30
C LEU A 35 38.61 -10.16 -1.47
N GLN A 36 38.82 -11.28 -2.15
CA GLN A 36 37.73 -12.23 -2.39
C GLN A 36 37.08 -12.63 -1.06
N GLN A 37 37.90 -12.84 -0.04
CA GLN A 37 37.40 -13.24 1.27
C GLN A 37 36.47 -12.17 1.83
N THR A 38 36.86 -10.90 1.66
CA THR A 38 36.05 -9.80 2.16
C THR A 38 34.69 -9.77 1.46
N GLN A 39 34.69 -9.94 0.15
CA GLN A 39 33.46 -9.92 -0.63
C GLN A 39 32.48 -10.97 -0.09
N ALA A 40 32.97 -11.84 0.78
CA ALA A 40 32.13 -12.88 1.35
C ALA A 40 30.92 -12.26 2.07
N GLN A 41 31.16 -11.18 2.79
CA GLN A 41 30.08 -10.50 3.51
C GLN A 41 29.07 -9.91 2.54
N VAL A 42 29.57 -9.38 1.43
CA VAL A 42 28.71 -8.77 0.42
C VAL A 42 27.83 -9.84 -0.23
N ASP A 43 28.27 -11.09 -0.17
CA ASP A 43 27.52 -12.19 -0.75
C ASP A 43 26.16 -12.33 -0.07
N GLU A 44 26.11 -12.01 1.21
CA GLU A 44 24.87 -12.10 1.97
C GLU A 44 23.97 -10.91 1.67
N VAL A 45 24.58 -9.75 1.44
CA VAL A 45 23.82 -8.54 1.16
C VAL A 45 23.00 -8.70 -0.13
N VAL A 46 23.64 -9.21 -1.16
CA VAL A 46 22.98 -9.40 -2.45
C VAL A 46 21.79 -10.34 -2.28
N ASP A 47 21.99 -11.41 -1.50
CA ASP A 47 20.93 -12.38 -1.27
C ASP A 47 19.75 -11.72 -0.58
N ILE A 48 20.03 -10.88 0.41
CA ILE A 48 18.98 -10.19 1.14
C ILE A 48 18.20 -9.25 0.21
N MET A 49 18.92 -8.53 -0.63
CA MET A 49 18.30 -7.60 -1.55
C MET A 49 17.42 -8.35 -2.55
N ARG A 50 17.90 -9.50 -3.00
CA ARG A 50 17.16 -10.30 -3.96
C ARG A 50 15.78 -10.67 -3.40
N VAL A 51 15.75 -11.07 -2.14
CA VAL A 51 14.49 -11.44 -1.51
C VAL A 51 13.54 -10.25 -1.47
N ASN A 52 14.05 -9.08 -1.11
CA ASN A 52 13.23 -7.88 -1.04
C ASN A 52 12.63 -7.58 -2.41
N VAL A 53 13.42 -7.74 -3.46
CA VAL A 53 12.94 -7.50 -4.81
C VAL A 53 11.87 -8.51 -5.20
N ASP A 54 12.12 -9.76 -4.84
CA ASP A 54 11.17 -10.84 -5.17
C ASP A 54 9.88 -10.68 -4.36
N LYS A 55 9.96 -9.93 -3.27
CA LYS A 55 8.79 -9.70 -2.42
C LYS A 55 7.76 -8.86 -3.16
N VAL A 56 8.21 -7.75 -3.75
CA VAL A 56 7.32 -6.87 -4.48
C VAL A 56 6.95 -7.48 -5.83
N LEU A 57 7.86 -8.28 -6.37
CA LEU A 57 7.62 -8.89 -7.66
C LEU A 57 6.41 -9.82 -7.61
N GLU A 58 6.33 -10.60 -6.55
CA GLU A 58 5.21 -11.53 -6.39
C GLU A 58 3.92 -10.76 -6.16
N ARG A 59 3.96 -9.79 -5.27
CA ARG A 59 2.78 -8.99 -4.97
C ARG A 59 2.56 -7.93 -6.05
N ASP A 60 1.29 -7.70 -6.39
CA ASP A 60 0.95 -6.71 -7.41
C ASP A 60 1.21 -5.30 -6.89
N GLN A 61 1.61 -4.41 -7.79
CA GLN A 61 1.89 -3.03 -7.42
C GLN A 61 0.63 -2.36 -6.85
N LYS A 62 0.67 -2.04 -5.56
CA LYS A 62 -0.47 -1.41 -4.90
C LYS A 62 -0.76 -0.05 -5.54
N LEU A 63 0.29 0.72 -5.81
CA LEU A 63 0.13 2.03 -6.42
C LEU A 63 -0.44 1.90 -7.83
N SER A 64 -0.51 3.02 -8.53
CA SER A 64 -1.04 3.03 -9.89
C SER A 64 -2.45 2.44 -9.92
N GLU A 65 -3.44 3.26 -9.57
CA GLU A 65 -4.82 2.80 -9.55
C GLU A 65 -5.77 3.96 -9.25
N LEU A 66 -5.28 4.95 -8.51
CA LEU A 66 -6.10 6.11 -8.17
C LEU A 66 -6.46 6.88 -9.44
N ASP A 67 -5.51 7.01 -10.34
CA ASP A 67 -5.74 7.74 -11.59
C ASP A 67 -6.79 7.03 -12.44
N ASP A 68 -6.80 5.70 -12.35
CA ASP A 68 -7.76 4.91 -13.11
C ASP A 68 -7.53 5.10 -14.61
N ARG A 69 -8.48 4.62 -15.41
CA ARG A 69 -8.38 4.74 -16.86
C ARG A 69 -8.47 6.19 -17.28
N ALA A 70 -9.00 7.04 -16.39
CA ALA A 70 -9.14 8.46 -16.68
C ALA A 70 -7.76 9.08 -16.92
N ASP A 71 -6.75 8.57 -16.22
CA ASP A 71 -5.39 9.08 -16.36
C ASP A 71 -5.36 10.58 -16.09
N ALA A 72 -6.51 11.13 -15.67
CA ALA A 72 -6.59 12.56 -15.37
C ALA A 72 -6.06 13.39 -16.53
N LEU A 73 -6.95 13.74 -17.46
CA LEU A 73 -6.55 14.54 -18.61
C LEU A 73 -6.41 16.00 -18.23
N GLN A 74 -5.42 16.66 -18.82
CA GLN A 74 -5.19 18.07 -18.53
C GLN A 74 -4.99 18.28 -17.04
N ALA A 75 -6.10 18.48 -16.32
CA ALA A 75 -6.03 18.69 -14.88
C ALA A 75 -4.92 19.68 -14.54
N GLY A 76 -4.83 20.75 -15.31
CA GLY A 76 -3.80 21.77 -15.08
C GLY A 76 -4.12 22.57 -13.82
N ALA A 77 -4.84 23.67 -14.00
CA ALA A 77 -5.20 24.53 -12.87
C ALA A 77 -6.45 24.00 -12.17
N SER A 78 -6.26 23.11 -11.21
CA SER A 78 -7.38 22.53 -10.49
C SER A 78 -6.90 21.85 -9.21
N GLN A 79 -6.09 22.56 -8.42
CA GLN A 79 -5.56 22.00 -7.18
C GLN A 79 -6.58 22.14 -6.06
N PHE A 80 -7.69 22.80 -6.35
CA PHE A 80 -8.74 23.02 -5.35
C PHE A 80 -9.27 21.68 -4.85
N GLU A 81 -9.55 20.77 -5.78
CA GLU A 81 -10.05 19.45 -5.42
C GLU A 81 -8.98 18.62 -4.73
N THR A 82 -7.74 18.80 -5.15
CA THR A 82 -6.63 18.05 -4.57
C THR A 82 -6.41 18.45 -3.12
N SER A 83 -6.69 19.72 -2.80
CA SER A 83 -6.52 20.21 -1.44
C SER A 83 -7.42 19.43 -0.48
N ALA A 84 -8.59 19.03 -0.96
CA ALA A 84 -9.53 18.29 -0.13
C ALA A 84 -8.93 16.95 0.28
N ALA A 85 -8.17 16.34 -0.63
CA ALA A 85 -7.55 15.05 -0.36
C ALA A 85 -6.61 15.15 0.84
N LYS A 86 -5.94 16.29 0.96
CA LYS A 86 -4.99 16.50 2.05
C LYS A 86 -5.70 16.37 3.40
N LEU A 87 -6.87 16.99 3.51
CA LEU A 87 -7.64 16.94 4.75
C LEU A 87 -8.07 15.51 5.05
N LYS A 88 -8.49 14.80 4.02
CA LYS A 88 -8.94 13.42 4.17
C LYS A 88 -7.78 12.54 4.65
N ARG A 89 -6.60 12.78 4.09
CA ARG A 89 -5.43 12.01 4.46
C ARG A 89 -5.13 12.14 5.94
N LYS A 90 -5.19 13.36 6.44
CA LYS A 90 -4.92 13.62 7.85
C LYS A 90 -5.97 12.96 8.73
N TYR A 91 -7.22 13.03 8.29
CA TYR A 91 -8.32 12.44 9.05
C TYR A 91 -8.11 10.94 9.20
N TRP A 92 -7.73 10.28 8.12
CA TRP A 92 -7.50 8.83 8.16
C TRP A 92 -6.39 8.45 7.18
N TRP A 93 -5.31 7.88 7.72
CA TRP A 93 -4.19 7.47 6.88
C TRP A 93 -3.13 6.78 7.72
N LYS A 94 -2.13 7.55 8.15
CA LYS A 94 -1.06 7.00 8.98
C LYS A 94 -1.59 6.50 10.31
N ASN A 95 -2.64 7.16 10.81
CA ASN A 95 -3.23 6.78 12.08
C ASN A 95 -4.07 5.52 11.91
N LEU A 96 -3.83 4.79 10.83
CA LEU A 96 -4.58 3.57 10.56
C LEU A 96 -4.30 2.53 11.65
N LYS A 97 -3.04 2.41 12.02
CA LYS A 97 -2.65 1.43 13.04
C LYS A 97 -3.37 1.70 14.35
N MET A 98 -3.61 2.98 14.62
CA MET A 98 -4.30 3.36 15.84
C MET A 98 -5.71 2.78 15.87
N MET A 99 -6.31 2.66 14.69
CA MET A 99 -7.67 2.13 14.60
C MET A 99 -7.71 0.68 15.02
N ILE A 100 -6.71 -0.09 14.60
CA ILE A 100 -6.66 -1.51 14.94
C ILE A 100 -6.62 -1.70 16.45
N ILE A 101 -5.67 -1.03 17.10
CA ILE A 101 -5.53 -1.15 18.54
C ILE A 101 -6.71 -0.49 19.25
N LEU A 102 -7.13 0.66 18.73
CA LEU A 102 -8.24 1.39 19.32
C LEU A 102 -9.52 0.56 19.24
N GLY A 103 -9.72 -0.10 18.11
CA GLY A 103 -10.92 -0.91 17.92
C GLY A 103 -10.99 -2.02 18.96
N VAL A 104 -9.84 -2.63 19.26
CA VAL A 104 -9.80 -3.71 20.23
C VAL A 104 -10.21 -3.21 21.61
N ILE A 105 -9.66 -2.08 22.02
CA ILE A 105 -9.97 -1.51 23.33
C ILE A 105 -11.45 -1.14 23.41
N CYS A 106 -11.93 -0.44 22.39
CA CYS A 106 -13.34 -0.03 22.36
C CYS A 106 -14.25 -1.25 22.37
N ALA A 107 -13.88 -2.27 21.60
CA ALA A 107 -14.68 -3.48 21.51
C ALA A 107 -14.95 -4.04 22.89
N ILE A 108 -13.95 -3.94 23.77
CA ILE A 108 -14.09 -4.45 25.13
C ILE A 108 -15.19 -3.70 25.87
N ILE A 109 -15.21 -2.38 25.71
CA ILE A 109 -16.20 -1.54 26.37
C ILE A 109 -17.60 -1.95 25.95
N LEU A 110 -17.77 -2.21 24.66
CA LEU A 110 -19.07 -2.59 24.13
C LEU A 110 -19.59 -3.85 24.80
N ILE A 111 -18.69 -4.77 25.07
CA ILE A 111 -19.08 -6.03 25.71
C ILE A 111 -19.66 -5.75 27.09
N ILE A 112 -19.03 -4.85 27.84
CA ILE A 112 -19.52 -4.52 29.18
C ILE A 112 -20.89 -3.89 29.11
N ILE A 113 -21.08 -2.98 28.15
CA ILE A 113 -22.36 -2.30 27.99
C ILE A 113 -23.45 -3.31 27.63
N ILE A 114 -23.12 -4.22 26.73
CA ILE A 114 -24.08 -5.23 26.31
C ILE A 114 -24.46 -6.13 27.47
N VAL A 115 -23.47 -6.54 28.24
CA VAL A 115 -23.71 -7.41 29.39
C VAL A 115 -24.49 -6.66 30.46
N TYR A 116 -24.09 -5.41 30.71
CA TYR A 116 -24.75 -4.61 31.72
C TYR A 116 -26.22 -4.41 31.38
N PHE A 117 -26.50 -4.16 30.11
CA PHE A 117 -27.87 -3.95 29.66
C PHE A 117 -28.72 -5.18 29.96
N SER A 118 -28.17 -6.35 29.67
CA SER A 118 -28.88 -7.59 29.91
C SER A 118 -29.15 -7.78 31.40
N THR A 119 -28.16 -7.47 32.22
CA THR A 119 -28.29 -7.59 33.66
C THR A 119 -27.16 -6.87 34.38
N MET A 4 46.42 -45.31 59.07
CA MET A 4 47.58 -44.68 59.78
C MET A 4 48.49 -45.77 60.34
N SER A 5 47.88 -46.88 60.76
CA SER A 5 48.64 -47.99 61.31
C SER A 5 49.63 -48.53 60.28
N ALA A 6 49.17 -48.65 59.03
CA ALA A 6 50.01 -49.15 57.97
C ALA A 6 51.15 -48.18 57.68
N THR A 7 52.33 -48.72 57.38
CA THR A 7 53.50 -47.90 57.09
C THR A 7 53.55 -47.55 55.61
N ALA A 8 53.83 -46.29 55.31
CA ALA A 8 53.90 -45.83 53.92
C ALA A 8 54.78 -44.60 53.82
N ALA A 9 55.42 -44.42 52.67
CA ALA A 9 56.28 -43.27 52.45
C ALA A 9 56.48 -43.02 50.96
N THR A 10 55.38 -43.07 50.20
CA THR A 10 55.44 -42.85 48.75
C THR A 10 54.57 -41.66 48.36
N VAL A 11 55.17 -40.73 47.62
CA VAL A 11 54.44 -39.55 47.18
C VAL A 11 53.41 -39.91 46.12
N PRO A 12 52.32 -39.18 46.05
CA PRO A 12 51.25 -39.43 45.07
C PRO A 12 51.80 -39.84 43.70
N PRO A 13 50.96 -40.36 42.84
CA PRO A 13 51.38 -40.79 41.47
C PRO A 13 52.14 -39.69 40.73
N ALA A 14 51.70 -38.44 40.90
CA ALA A 14 52.34 -37.32 40.25
C ALA A 14 52.32 -37.49 38.73
N ALA A 15 52.18 -36.37 38.02
CA ALA A 15 52.14 -36.41 36.56
C ALA A 15 52.45 -35.02 35.99
N PRO A 16 53.67 -34.61 36.04
CA PRO A 16 54.12 -33.28 35.51
C PRO A 16 53.83 -33.14 34.02
N ALA A 17 53.49 -31.94 33.59
CA ALA A 17 53.21 -31.67 32.18
C ALA A 17 54.24 -30.71 31.61
N GLY A 18 54.61 -30.93 30.36
CA GLY A 18 55.59 -30.08 29.69
C GLY A 18 55.72 -30.45 28.22
N GLU A 19 55.76 -29.44 27.35
CA GLU A 19 55.89 -29.67 25.92
C GLU A 19 57.36 -29.85 25.55
N GLY A 20 57.62 -30.76 24.61
CA GLY A 20 58.99 -31.02 24.16
C GLY A 20 59.18 -30.60 22.71
N GLY A 21 60.31 -30.99 22.13
CA GLY A 21 60.59 -30.64 20.74
C GLY A 21 61.00 -29.17 20.62
N PRO A 22 61.56 -28.80 19.50
CA PRO A 22 62.02 -27.41 19.24
C PRO A 22 60.87 -26.40 19.38
N PRO A 23 60.90 -25.55 20.39
CA PRO A 23 59.83 -24.52 20.60
C PRO A 23 59.56 -23.71 19.34
N ALA A 24 58.33 -23.81 18.83
CA ALA A 24 57.94 -23.08 17.63
C ALA A 24 59.03 -23.18 16.57
N PRO A 25 59.08 -24.29 15.86
CA PRO A 25 60.11 -24.51 14.81
C PRO A 25 59.74 -23.82 13.49
N PRO A 26 60.71 -23.64 12.62
CA PRO A 26 60.49 -22.97 11.31
C PRO A 26 59.16 -23.41 10.65
N PRO A 27 58.63 -22.59 9.79
CA PRO A 27 57.35 -22.90 9.07
C PRO A 27 57.51 -24.07 8.11
N ASN A 28 58.76 -24.36 7.75
CA ASN A 28 59.04 -25.46 6.81
C ASN A 28 58.71 -26.80 7.46
N LEU A 29 58.29 -27.76 6.64
CA LEU A 29 57.94 -29.08 7.14
C LEU A 29 59.18 -29.97 7.22
N THR A 30 60.30 -29.46 6.71
CA THR A 30 61.54 -30.21 6.72
C THR A 30 61.98 -30.49 8.15
N SER A 31 61.93 -29.46 8.99
CA SER A 31 62.33 -29.60 10.38
C SER A 31 61.25 -30.34 11.18
N ASN A 32 61.64 -30.86 12.34
CA ASN A 32 60.70 -31.59 13.18
C ASN A 32 60.05 -32.73 12.40
N ARG A 33 60.88 -33.51 11.72
CA ARG A 33 60.36 -34.63 10.92
C ARG A 33 59.66 -35.65 11.82
N ARG A 34 59.92 -35.56 13.12
CA ARG A 34 59.31 -36.47 14.08
C ARG A 34 57.78 -36.42 13.97
N LEU A 35 57.28 -35.32 13.43
CA LEU A 35 55.84 -35.15 13.26
C LEU A 35 55.28 -36.20 12.31
N GLN A 36 56.03 -36.48 11.26
CA GLN A 36 55.60 -37.47 10.27
C GLN A 36 55.34 -38.81 10.94
N GLN A 37 56.07 -39.08 12.02
CA GLN A 37 55.92 -40.34 12.73
C GLN A 37 54.52 -40.43 13.35
N THR A 38 54.01 -39.31 13.83
CA THR A 38 52.70 -39.29 14.45
C THR A 38 51.61 -39.21 13.39
N GLN A 39 50.36 -39.37 13.82
CA GLN A 39 49.22 -39.32 12.91
C GLN A 39 48.61 -37.93 12.90
N ALA A 40 49.04 -37.09 13.83
CA ALA A 40 48.52 -35.73 13.92
C ALA A 40 48.88 -34.92 12.67
N GLN A 41 50.07 -35.16 12.15
CA GLN A 41 50.52 -34.45 10.96
C GLN A 41 49.60 -34.70 9.77
N VAL A 42 49.36 -35.96 9.49
CA VAL A 42 48.48 -36.33 8.38
C VAL A 42 47.03 -35.97 8.70
N ASP A 43 46.71 -35.94 9.98
CA ASP A 43 45.36 -35.61 10.43
C ASP A 43 44.98 -34.18 10.01
N GLU A 44 45.98 -33.30 10.02
CA GLU A 44 45.75 -31.91 9.65
C GLU A 44 45.02 -31.82 8.31
N VAL A 45 45.09 -32.89 7.53
CA VAL A 45 44.45 -32.92 6.23
C VAL A 45 42.95 -32.64 6.37
N VAL A 46 42.39 -32.98 7.52
CA VAL A 46 40.96 -32.76 7.76
C VAL A 46 40.62 -31.28 7.65
N ASP A 47 41.45 -30.46 8.27
CA ASP A 47 41.24 -29.02 8.24
C ASP A 47 41.30 -28.49 6.81
N ILE A 48 42.18 -29.07 6.01
CA ILE A 48 42.34 -28.66 4.61
C ILE A 48 41.04 -28.90 3.84
N MET A 49 40.44 -30.06 4.07
CA MET A 49 39.20 -30.40 3.39
C MET A 49 38.10 -29.40 3.74
N ARG A 50 38.06 -28.99 5.00
CA ARG A 50 37.04 -28.05 5.46
C ARG A 50 37.17 -26.73 4.69
N VAL A 51 38.41 -26.29 4.48
CA VAL A 51 38.65 -25.04 3.77
C VAL A 51 38.16 -25.14 2.33
N ASN A 52 38.44 -26.28 1.70
CA ASN A 52 38.02 -26.49 0.31
C ASN A 52 36.51 -26.38 0.19
N VAL A 53 35.81 -26.93 1.17
CA VAL A 53 34.36 -26.89 1.16
C VAL A 53 33.86 -25.45 1.27
N ASP A 54 34.53 -24.68 2.09
CA ASP A 54 34.16 -23.27 2.29
C ASP A 54 34.22 -22.50 0.98
N LYS A 55 35.22 -22.81 0.16
CA LYS A 55 35.38 -22.15 -1.13
C LYS A 55 34.20 -22.47 -2.04
N VAL A 56 33.70 -23.69 -1.93
CA VAL A 56 32.58 -24.12 -2.75
C VAL A 56 31.34 -23.29 -2.45
N LEU A 57 31.12 -23.01 -1.17
CA LEU A 57 29.97 -22.23 -0.75
C LEU A 57 30.12 -20.76 -1.15
N GLU A 58 31.30 -20.41 -1.64
CA GLU A 58 31.56 -19.04 -2.08
C GLU A 58 31.33 -18.88 -3.57
N ARG A 59 32.37 -19.07 -4.36
CA ARG A 59 32.26 -18.95 -5.80
C ARG A 59 31.18 -19.87 -6.35
N ASP A 60 31.60 -21.01 -6.90
CA ASP A 60 30.65 -21.96 -7.46
C ASP A 60 30.00 -22.77 -6.34
N GLN A 61 28.69 -22.60 -6.18
CA GLN A 61 27.96 -23.31 -5.14
C GLN A 61 28.02 -24.82 -5.38
N LYS A 62 27.79 -25.23 -6.63
CA LYS A 62 27.81 -26.64 -6.98
C LYS A 62 27.70 -26.82 -8.50
N LEU A 63 26.48 -27.04 -8.97
CA LEU A 63 26.25 -27.23 -10.39
C LEU A 63 26.63 -25.98 -11.16
N SER A 64 26.27 -24.81 -10.61
CA SER A 64 26.59 -23.55 -11.27
C SER A 64 25.85 -22.39 -10.59
N GLU A 65 24.56 -22.26 -10.89
CA GLU A 65 23.76 -21.21 -10.30
C GLU A 65 22.27 -21.49 -10.52
N LEU A 66 21.69 -20.88 -11.55
CA LEU A 66 20.28 -21.06 -11.84
C LEU A 66 20.00 -22.51 -12.18
N ASP A 67 20.90 -23.14 -12.92
CA ASP A 67 20.74 -24.53 -13.31
C ASP A 67 19.43 -24.72 -14.08
N ASP A 68 18.74 -23.61 -14.33
CA ASP A 68 17.48 -23.66 -15.07
C ASP A 68 16.52 -24.67 -14.44
N ARG A 69 16.87 -25.12 -13.22
CA ARG A 69 16.04 -26.09 -12.51
C ARG A 69 15.82 -25.64 -11.06
N ALA A 70 15.23 -26.53 -10.27
CA ALA A 70 14.96 -26.22 -8.88
C ALA A 70 13.99 -25.04 -8.76
N ASP A 71 12.86 -25.28 -8.10
CA ASP A 71 11.86 -24.23 -7.93
C ASP A 71 12.43 -23.07 -7.12
N ALA A 72 13.20 -23.40 -6.09
CA ALA A 72 13.80 -22.37 -5.25
C ALA A 72 12.75 -21.77 -4.31
N LEU A 73 11.51 -21.75 -4.77
CA LEU A 73 10.41 -21.19 -3.97
C LEU A 73 10.23 -21.99 -2.69
N GLN A 74 10.36 -23.30 -2.79
CA GLN A 74 10.21 -24.17 -1.63
C GLN A 74 9.02 -23.72 -0.78
N ALA A 75 9.30 -22.93 0.25
CA ALA A 75 8.24 -22.44 1.12
C ALA A 75 7.44 -21.33 0.43
N GLY A 76 6.13 -21.48 0.40
CA GLY A 76 5.27 -20.49 -0.23
C GLY A 76 5.34 -19.16 0.51
N ALA A 77 5.44 -19.23 1.83
CA ALA A 77 5.51 -18.02 2.65
C ALA A 77 6.66 -17.13 2.19
N SER A 78 6.49 -15.82 2.33
CA SER A 78 7.52 -14.87 1.93
C SER A 78 8.74 -15.01 2.81
N GLN A 79 9.90 -14.55 2.32
CA GLN A 79 11.13 -14.62 3.09
C GLN A 79 11.99 -13.40 2.81
N PHE A 80 12.74 -12.96 3.83
CA PHE A 80 13.62 -11.80 3.70
C PHE A 80 12.79 -10.53 3.51
N GLU A 81 11.53 -10.69 3.11
CA GLU A 81 10.65 -9.56 2.90
C GLU A 81 10.39 -8.84 4.23
N THR A 82 10.58 -9.55 5.33
CA THR A 82 10.35 -8.97 6.64
C THR A 82 11.30 -7.80 6.89
N SER A 83 12.56 -7.97 6.49
CA SER A 83 13.55 -6.92 6.67
C SER A 83 13.14 -5.66 5.91
N ALA A 84 12.67 -5.84 4.68
CA ALA A 84 12.25 -4.71 3.86
C ALA A 84 11.05 -4.00 4.50
N ALA A 85 10.15 -4.78 5.09
CA ALA A 85 8.97 -4.22 5.73
C ALA A 85 9.37 -3.25 6.85
N LYS A 86 10.50 -3.55 7.50
CA LYS A 86 10.98 -2.71 8.57
C LYS A 86 11.28 -1.29 8.08
N LEU A 87 11.95 -1.22 6.93
CA LEU A 87 12.30 0.08 6.35
C LEU A 87 11.04 0.85 5.99
N LYS A 88 10.07 0.15 5.41
CA LYS A 88 8.82 0.79 5.01
C LYS A 88 8.09 1.35 6.24
N ARG A 89 8.06 0.55 7.31
CA ARG A 89 7.40 0.98 8.53
C ARG A 89 8.11 2.18 9.14
N LYS A 90 9.42 2.17 9.07
CA LYS A 90 10.21 3.27 9.61
C LYS A 90 9.91 4.58 8.90
N TYR A 91 9.81 4.51 7.57
CA TYR A 91 9.52 5.69 6.77
C TYR A 91 8.03 5.97 6.76
N TRP A 92 7.68 7.23 7.06
CA TRP A 92 6.27 7.61 7.09
C TRP A 92 5.44 6.61 7.89
N TRP A 93 5.13 6.95 9.13
CA TRP A 93 4.34 6.07 9.98
C TRP A 93 2.85 6.23 9.69
N LYS A 94 2.14 5.12 9.61
CA LYS A 94 0.70 5.15 9.33
C LYS A 94 -0.10 5.08 10.63
N ASN A 95 -1.20 5.81 10.67
CA ASN A 95 -2.05 5.84 11.86
C ASN A 95 -3.15 4.79 11.75
N LEU A 96 -3.22 4.12 10.60
CA LEU A 96 -4.23 3.11 10.37
C LEU A 96 -4.05 1.95 11.36
N LYS A 97 -2.81 1.57 11.60
CA LYS A 97 -2.51 0.48 12.52
C LYS A 97 -3.00 0.83 13.93
N MET A 98 -2.80 2.07 14.33
CA MET A 98 -3.21 2.52 15.65
C MET A 98 -4.72 2.42 15.80
N MET A 99 -5.43 2.70 14.71
CA MET A 99 -6.89 2.66 14.73
C MET A 99 -7.37 1.26 15.11
N ILE A 100 -6.68 0.25 14.60
CA ILE A 100 -7.05 -1.14 14.88
C ILE A 100 -6.92 -1.42 16.38
N ILE A 101 -5.84 -0.95 16.97
CA ILE A 101 -5.61 -1.16 18.39
C ILE A 101 -6.68 -0.47 19.22
N LEU A 102 -7.01 0.75 18.84
CA LEU A 102 -8.01 1.51 19.56
C LEU A 102 -9.36 0.81 19.51
N GLY A 103 -9.68 0.24 18.36
CA GLY A 103 -10.95 -0.45 18.20
C GLY A 103 -11.08 -1.60 19.18
N VAL A 104 -9.95 -2.24 19.50
CA VAL A 104 -9.97 -3.35 20.44
C VAL A 104 -10.47 -2.90 21.81
N ILE A 105 -9.93 -1.80 22.30
CA ILE A 105 -10.33 -1.29 23.60
C ILE A 105 -11.81 -0.91 23.59
N CYS A 106 -12.22 -0.22 22.56
CA CYS A 106 -13.61 0.20 22.44
C CYS A 106 -14.54 -1.01 22.41
N ALA A 107 -14.03 -2.11 21.87
CA ALA A 107 -14.81 -3.33 21.77
C ALA A 107 -15.33 -3.74 23.15
N ILE A 108 -14.45 -3.71 24.14
CA ILE A 108 -14.84 -4.08 25.49
C ILE A 108 -15.91 -3.13 26.02
N ILE A 109 -15.71 -1.83 25.79
CA ILE A 109 -16.66 -0.83 26.27
C ILE A 109 -18.04 -1.10 25.69
N LEU A 110 -18.08 -1.66 24.49
CA LEU A 110 -19.34 -1.97 23.85
C LEU A 110 -19.90 -3.29 24.35
N ILE A 111 -19.04 -4.30 24.45
CA ILE A 111 -19.46 -5.62 24.90
C ILE A 111 -19.94 -5.57 26.35
N ILE A 112 -19.19 -4.85 27.19
CA ILE A 112 -19.55 -4.75 28.60
C ILE A 112 -20.90 -4.05 28.76
N ILE A 113 -21.12 -3.02 27.96
CA ILE A 113 -22.37 -2.28 28.03
C ILE A 113 -23.55 -3.19 27.68
N ILE A 114 -23.39 -3.97 26.63
CA ILE A 114 -24.45 -4.88 26.22
C ILE A 114 -24.69 -5.94 27.28
N VAL A 115 -23.61 -6.48 27.80
CA VAL A 115 -23.70 -7.52 28.83
C VAL A 115 -24.20 -6.92 30.14
N TYR A 116 -23.95 -5.64 30.33
CA TYR A 116 -24.36 -4.97 31.55
C TYR A 116 -25.88 -5.04 31.72
N PHE A 117 -26.59 -4.77 30.64
CA PHE A 117 -28.05 -4.81 30.67
C PHE A 117 -28.54 -6.21 31.00
N SER A 118 -27.84 -7.21 30.48
CA SER A 118 -28.22 -8.59 30.71
C SER A 118 -27.93 -8.99 32.15
N THR A 119 -27.06 -8.24 32.81
CA THR A 119 -26.71 -8.52 34.19
C THR A 119 -27.96 -8.59 35.05
N MET A 4 -37.88 -62.03 113.24
CA MET A 4 -36.94 -61.67 114.34
C MET A 4 -36.96 -60.16 114.54
N SER A 5 -36.80 -59.43 113.44
CA SER A 5 -36.78 -57.96 113.51
C SER A 5 -35.76 -57.49 114.53
N ALA A 6 -34.52 -57.34 114.09
CA ALA A 6 -33.45 -56.88 114.98
C ALA A 6 -32.32 -56.26 114.17
N THR A 7 -31.61 -55.32 114.80
CA THR A 7 -30.49 -54.65 114.13
C THR A 7 -29.24 -55.51 114.21
N ALA A 8 -28.22 -55.14 113.43
CA ALA A 8 -26.96 -55.88 113.42
C ALA A 8 -25.82 -54.98 112.99
N ALA A 9 -24.62 -55.29 113.46
CA ALA A 9 -23.44 -54.49 113.12
C ALA A 9 -22.85 -54.96 111.79
N THR A 10 -21.96 -54.15 111.23
CA THR A 10 -21.33 -54.48 109.96
C THR A 10 -19.90 -53.96 109.93
N VAL A 11 -19.07 -54.58 109.11
CA VAL A 11 -17.66 -54.19 108.99
C VAL A 11 -17.17 -54.37 107.56
N PRO A 12 -17.62 -53.53 106.66
CA PRO A 12 -17.23 -53.62 105.22
C PRO A 12 -15.84 -53.03 104.97
N PRO A 13 -15.27 -53.31 103.82
CA PRO A 13 -13.92 -52.78 103.45
C PRO A 13 -13.84 -51.26 103.63
N ALA A 14 -12.69 -50.80 104.15
CA ALA A 14 -12.49 -49.38 104.37
C ALA A 14 -12.46 -48.63 103.04
N ALA A 15 -11.61 -47.62 102.95
CA ALA A 15 -11.49 -46.82 101.73
C ALA A 15 -10.16 -46.11 101.69
N PRO A 16 -9.09 -46.83 101.43
CA PRO A 16 -7.71 -46.26 101.35
C PRO A 16 -7.61 -45.18 100.28
N ALA A 17 -6.80 -44.16 100.55
CA ALA A 17 -6.61 -43.07 99.59
C ALA A 17 -5.53 -43.44 98.58
N GLY A 18 -5.26 -44.74 98.45
CA GLY A 18 -4.25 -45.20 97.51
C GLY A 18 -4.66 -44.88 96.08
N GLU A 19 -3.95 -43.93 95.46
CA GLU A 19 -4.24 -43.53 94.08
C GLU A 19 -3.03 -43.74 93.20
N GLY A 20 -3.26 -44.22 91.99
CA GLY A 20 -2.18 -44.48 91.04
C GLY A 20 -1.75 -43.19 90.35
N GLY A 21 -0.90 -43.32 89.34
CA GLY A 21 -0.42 -42.15 88.60
C GLY A 21 0.01 -42.54 87.19
N PRO A 22 -0.93 -42.83 86.33
CA PRO A 22 -0.64 -43.23 84.93
C PRO A 22 0.27 -42.22 84.21
N PRO A 23 0.97 -42.65 83.20
CA PRO A 23 1.89 -41.76 82.42
C PRO A 23 1.11 -40.70 81.63
N ALA A 24 1.71 -39.52 81.49
CA ALA A 24 1.07 -38.43 80.76
C ALA A 24 1.93 -37.17 80.84
N PRO A 25 3.05 -37.16 80.17
CA PRO A 25 3.98 -36.00 80.16
C PRO A 25 3.28 -34.70 79.72
N PRO A 26 3.81 -33.57 80.09
CA PRO A 26 3.24 -32.25 79.71
C PRO A 26 3.36 -31.98 78.21
N PRO A 27 2.60 -31.05 77.70
CA PRO A 27 2.63 -30.67 76.26
C PRO A 27 3.98 -30.08 75.85
N ASN A 28 4.70 -29.53 76.83
CA ASN A 28 6.01 -28.95 76.55
C ASN A 28 5.90 -27.84 75.51
N LEU A 29 5.00 -26.90 75.75
CA LEU A 29 4.80 -25.78 74.83
C LEU A 29 6.07 -24.93 74.73
N THR A 30 6.72 -24.72 75.87
CA THR A 30 7.94 -23.93 75.90
C THR A 30 7.68 -22.53 75.35
N SER A 31 8.52 -21.58 75.73
CA SER A 31 8.39 -20.21 75.27
C SER A 31 8.85 -20.08 73.82
N ASN A 32 9.36 -21.17 73.27
CA ASN A 32 9.83 -21.18 71.89
C ASN A 32 10.96 -20.16 71.71
N ARG A 33 12.18 -20.54 72.07
CA ARG A 33 13.32 -19.65 71.95
C ARG A 33 13.62 -19.39 70.48
N ARG A 34 14.05 -18.16 70.18
CA ARG A 34 14.37 -17.76 68.82
C ARG A 34 15.85 -17.95 68.54
N LEU A 35 16.57 -18.48 69.53
CA LEU A 35 18.00 -18.71 69.38
C LEU A 35 18.27 -19.72 68.26
N GLN A 36 17.45 -20.76 68.21
CA GLN A 36 17.61 -21.79 67.19
C GLN A 36 17.43 -21.19 65.80
N GLN A 37 16.45 -20.31 65.66
CA GLN A 37 16.17 -19.68 64.38
C GLN A 37 17.35 -18.81 63.94
N THR A 38 17.92 -18.09 64.90
CA THR A 38 19.05 -17.21 64.62
C THR A 38 18.79 -16.41 63.34
N GLN A 39 19.81 -15.68 62.89
CA GLN A 39 19.69 -14.87 61.69
C GLN A 39 19.92 -15.72 60.45
N ALA A 40 20.40 -16.95 60.65
CA ALA A 40 20.65 -17.85 59.54
C ALA A 40 19.40 -18.02 58.69
N GLN A 41 18.24 -17.83 59.31
CA GLN A 41 16.97 -17.97 58.61
C GLN A 41 16.88 -16.95 57.47
N VAL A 42 17.32 -15.73 57.74
CA VAL A 42 17.29 -14.68 56.73
C VAL A 42 18.19 -15.02 55.56
N ASP A 43 19.39 -15.49 55.88
CA ASP A 43 20.36 -15.86 54.84
C ASP A 43 19.86 -17.05 54.05
N GLU A 44 19.16 -17.96 54.71
CA GLU A 44 18.63 -19.14 54.05
C GLU A 44 17.71 -18.74 52.90
N VAL A 45 17.00 -17.63 53.06
CA VAL A 45 16.10 -17.15 52.04
C VAL A 45 16.87 -16.77 50.78
N VAL A 46 17.99 -16.09 50.96
CA VAL A 46 18.82 -15.67 49.84
C VAL A 46 19.27 -16.89 49.03
N ASP A 47 19.70 -17.93 49.75
CA ASP A 47 20.17 -19.14 49.10
C ASP A 47 19.04 -19.77 48.27
N ILE A 48 17.83 -19.78 48.83
CA ILE A 48 16.70 -20.36 48.12
C ILE A 48 16.39 -19.57 46.85
N MET A 49 16.42 -18.25 46.97
CA MET A 49 16.15 -17.39 45.83
C MET A 49 17.23 -17.53 44.77
N ARG A 50 18.47 -17.68 45.21
CA ARG A 50 19.59 -17.82 44.29
C ARG A 50 19.41 -19.06 43.43
N VAL A 51 18.98 -20.16 44.04
CA VAL A 51 18.78 -21.40 43.33
C VAL A 51 17.70 -21.23 42.25
N ASN A 52 16.61 -20.57 42.62
CA ASN A 52 15.52 -20.34 41.69
C ASN A 52 16.01 -19.58 40.47
N VAL A 53 16.87 -18.59 40.71
CA VAL A 53 17.42 -17.79 39.61
C VAL A 53 18.30 -18.64 38.72
N ASP A 54 19.11 -19.48 39.34
CA ASP A 54 20.03 -20.34 38.61
C ASP A 54 19.27 -21.24 37.63
N LYS A 55 17.95 -21.23 37.74
CA LYS A 55 17.11 -22.04 36.87
C LYS A 55 17.28 -21.61 35.42
N VAL A 56 17.55 -20.32 35.22
CA VAL A 56 17.71 -19.79 33.88
C VAL A 56 18.86 -20.50 33.17
N LEU A 57 19.87 -20.89 33.94
CA LEU A 57 21.02 -21.56 33.37
C LEU A 57 20.63 -22.89 32.75
N GLU A 58 19.72 -23.60 33.41
CA GLU A 58 19.25 -24.90 32.91
C GLU A 58 19.08 -24.86 31.40
N ARG A 59 17.93 -24.41 30.95
CA ARG A 59 17.66 -24.33 29.52
C ARG A 59 18.45 -23.20 28.88
N ASP A 60 17.85 -22.02 28.80
CA ASP A 60 18.50 -20.87 28.21
C ASP A 60 17.94 -19.58 28.77
N GLN A 61 18.51 -18.45 28.36
CA GLN A 61 18.05 -17.16 28.84
C GLN A 61 16.56 -16.99 28.60
N LYS A 62 15.94 -16.09 29.36
CA LYS A 62 14.51 -15.84 29.21
C LYS A 62 14.19 -15.31 27.81
N LEU A 63 15.04 -14.42 27.32
CA LEU A 63 14.82 -13.83 26.00
C LEU A 63 16.14 -13.25 25.46
N SER A 64 17.20 -13.36 26.25
CA SER A 64 18.50 -12.84 25.86
C SER A 64 19.30 -13.90 25.10
N GLU A 65 18.64 -14.54 24.13
CA GLU A 65 19.29 -15.58 23.35
C GLU A 65 20.44 -15.00 22.53
N LEU A 66 20.24 -13.79 22.01
CA LEU A 66 21.25 -13.11 21.21
C LEU A 66 22.21 -12.33 22.10
N ASP A 67 22.33 -12.76 23.34
CA ASP A 67 23.22 -12.08 24.28
C ASP A 67 24.66 -12.15 23.80
N ASP A 68 25.04 -13.29 23.24
CA ASP A 68 26.40 -13.48 22.73
C ASP A 68 26.65 -12.56 21.53
N ARG A 69 25.58 -11.97 21.02
CA ARG A 69 25.70 -11.06 19.87
C ARG A 69 26.28 -11.80 18.67
N ALA A 70 25.49 -12.71 18.10
CA ALA A 70 25.94 -13.48 16.95
C ALA A 70 26.13 -12.57 15.74
N ASP A 71 27.16 -12.86 14.94
CA ASP A 71 27.44 -12.06 13.75
C ASP A 71 26.27 -12.12 12.78
N ALA A 72 25.71 -13.32 12.60
CA ALA A 72 24.59 -13.50 11.69
C ALA A 72 25.05 -13.41 10.23
N LEU A 73 26.33 -13.08 10.04
CA LEU A 73 26.89 -12.95 8.69
C LEU A 73 27.36 -14.31 8.18
N GLN A 74 26.41 -15.09 7.66
CA GLN A 74 26.73 -16.40 7.14
C GLN A 74 25.52 -17.02 6.45
N ALA A 75 24.39 -17.06 7.18
CA ALA A 75 23.17 -17.63 6.63
C ALA A 75 22.68 -16.81 5.44
N GLY A 76 22.81 -15.49 5.55
CA GLY A 76 22.37 -14.61 4.47
C GLY A 76 20.91 -14.84 4.14
N ALA A 77 20.02 -14.22 4.91
CA ALA A 77 18.59 -14.37 4.68
C ALA A 77 18.17 -15.83 4.84
N SER A 78 17.06 -16.05 5.55
CA SER A 78 16.56 -17.39 5.77
C SER A 78 15.08 -17.37 6.12
N GLN A 79 14.41 -18.50 5.95
CA GLN A 79 12.99 -18.61 6.25
C GLN A 79 12.20 -17.58 5.44
N PHE A 80 12.90 -16.81 4.62
CA PHE A 80 12.25 -15.79 3.80
C PHE A 80 11.46 -14.82 4.67
N GLU A 81 11.56 -15.01 5.98
CA GLU A 81 10.85 -14.15 6.92
C GLU A 81 11.14 -12.68 6.63
N THR A 82 12.22 -12.43 5.89
CA THR A 82 12.59 -11.06 5.54
C THR A 82 11.54 -10.43 4.63
N SER A 83 11.01 -11.22 3.71
CA SER A 83 9.99 -10.73 2.79
C SER A 83 8.76 -10.26 3.55
N ALA A 84 8.36 -11.03 4.55
CA ALA A 84 7.19 -10.70 5.35
C ALA A 84 7.41 -9.38 6.10
N ALA A 85 8.68 -9.06 6.35
CA ALA A 85 9.01 -7.84 7.07
C ALA A 85 8.52 -6.63 6.29
N LYS A 86 8.58 -6.72 4.96
CA LYS A 86 8.14 -5.61 4.14
C LYS A 86 6.66 -5.31 4.37
N LEU A 87 5.85 -6.36 4.38
CA LEU A 87 4.42 -6.20 4.60
C LEU A 87 4.15 -5.66 6.00
N LYS A 88 4.90 -6.15 6.97
CA LYS A 88 4.75 -5.69 8.34
C LYS A 88 5.10 -4.22 8.48
N ARG A 89 6.10 -3.79 7.73
CA ARG A 89 6.53 -2.40 7.78
C ARG A 89 5.39 -1.46 7.40
N LYS A 90 4.54 -1.91 6.50
CA LYS A 90 3.42 -1.09 6.07
C LYS A 90 2.52 -0.75 7.25
N TYR A 91 2.26 -1.73 8.11
CA TYR A 91 1.44 -1.50 9.29
C TYR A 91 2.20 -0.70 10.34
N TRP A 92 3.44 -1.09 10.58
CA TRP A 92 4.27 -0.42 11.57
C TRP A 92 4.58 1.02 11.16
N TRP A 93 5.05 1.18 9.93
CA TRP A 93 5.38 2.51 9.41
C TRP A 93 4.15 3.40 9.41
N LYS A 94 3.03 2.84 8.95
CA LYS A 94 1.78 3.60 8.90
C LYS A 94 1.17 3.71 10.29
N ASN A 95 0.41 4.78 10.51
CA ASN A 95 -0.23 5.00 11.80
C ASN A 95 -1.62 4.37 11.81
N LEU A 96 -1.91 3.57 10.79
CA LEU A 96 -3.22 2.93 10.70
C LEU A 96 -3.41 1.98 11.88
N LYS A 97 -2.37 1.25 12.23
CA LYS A 97 -2.43 0.30 13.34
C LYS A 97 -3.10 0.95 14.55
N MET A 98 -2.98 2.26 14.66
CA MET A 98 -3.55 2.98 15.79
C MET A 98 -5.07 2.84 15.79
N MET A 99 -5.67 2.94 14.61
CA MET A 99 -7.12 2.82 14.49
C MET A 99 -7.57 1.42 14.90
N ILE A 100 -6.81 0.42 14.47
CA ILE A 100 -7.15 -0.97 14.79
C ILE A 100 -7.09 -1.20 16.30
N ILE A 101 -6.03 -0.68 16.92
CA ILE A 101 -5.85 -0.84 18.36
C ILE A 101 -6.98 -0.16 19.11
N LEU A 102 -7.33 1.04 18.67
CA LEU A 102 -8.39 1.80 19.32
C LEU A 102 -9.71 1.03 19.25
N GLY A 103 -9.98 0.43 18.09
CA GLY A 103 -11.21 -0.32 17.91
C GLY A 103 -11.29 -1.48 18.88
N VAL A 104 -10.16 -2.09 19.16
CA VAL A 104 -10.12 -3.22 20.08
C VAL A 104 -10.57 -2.80 21.47
N ILE A 105 -10.05 -1.67 21.95
CA ILE A 105 -10.40 -1.17 23.27
C ILE A 105 -11.89 -0.84 23.34
N CYS A 106 -12.35 -0.10 22.34
CA CYS A 106 -13.76 0.29 22.29
C CYS A 106 -14.65 -0.93 22.17
N ALA A 107 -14.17 -1.94 21.44
CA ALA A 107 -14.93 -3.16 21.25
C ALA A 107 -15.20 -3.84 22.59
N ILE A 108 -14.23 -3.76 23.49
CA ILE A 108 -14.38 -4.37 24.82
C ILE A 108 -15.51 -3.70 25.59
N ILE A 109 -15.57 -2.38 25.51
CA ILE A 109 -16.60 -1.63 26.22
C ILE A 109 -17.98 -2.07 25.76
N LEU A 110 -18.12 -2.34 24.47
CA LEU A 110 -19.41 -2.77 23.94
C LEU A 110 -19.88 -4.04 24.64
N ILE A 111 -18.96 -4.98 24.85
CA ILE A 111 -19.31 -6.23 25.51
C ILE A 111 -19.77 -5.97 26.94
N ILE A 112 -19.05 -5.11 27.64
CA ILE A 112 -19.41 -4.80 29.03
C ILE A 112 -20.78 -4.13 29.08
N ILE A 113 -21.02 -3.19 28.17
CA ILE A 113 -22.30 -2.48 28.13
C ILE A 113 -23.43 -3.46 27.84
N ILE A 114 -23.20 -4.36 26.89
CA ILE A 114 -24.23 -5.32 26.52
C ILE A 114 -24.54 -6.25 27.69
N VAL A 115 -23.48 -6.72 28.36
CA VAL A 115 -23.66 -7.61 29.50
C VAL A 115 -24.32 -6.86 30.65
N TYR A 116 -23.86 -5.64 30.89
CA TYR A 116 -24.40 -4.85 31.98
C TYR A 116 -25.90 -4.62 31.79
N PHE A 117 -26.29 -4.29 30.57
CA PHE A 117 -27.69 -4.05 30.25
C PHE A 117 -28.52 -5.29 30.53
N SER A 118 -28.01 -6.43 30.08
CA SER A 118 -28.71 -7.69 30.27
C SER A 118 -28.50 -8.23 31.67
N THR A 119 -27.60 -7.58 32.41
CA THR A 119 -27.28 -7.99 33.80
C THR A 119 -27.41 -9.52 33.97
N MET A 4 -3.83 -36.12 -94.50
CA MET A 4 -3.53 -36.55 -93.10
C MET A 4 -3.23 -38.04 -93.09
N SER A 5 -1.97 -38.38 -92.89
CA SER A 5 -1.57 -39.79 -92.85
C SER A 5 -2.18 -40.49 -91.63
N ALA A 6 -2.62 -41.72 -91.83
CA ALA A 6 -3.23 -42.49 -90.76
C ALA A 6 -2.17 -42.82 -89.69
N THR A 7 -2.59 -42.79 -88.43
CA THR A 7 -1.68 -43.09 -87.33
C THR A 7 -1.97 -44.48 -86.76
N ALA A 8 -0.92 -45.28 -86.64
CA ALA A 8 -1.07 -46.64 -86.11
C ALA A 8 -1.18 -46.61 -84.60
N ALA A 9 -0.12 -47.03 -83.91
CA ALA A 9 -0.11 -47.05 -82.46
C ALA A 9 1.32 -47.01 -81.94
N THR A 10 1.49 -46.47 -80.73
CA THR A 10 2.82 -46.37 -80.12
C THR A 10 2.81 -47.04 -78.75
N VAL A 11 3.76 -47.93 -78.54
CA VAL A 11 3.85 -48.64 -77.27
C VAL A 11 4.56 -47.77 -76.21
N PRO A 12 3.91 -47.44 -75.13
CA PRO A 12 4.51 -46.58 -74.08
C PRO A 12 5.53 -47.35 -73.21
N PRO A 13 6.33 -46.65 -72.44
CA PRO A 13 7.33 -47.29 -71.54
C PRO A 13 6.70 -48.36 -70.64
N ALA A 14 7.42 -49.46 -70.45
CA ALA A 14 6.93 -50.56 -69.62
C ALA A 14 6.76 -50.08 -68.17
N ALA A 15 7.69 -49.25 -67.71
CA ALA A 15 7.65 -48.74 -66.35
C ALA A 15 7.38 -49.88 -65.36
N PRO A 16 8.22 -50.88 -65.35
CA PRO A 16 8.08 -52.05 -64.44
C PRO A 16 8.38 -51.69 -62.99
N ALA A 17 7.80 -52.46 -62.07
CA ALA A 17 8.02 -52.21 -60.64
C ALA A 17 7.51 -50.83 -60.26
N GLY A 18 6.51 -50.80 -59.39
CA GLY A 18 5.94 -49.53 -58.94
C GLY A 18 4.96 -49.75 -57.79
N GLU A 19 4.51 -48.65 -57.19
CA GLU A 19 3.56 -48.74 -56.08
C GLU A 19 2.74 -47.46 -55.99
N GLY A 20 1.41 -47.61 -56.12
CA GLY A 20 0.52 -46.46 -56.04
C GLY A 20 0.18 -46.12 -54.60
N GLY A 21 -0.53 -45.02 -54.40
CA GLY A 21 -0.91 -44.60 -53.06
C GLY A 21 0.27 -44.73 -52.09
N PRO A 22 1.23 -43.85 -52.20
CA PRO A 22 2.43 -43.88 -51.33
C PRO A 22 2.06 -43.91 -49.83
N PRO A 23 2.95 -44.38 -48.99
CA PRO A 23 2.73 -44.44 -47.52
C PRO A 23 2.72 -43.04 -46.89
N ALA A 24 2.10 -42.93 -45.73
CA ALA A 24 2.05 -41.66 -45.02
C ALA A 24 1.19 -40.66 -45.79
N PRO A 25 -0.10 -40.85 -45.79
CA PRO A 25 -1.03 -39.95 -46.52
C PRO A 25 -0.68 -38.47 -46.29
N PRO A 26 -0.12 -37.81 -47.28
CA PRO A 26 0.24 -36.36 -47.19
C PRO A 26 -0.96 -35.51 -46.72
N PRO A 27 -2.15 -35.75 -47.26
CA PRO A 27 -3.35 -34.96 -46.89
C PRO A 27 -3.97 -35.44 -45.58
N ASN A 28 -3.50 -36.57 -45.08
CA ASN A 28 -4.02 -37.12 -43.83
C ASN A 28 -5.54 -37.14 -43.86
N LEU A 29 -6.11 -38.29 -44.18
CA LEU A 29 -7.55 -38.44 -44.24
C LEU A 29 -8.16 -38.21 -42.86
N THR A 30 -7.51 -38.74 -41.82
CA THR A 30 -8.01 -38.59 -40.47
C THR A 30 -7.66 -37.20 -39.94
N SER A 31 -8.68 -36.46 -39.53
CA SER A 31 -8.49 -35.11 -38.99
C SER A 31 -8.51 -35.14 -37.47
N ASN A 32 -8.41 -33.96 -36.86
CA ASN A 32 -8.42 -33.85 -35.40
C ASN A 32 -9.84 -33.77 -34.88
N ARG A 33 -10.77 -34.40 -35.59
CA ARG A 33 -12.17 -34.39 -35.19
C ARG A 33 -12.37 -35.23 -33.93
N ARG A 34 -11.44 -35.12 -32.99
CA ARG A 34 -11.52 -35.86 -31.74
C ARG A 34 -12.38 -35.12 -30.72
N LEU A 35 -13.01 -34.03 -31.16
CA LEU A 35 -13.85 -33.23 -30.28
C LEU A 35 -15.17 -33.97 -30.01
N GLN A 36 -15.12 -35.29 -30.03
CA GLN A 36 -16.31 -36.10 -29.78
C GLN A 36 -16.85 -35.82 -28.38
N GLN A 37 -15.94 -35.50 -27.46
CA GLN A 37 -16.33 -35.23 -26.09
C GLN A 37 -17.29 -34.04 -26.02
N THR A 38 -17.00 -33.01 -26.83
CA THR A 38 -17.83 -31.81 -26.87
C THR A 38 -17.95 -31.19 -25.47
N GLN A 39 -18.67 -31.85 -24.59
CA GLN A 39 -18.86 -31.36 -23.23
C GLN A 39 -17.52 -31.00 -22.61
N ALA A 40 -16.44 -31.48 -23.22
CA ALA A 40 -15.11 -31.19 -22.72
C ALA A 40 -14.78 -29.71 -22.91
N GLN A 41 -15.35 -29.10 -23.94
CA GLN A 41 -15.10 -27.69 -24.22
C GLN A 41 -15.64 -26.81 -23.10
N VAL A 42 -16.91 -26.98 -22.77
CA VAL A 42 -17.54 -26.19 -21.71
C VAL A 42 -16.93 -26.54 -20.37
N ASP A 43 -16.41 -27.75 -20.25
CA ASP A 43 -15.80 -28.20 -18.99
C ASP A 43 -14.60 -27.35 -18.65
N GLU A 44 -13.85 -26.93 -19.67
CA GLU A 44 -12.67 -26.11 -19.46
C GLU A 44 -13.02 -24.84 -18.70
N VAL A 45 -14.28 -24.43 -18.80
CA VAL A 45 -14.73 -23.22 -18.13
C VAL A 45 -14.56 -23.36 -16.61
N VAL A 46 -14.50 -24.60 -16.14
CA VAL A 46 -14.34 -24.85 -14.71
C VAL A 46 -13.02 -24.27 -14.21
N ASP A 47 -11.95 -24.47 -14.98
CA ASP A 47 -10.64 -23.97 -14.59
C ASP A 47 -10.69 -22.45 -14.40
N ILE A 48 -11.37 -21.76 -15.30
CA ILE A 48 -11.49 -20.31 -15.21
C ILE A 48 -12.23 -19.91 -13.93
N MET A 49 -13.31 -20.62 -13.65
CA MET A 49 -14.11 -20.32 -12.46
C MET A 49 -13.27 -20.48 -11.20
N ARG A 50 -12.43 -21.51 -11.17
CA ARG A 50 -11.59 -21.77 -10.02
C ARG A 50 -10.60 -20.62 -9.81
N VAL A 51 -10.07 -20.10 -10.92
CA VAL A 51 -9.11 -19.00 -10.85
C VAL A 51 -9.78 -17.76 -10.28
N ASN A 52 -11.02 -17.51 -10.69
CA ASN A 52 -11.75 -16.34 -10.22
C ASN A 52 -11.83 -16.34 -8.70
N VAL A 53 -12.03 -17.51 -8.11
CA VAL A 53 -12.11 -17.63 -6.66
C VAL A 53 -10.77 -17.27 -6.02
N ASP A 54 -9.70 -17.69 -6.66
CA ASP A 54 -8.36 -17.42 -6.16
C ASP A 54 -8.09 -15.92 -6.09
N LYS A 55 -9.00 -15.13 -6.65
CA LYS A 55 -8.85 -13.69 -6.66
C LYS A 55 -8.90 -13.15 -5.23
N VAL A 56 -9.41 -13.97 -4.32
CA VAL A 56 -9.50 -13.55 -2.93
C VAL A 56 -8.11 -13.35 -2.34
N LEU A 57 -7.20 -14.27 -2.63
CA LEU A 57 -5.84 -14.17 -2.11
C LEU A 57 -5.15 -12.93 -2.65
N GLU A 58 -5.33 -12.68 -3.94
CA GLU A 58 -4.72 -11.53 -4.58
C GLU A 58 -5.39 -11.23 -5.92
N ARG A 59 -5.62 -9.95 -6.18
CA ARG A 59 -6.26 -9.54 -7.42
C ARG A 59 -5.36 -9.86 -8.62
N ASP A 60 -4.06 -9.61 -8.46
CA ASP A 60 -3.11 -9.86 -9.53
C ASP A 60 -3.59 -9.26 -10.84
N GLN A 61 -3.87 -7.95 -10.81
CA GLN A 61 -4.35 -7.26 -12.00
C GLN A 61 -3.35 -7.43 -13.15
N LYS A 62 -3.81 -8.10 -14.21
CA LYS A 62 -2.94 -8.34 -15.36
C LYS A 62 -2.57 -7.02 -16.03
N LEU A 63 -3.56 -6.15 -16.18
CA LEU A 63 -3.33 -4.85 -16.82
C LEU A 63 -3.04 -5.02 -18.30
N SER A 64 -2.65 -6.23 -18.69
CA SER A 64 -2.34 -6.51 -20.09
C SER A 64 -3.55 -6.28 -20.97
N GLU A 65 -4.74 -6.65 -20.46
CA GLU A 65 -5.97 -6.49 -21.22
C GLU A 65 -6.17 -5.02 -21.62
N LEU A 66 -5.97 -4.12 -20.67
CA LEU A 66 -6.14 -2.70 -20.94
C LEU A 66 -5.11 -2.23 -21.97
N ASP A 67 -3.88 -2.71 -21.83
CA ASP A 67 -2.81 -2.33 -22.75
C ASP A 67 -3.02 -3.02 -24.10
N ASP A 68 -2.69 -2.31 -25.18
CA ASP A 68 -2.84 -2.85 -26.53
C ASP A 68 -1.66 -2.43 -27.39
N ARG A 69 -1.95 -1.77 -28.52
CA ARG A 69 -0.92 -1.32 -29.44
C ARG A 69 -0.01 -0.31 -28.74
N ALA A 70 -0.60 0.53 -27.90
CA ALA A 70 0.17 1.54 -27.18
C ALA A 70 1.29 0.89 -26.37
N ASP A 71 2.45 1.54 -26.33
CA ASP A 71 3.59 1.03 -25.59
C ASP A 71 4.51 2.16 -25.17
N ALA A 72 3.94 3.22 -24.65
CA ALA A 72 4.73 4.37 -24.21
C ALA A 72 3.99 5.17 -23.14
N LEU A 73 3.57 4.49 -22.09
CA LEU A 73 2.85 5.12 -21.00
C LEU A 73 3.81 5.81 -20.04
N GLN A 74 3.52 7.07 -19.72
CA GLN A 74 4.36 7.82 -18.82
C GLN A 74 4.39 7.17 -17.43
N ALA A 75 3.23 6.69 -16.98
CA ALA A 75 3.14 6.04 -15.69
C ALA A 75 1.83 5.27 -15.56
N GLY A 76 0.96 5.44 -16.54
CA GLY A 76 -0.34 4.76 -16.53
C GLY A 76 -1.32 5.46 -15.62
N ALA A 77 -0.92 6.62 -15.11
CA ALA A 77 -1.77 7.39 -14.21
C ALA A 77 -2.43 6.48 -13.19
N SER A 78 -1.66 5.53 -12.65
CA SER A 78 -2.20 4.61 -11.66
C SER A 78 -2.62 5.35 -10.41
N GLN A 79 -3.82 5.03 -9.92
CA GLN A 79 -4.36 5.68 -8.72
C GLN A 79 -4.24 4.75 -7.52
N PHE A 80 -4.08 3.45 -7.80
CA PHE A 80 -3.96 2.47 -6.73
C PHE A 80 -2.65 2.65 -5.97
N GLU A 81 -1.59 3.00 -6.69
CA GLU A 81 -0.29 3.21 -6.08
C GLU A 81 -0.37 4.24 -4.95
N THR A 82 -1.41 5.07 -5.00
CA THR A 82 -1.59 6.10 -3.98
C THR A 82 -1.77 5.46 -2.60
N SER A 83 -2.59 4.43 -2.53
CA SER A 83 -2.83 3.74 -1.27
C SER A 83 -1.54 3.14 -0.72
N ALA A 84 -0.77 2.51 -1.61
CA ALA A 84 0.49 1.89 -1.21
C ALA A 84 1.49 2.95 -0.74
N ALA A 85 1.46 4.10 -1.39
CA ALA A 85 2.37 5.18 -1.04
C ALA A 85 2.22 5.55 0.43
N LYS A 86 0.99 5.50 0.92
CA LYS A 86 0.72 5.84 2.31
C LYS A 86 1.45 4.88 3.25
N LEU A 87 1.33 3.59 2.98
CA LEU A 87 1.98 2.58 3.80
C LEU A 87 3.50 2.68 3.65
N LYS A 88 3.95 2.93 2.44
CA LYS A 88 5.37 3.05 2.17
C LYS A 88 5.98 4.19 2.97
N ARG A 89 5.17 5.21 3.25
CA ARG A 89 5.64 6.36 4.01
C ARG A 89 6.17 5.93 5.37
N LYS A 90 5.43 5.05 6.03
CA LYS A 90 5.82 4.57 7.36
C LYS A 90 6.42 3.17 7.25
N TYR A 91 5.73 2.28 6.55
CA TYR A 91 6.21 0.91 6.39
C TYR A 91 6.59 0.31 7.74
N TRP A 92 6.22 1.00 8.81
CA TRP A 92 6.53 0.52 10.16
C TRP A 92 5.50 1.03 11.16
N TRP A 93 5.52 2.34 11.40
CA TRP A 93 4.58 2.94 12.35
C TRP A 93 3.15 2.72 11.90
N LYS A 94 2.87 3.02 10.63
CA LYS A 94 1.52 2.84 10.09
C LYS A 94 0.47 3.47 11.00
N ASN A 95 -0.08 4.60 10.58
CA ASN A 95 -1.09 5.28 11.38
C ASN A 95 -2.33 4.41 11.55
N LEU A 96 -2.50 3.47 10.63
CA LEU A 96 -3.65 2.57 10.68
C LEU A 96 -3.56 1.64 11.89
N LYS A 97 -2.32 1.33 12.29
CA LYS A 97 -2.11 0.44 13.43
C LYS A 97 -2.79 0.99 14.67
N MET A 98 -2.67 2.30 14.87
CA MET A 98 -3.28 2.94 16.03
C MET A 98 -4.80 2.84 15.96
N MET A 99 -5.35 3.02 14.76
CA MET A 99 -6.79 2.95 14.57
C MET A 99 -7.31 1.54 14.91
N ILE A 100 -6.56 0.52 14.47
CA ILE A 100 -6.95 -0.85 14.73
C ILE A 100 -6.95 -1.14 16.23
N ILE A 101 -5.91 -0.67 16.90
CA ILE A 101 -5.79 -0.88 18.34
C ILE A 101 -6.94 -0.19 19.07
N LEU A 102 -7.26 1.02 18.64
CA LEU A 102 -8.34 1.77 19.28
C LEU A 102 -9.66 1.00 19.19
N GLY A 103 -9.90 0.38 18.04
CA GLY A 103 -11.13 -0.37 17.84
C GLY A 103 -11.24 -1.51 18.83
N VAL A 104 -10.10 -2.09 19.20
CA VAL A 104 -10.08 -3.19 20.16
C VAL A 104 -10.57 -2.72 21.52
N ILE A 105 -10.10 -1.57 21.96
CA ILE A 105 -10.48 -1.03 23.27
C ILE A 105 -11.96 -0.73 23.31
N CYS A 106 -12.46 -0.12 22.26
CA CYS A 106 -13.87 0.22 22.18
C CYS A 106 -14.73 -1.04 22.18
N ALA A 107 -14.30 -2.02 21.40
CA ALA A 107 -15.05 -3.28 21.30
C ALA A 107 -15.30 -3.87 22.68
N ILE A 108 -14.32 -3.70 23.57
CA ILE A 108 -14.45 -4.22 24.92
C ILE A 108 -15.60 -3.53 25.66
N ILE A 109 -15.72 -2.23 25.46
CA ILE A 109 -16.78 -1.46 26.12
C ILE A 109 -18.15 -1.93 25.63
N LEU A 110 -18.28 -2.16 24.34
CA LEU A 110 -19.56 -2.57 23.75
C LEU A 110 -20.07 -3.86 24.38
N ILE A 111 -19.21 -4.86 24.47
CA ILE A 111 -19.60 -6.13 25.05
C ILE A 111 -19.94 -5.97 26.52
N ILE A 112 -19.16 -5.13 27.21
CA ILE A 112 -19.41 -4.88 28.63
C ILE A 112 -20.77 -4.23 28.84
N ILE A 113 -21.09 -3.26 27.99
CA ILE A 113 -22.36 -2.56 28.11
C ILE A 113 -23.52 -3.53 27.87
N ILE A 114 -23.37 -4.38 26.87
CA ILE A 114 -24.42 -5.34 26.55
C ILE A 114 -24.65 -6.29 27.73
N VAL A 115 -23.56 -6.77 28.31
CA VAL A 115 -23.65 -7.69 29.43
C VAL A 115 -24.22 -6.97 30.65
N TYR A 116 -23.74 -5.75 30.88
CA TYR A 116 -24.18 -4.97 32.02
C TYR A 116 -25.68 -4.72 31.95
N PHE A 117 -26.16 -4.42 30.75
CA PHE A 117 -27.57 -4.15 30.55
C PHE A 117 -28.42 -5.36 30.94
N SER A 118 -27.96 -6.54 30.53
CA SER A 118 -28.68 -7.77 30.83
C SER A 118 -28.58 -8.09 32.31
N THR A 119 -27.45 -7.74 32.91
CA THR A 119 -27.22 -7.98 34.32
C THR A 119 -28.43 -7.55 35.14
N MET A 4 -14.11 -78.66 -53.34
CA MET A 4 -12.79 -79.22 -53.74
C MET A 4 -12.67 -79.21 -55.25
N SER A 5 -13.81 -79.24 -55.93
CA SER A 5 -13.82 -79.23 -57.39
C SER A 5 -13.16 -77.97 -57.93
N ALA A 6 -13.47 -76.84 -57.30
CA ALA A 6 -12.89 -75.57 -57.72
C ALA A 6 -11.38 -75.61 -57.63
N THR A 7 -10.77 -74.48 -57.25
CA THR A 7 -9.32 -74.39 -57.12
C THR A 7 -8.94 -73.66 -55.84
N ALA A 8 -7.73 -73.92 -55.36
CA ALA A 8 -7.25 -73.27 -54.14
C ALA A 8 -7.01 -71.78 -54.38
N ALA A 9 -7.33 -70.97 -53.38
CA ALA A 9 -7.13 -69.53 -53.50
C ALA A 9 -7.03 -68.89 -52.12
N THR A 10 -6.03 -68.04 -51.93
CA THR A 10 -5.82 -67.36 -50.65
C THR A 10 -5.71 -65.86 -50.85
N VAL A 11 -6.49 -65.11 -50.09
CA VAL A 11 -6.49 -63.65 -50.20
C VAL A 11 -5.10 -63.10 -49.91
N PRO A 12 -4.74 -61.98 -50.49
CA PRO A 12 -3.41 -61.35 -50.27
C PRO A 12 -3.23 -60.86 -48.82
N PRO A 13 -2.01 -60.51 -48.44
CA PRO A 13 -1.73 -60.00 -47.06
C PRO A 13 -2.65 -58.82 -46.69
N ALA A 14 -3.09 -58.81 -45.43
CA ALA A 14 -3.96 -57.73 -44.94
C ALA A 14 -3.25 -56.39 -45.00
N ALA A 15 -1.97 -56.41 -44.67
CA ALA A 15 -1.15 -55.20 -44.69
C ALA A 15 -1.71 -54.17 -43.69
N PRO A 16 -1.07 -53.03 -43.56
CA PRO A 16 -1.54 -51.95 -42.64
C PRO A 16 -2.93 -51.45 -42.99
N ALA A 17 -3.71 -51.11 -41.97
CA ALA A 17 -5.07 -50.61 -42.19
C ALA A 17 -5.03 -49.19 -42.74
N GLY A 18 -5.92 -48.90 -43.67
CA GLY A 18 -5.97 -47.56 -44.28
C GLY A 18 -7.00 -46.69 -43.57
N GLU A 19 -6.53 -45.84 -42.66
CA GLU A 19 -7.41 -44.96 -41.91
C GLU A 19 -6.66 -43.72 -41.43
N GLY A 20 -7.30 -42.56 -41.52
CA GLY A 20 -6.67 -41.32 -41.10
C GLY A 20 -7.39 -40.12 -41.71
N GLY A 21 -6.85 -38.94 -41.48
CA GLY A 21 -7.44 -37.72 -42.02
C GLY A 21 -6.51 -36.52 -41.79
N PRO A 22 -5.44 -36.45 -42.54
CA PRO A 22 -4.45 -35.34 -42.41
C PRO A 22 -5.08 -33.97 -42.69
N PRO A 23 -4.28 -32.94 -42.73
CA PRO A 23 -4.77 -31.54 -43.01
C PRO A 23 -5.42 -31.43 -44.39
N ALA A 24 -6.43 -30.58 -44.49
CA ALA A 24 -7.12 -30.37 -45.76
C ALA A 24 -7.87 -29.04 -45.74
N PRO A 25 -7.17 -27.97 -45.47
CA PRO A 25 -7.77 -26.61 -45.42
C PRO A 25 -8.24 -26.12 -46.80
N PRO A 26 -9.12 -25.14 -46.83
CA PRO A 26 -9.66 -24.59 -48.11
C PRO A 26 -8.56 -23.88 -48.94
N PRO A 27 -8.27 -24.32 -50.15
CA PRO A 27 -7.23 -23.68 -51.01
C PRO A 27 -7.41 -22.15 -51.09
N ASN A 28 -8.66 -21.72 -51.18
CA ASN A 28 -8.96 -20.28 -51.27
C ASN A 28 -9.07 -19.68 -49.88
N LEU A 29 -8.27 -18.65 -49.62
CA LEU A 29 -8.29 -17.98 -48.31
C LEU A 29 -8.97 -16.63 -48.42
N THR A 30 -9.99 -16.42 -47.58
CA THR A 30 -10.72 -15.16 -47.59
C THR A 30 -10.01 -14.12 -46.73
N SER A 31 -10.44 -12.87 -46.84
CA SER A 31 -9.85 -11.79 -46.07
C SER A 31 -9.97 -12.06 -44.57
N ASN A 32 -11.12 -12.59 -44.17
CA ASN A 32 -11.36 -12.90 -42.76
C ASN A 32 -11.22 -11.64 -41.91
N ARG A 33 -12.30 -11.24 -41.25
CA ARG A 33 -12.29 -10.06 -40.41
C ARG A 33 -11.78 -8.85 -41.19
N ARG A 34 -12.56 -8.41 -42.17
CA ARG A 34 -12.18 -7.26 -42.98
C ARG A 34 -12.09 -6.00 -42.14
N LEU A 35 -12.99 -5.87 -41.17
CA LEU A 35 -13.03 -4.70 -40.31
C LEU A 35 -11.89 -4.78 -39.27
N GLN A 36 -10.88 -5.57 -39.57
CA GLN A 36 -9.75 -5.72 -38.66
C GLN A 36 -9.13 -4.37 -38.35
N GLN A 37 -9.56 -3.34 -39.09
CA GLN A 37 -9.03 -2.00 -38.91
C GLN A 37 -9.33 -1.50 -37.49
N THR A 38 -10.42 -2.01 -36.91
CA THR A 38 -10.81 -1.59 -35.57
C THR A 38 -9.74 -1.97 -34.55
N GLN A 39 -9.23 -3.20 -34.67
CA GLN A 39 -8.20 -3.67 -33.74
C GLN A 39 -6.93 -2.83 -33.87
N ALA A 40 -6.67 -2.35 -35.09
CA ALA A 40 -5.50 -1.53 -35.34
C ALA A 40 -5.52 -0.28 -34.48
N GLN A 41 -6.72 0.17 -34.12
CA GLN A 41 -6.88 1.37 -33.31
C GLN A 41 -6.23 1.15 -31.94
N VAL A 42 -6.15 -0.10 -31.51
CA VAL A 42 -5.55 -0.42 -30.22
C VAL A 42 -4.08 -0.04 -30.20
N ASP A 43 -3.46 -0.01 -31.38
CA ASP A 43 -2.05 0.35 -31.49
C ASP A 43 -1.88 1.87 -31.48
N GLU A 44 -2.96 2.58 -31.82
CA GLU A 44 -2.92 4.04 -31.85
C GLU A 44 -2.83 4.62 -30.44
N VAL A 45 -3.57 4.03 -29.51
CA VAL A 45 -3.57 4.49 -28.14
C VAL A 45 -2.21 4.28 -27.49
N VAL A 46 -1.43 3.37 -28.06
CA VAL A 46 -0.10 3.06 -27.52
C VAL A 46 0.79 4.31 -27.58
N ASP A 47 0.73 5.02 -28.70
CA ASP A 47 1.54 6.22 -28.87
C ASP A 47 1.19 7.26 -27.80
N ILE A 48 -0.10 7.38 -27.48
CA ILE A 48 -0.54 8.34 -26.47
C ILE A 48 0.02 7.96 -25.11
N MET A 49 -0.04 6.67 -24.78
CA MET A 49 0.45 6.20 -23.49
C MET A 49 1.96 6.45 -23.38
N ARG A 50 2.67 6.26 -24.47
CA ARG A 50 4.12 6.46 -24.47
C ARG A 50 4.45 7.89 -24.07
N VAL A 51 3.70 8.85 -24.60
CA VAL A 51 3.93 10.25 -24.26
C VAL A 51 3.70 10.51 -22.78
N ASN A 52 2.63 9.93 -22.25
CA ASN A 52 2.30 10.11 -20.84
C ASN A 52 3.44 9.55 -19.97
N VAL A 53 3.97 8.41 -20.37
CA VAL A 53 5.06 7.78 -19.63
C VAL A 53 6.32 8.61 -19.73
N ASP A 54 6.58 9.13 -20.92
CA ASP A 54 7.78 9.93 -21.16
C ASP A 54 7.86 11.08 -20.16
N LYS A 55 6.79 11.28 -19.40
CA LYS A 55 6.76 12.35 -18.40
C LYS A 55 7.60 11.97 -17.19
N VAL A 56 7.95 10.69 -17.10
CA VAL A 56 8.76 10.20 -15.99
C VAL A 56 10.13 10.85 -15.99
N LEU A 57 10.44 11.58 -17.05
CA LEU A 57 11.72 12.27 -17.17
C LEU A 57 11.77 13.46 -16.20
N GLU A 58 11.01 13.38 -15.12
CA GLU A 58 11.00 14.44 -14.14
C GLU A 58 12.42 14.89 -13.81
N ARG A 59 12.56 16.13 -13.35
CA ARG A 59 13.87 16.67 -13.01
C ARG A 59 13.81 17.39 -11.67
N ASP A 60 14.95 17.44 -10.98
CA ASP A 60 15.01 18.09 -9.67
C ASP A 60 15.10 19.60 -9.84
N GLN A 61 14.01 20.29 -9.50
CA GLN A 61 13.97 21.74 -9.61
C GLN A 61 14.64 22.39 -8.41
N LYS A 62 15.35 23.49 -8.67
CA LYS A 62 16.04 24.20 -7.60
C LYS A 62 15.03 24.73 -6.58
N LEU A 63 13.94 25.29 -7.08
CA LEU A 63 12.91 25.82 -6.20
C LEU A 63 11.58 25.96 -6.95
N SER A 64 11.51 26.95 -7.84
CA SER A 64 10.29 27.18 -8.60
C SER A 64 9.05 27.03 -7.73
N GLU A 65 8.81 28.03 -6.89
CA GLU A 65 7.65 28.01 -6.01
C GLU A 65 7.49 29.36 -5.31
N LEU A 66 6.78 30.28 -5.96
CA LEU A 66 6.54 31.60 -5.40
C LEU A 66 7.81 32.14 -4.75
N ASP A 67 8.73 32.62 -5.59
CA ASP A 67 9.99 33.16 -5.09
C ASP A 67 9.74 34.36 -4.16
N ASP A 68 8.95 35.32 -4.65
CA ASP A 68 8.64 36.50 -3.86
C ASP A 68 7.23 37.01 -4.18
N ARG A 69 6.50 36.23 -4.97
CA ARG A 69 5.14 36.60 -5.34
C ARG A 69 4.25 36.67 -4.11
N ALA A 70 4.39 35.68 -3.23
CA ALA A 70 3.59 35.64 -2.01
C ALA A 70 4.07 36.69 -1.01
N ASP A 71 5.24 37.25 -1.26
CA ASP A 71 5.82 38.25 -0.39
C ASP A 71 5.98 37.70 1.02
N ALA A 72 6.31 36.42 1.12
CA ALA A 72 6.49 35.78 2.41
C ALA A 72 7.23 34.45 2.25
N LEU A 73 8.40 34.36 2.89
CA LEU A 73 9.22 33.15 2.81
C LEU A 73 8.85 32.19 3.94
N GLN A 74 7.96 32.63 4.81
CA GLN A 74 7.53 31.81 5.93
C GLN A 74 8.74 31.33 6.73
N ALA A 75 8.50 30.50 7.75
CA ALA A 75 9.57 29.97 8.58
C ALA A 75 9.20 28.59 9.12
N GLY A 76 10.22 27.76 9.37
CA GLY A 76 9.99 26.42 9.89
C GLY A 76 11.29 25.63 9.96
N ALA A 77 11.61 24.94 8.88
CA ALA A 77 12.83 24.14 8.83
C ALA A 77 12.85 23.13 9.97
N SER A 78 12.43 21.91 9.69
CA SER A 78 12.41 20.85 10.69
C SER A 78 12.50 19.47 10.04
N GLN A 79 13.73 19.01 9.83
CA GLN A 79 13.95 17.71 9.21
C GLN A 79 13.82 16.60 10.24
N PHE A 80 13.74 16.99 11.51
CA PHE A 80 13.61 16.01 12.58
C PHE A 80 12.33 15.19 12.42
N GLU A 81 11.23 15.89 12.14
CA GLU A 81 9.95 15.22 11.96
C GLU A 81 10.00 14.25 10.78
N THR A 82 10.59 14.70 9.67
CA THR A 82 10.70 13.87 8.48
C THR A 82 11.65 12.69 8.73
N SER A 83 12.68 12.94 9.55
CA SER A 83 13.65 11.90 9.86
C SER A 83 12.98 10.73 10.57
N ALA A 84 12.11 11.05 11.52
CA ALA A 84 11.40 10.03 12.27
C ALA A 84 10.51 9.20 11.36
N ALA A 85 9.88 9.85 10.38
CA ALA A 85 9.01 9.17 9.44
C ALA A 85 9.79 8.16 8.62
N LYS A 86 11.00 8.52 8.23
CA LYS A 86 11.83 7.64 7.43
C LYS A 86 12.19 6.39 8.23
N LEU A 87 12.49 6.57 9.50
CA LEU A 87 12.84 5.44 10.36
C LEU A 87 11.67 4.48 10.46
N LYS A 88 10.47 5.03 10.64
CA LYS A 88 9.29 4.20 10.76
C LYS A 88 9.04 3.41 9.48
N ARG A 89 9.22 4.07 8.34
CA ARG A 89 9.02 3.43 7.05
C ARG A 89 9.98 2.26 6.87
N LYS A 90 11.18 2.41 7.42
CA LYS A 90 12.19 1.37 7.30
C LYS A 90 11.64 0.02 7.78
N TYR A 91 10.95 0.04 8.91
CA TYR A 91 10.38 -1.19 9.46
C TYR A 91 9.37 -1.79 8.48
N TRP A 92 8.29 -1.07 8.22
CA TRP A 92 7.26 -1.54 7.30
C TRP A 92 6.45 -0.37 6.76
N TRP A 93 5.17 -0.31 7.15
CA TRP A 93 4.29 0.75 6.70
C TRP A 93 3.14 0.95 7.68
N LYS A 94 3.47 1.46 8.87
CA LYS A 94 2.46 1.70 9.89
C LYS A 94 1.70 2.99 9.61
N ASN A 95 0.40 2.98 9.89
CA ASN A 95 -0.42 4.16 9.67
C ASN A 95 -1.79 3.99 10.31
N LEU A 96 -2.66 3.24 9.66
CA LEU A 96 -4.01 3.01 10.17
C LEU A 96 -4.02 1.86 11.16
N LYS A 97 -2.86 1.22 11.32
CA LYS A 97 -2.73 0.09 12.24
C LYS A 97 -3.00 0.56 13.67
N MET A 98 -2.53 1.75 14.00
CA MET A 98 -2.72 2.29 15.34
C MET A 98 -4.21 2.47 15.64
N MET A 99 -4.96 2.90 14.62
CA MET A 99 -6.39 3.11 14.79
C MET A 99 -7.08 1.81 15.19
N ILE A 100 -6.59 0.70 14.65
CA ILE A 100 -7.17 -0.61 14.95
C ILE A 100 -7.03 -0.92 16.44
N ILE A 101 -5.86 -0.60 17.00
CA ILE A 101 -5.62 -0.88 18.42
C ILE A 101 -6.67 -0.20 19.29
N LEU A 102 -6.95 1.07 19.01
CA LEU A 102 -7.95 1.81 19.78
C LEU A 102 -9.32 1.18 19.58
N GLY A 103 -9.62 0.78 18.35
CA GLY A 103 -10.91 0.17 18.04
C GLY A 103 -11.11 -1.11 18.85
N VAL A 104 -10.04 -1.86 19.04
CA VAL A 104 -10.12 -3.12 19.79
C VAL A 104 -10.51 -2.85 21.24
N ILE A 105 -9.85 -1.88 21.87
CA ILE A 105 -10.13 -1.54 23.26
C ILE A 105 -11.55 -1.05 23.43
N CYS A 106 -11.95 -0.14 22.56
CA CYS A 106 -13.30 0.42 22.61
C CYS A 106 -14.34 -0.69 22.49
N ALA A 107 -14.02 -1.69 21.67
CA ALA A 107 -14.93 -2.80 21.47
C ALA A 107 -15.23 -3.51 22.79
N ILE A 108 -14.22 -3.54 23.67
CA ILE A 108 -14.38 -4.21 24.95
C ILE A 108 -15.45 -3.50 25.78
N ILE A 109 -15.42 -2.16 25.77
CA ILE A 109 -16.38 -1.37 26.52
C ILE A 109 -17.81 -1.75 26.11
N LEU A 110 -17.99 -2.01 24.82
CA LEU A 110 -19.31 -2.38 24.30
C LEU A 110 -19.80 -3.67 24.96
N ILE A 111 -18.87 -4.59 25.21
CA ILE A 111 -19.22 -5.87 25.82
C ILE A 111 -19.90 -5.64 27.17
N ILE A 112 -19.38 -4.68 27.94
CA ILE A 112 -19.95 -4.38 29.24
C ILE A 112 -21.40 -3.93 29.09
N ILE A 113 -21.66 -3.12 28.07
CA ILE A 113 -23.01 -2.61 27.86
C ILE A 113 -23.99 -3.76 27.61
N ILE A 114 -23.58 -4.71 26.78
CA ILE A 114 -24.43 -5.86 26.49
C ILE A 114 -24.68 -6.70 27.74
N VAL A 115 -23.62 -6.99 28.46
CA VAL A 115 -23.72 -7.77 29.69
C VAL A 115 -24.50 -7.01 30.74
N TYR A 116 -24.19 -5.72 30.87
CA TYR A 116 -24.86 -4.88 31.85
C TYR A 116 -26.36 -4.84 31.59
N PHE A 117 -26.73 -4.69 30.33
CA PHE A 117 -28.13 -4.63 29.95
C PHE A 117 -28.85 -5.91 30.34
N SER A 118 -28.21 -7.03 30.07
CA SER A 118 -28.79 -8.33 30.39
C SER A 118 -28.80 -8.56 31.89
N THR A 119 -27.93 -7.85 32.59
CA THR A 119 -27.85 -7.98 34.03
C THR A 119 -29.15 -7.57 34.69
N MET A 4 37.77 20.18 37.77
CA MET A 4 39.05 19.83 37.10
C MET A 4 39.81 18.81 37.96
N SER A 5 39.66 17.54 37.62
CA SER A 5 40.33 16.48 38.37
C SER A 5 41.84 16.56 38.17
N ALA A 6 42.26 17.26 37.11
CA ALA A 6 43.68 17.40 36.82
C ALA A 6 43.93 18.68 36.01
N THR A 7 45.14 19.22 36.13
CA THR A 7 45.50 20.43 35.40
C THR A 7 45.87 20.10 33.97
N ALA A 8 45.96 21.13 33.13
CA ALA A 8 46.32 20.93 31.73
C ALA A 8 47.57 20.07 31.61
N ALA A 9 47.93 19.72 30.38
CA ALA A 9 49.11 18.90 30.14
C ALA A 9 49.06 17.64 31.00
N THR A 10 47.86 17.08 31.15
CA THR A 10 47.68 15.87 31.94
C THR A 10 48.29 14.67 31.22
N VAL A 11 48.18 14.67 29.90
CA VAL A 11 48.71 13.57 29.10
C VAL A 11 50.10 13.16 29.60
N PRO A 12 50.46 11.92 29.43
CA PRO A 12 51.78 11.40 29.87
C PRO A 12 52.94 12.03 29.08
N PRO A 13 54.14 11.88 29.56
CA PRO A 13 55.36 12.42 28.88
C PRO A 13 55.37 12.08 27.38
N ALA A 14 54.97 10.85 27.06
CA ALA A 14 54.94 10.41 25.67
C ALA A 14 56.35 10.48 25.06
N ALA A 15 56.70 9.44 24.30
CA ALA A 15 58.01 9.39 23.66
C ALA A 15 58.00 8.41 22.50
N PRO A 16 57.38 8.78 21.42
CA PRO A 16 57.29 7.92 20.20
C PRO A 16 58.67 7.58 19.64
N ALA A 17 58.81 6.38 19.09
CA ALA A 17 60.08 5.94 18.52
C ALA A 17 60.20 6.43 17.08
N GLY A 18 61.21 7.26 16.82
CA GLY A 18 61.42 7.79 15.48
C GLY A 18 61.77 6.66 14.51
N GLU A 19 62.57 5.71 14.97
CA GLU A 19 62.97 4.58 14.14
C GLU A 19 61.76 3.69 13.82
N GLY A 20 61.72 3.17 12.60
CA GLY A 20 60.62 2.30 12.19
C GLY A 20 60.79 1.85 10.75
N GLY A 21 61.73 2.48 10.05
CA GLY A 21 61.98 2.13 8.65
C GLY A 21 60.70 2.17 7.84
N PRO A 22 60.73 1.62 6.66
CA PRO A 22 59.55 1.60 5.75
C PRO A 22 58.33 0.96 6.42
N PRO A 23 57.14 1.28 5.96
CA PRO A 23 55.88 0.71 6.53
C PRO A 23 55.75 -0.78 6.25
N ALA A 24 56.49 -1.25 5.25
CA ALA A 24 56.44 -2.67 4.88
C ALA A 24 56.51 -3.54 6.13
N PRO A 25 55.98 -4.74 6.06
CA PRO A 25 55.99 -5.70 7.20
C PRO A 25 57.41 -6.13 7.58
N PRO A 26 57.58 -6.66 8.76
CA PRO A 26 58.90 -7.13 9.24
C PRO A 26 59.47 -8.24 8.37
N PRO A 27 60.73 -8.57 8.55
CA PRO A 27 61.40 -9.65 7.78
C PRO A 27 60.61 -10.97 7.83
N ASN A 28 60.58 -11.67 6.71
CA ASN A 28 59.87 -12.94 6.63
C ASN A 28 60.74 -14.07 7.15
N LEU A 29 60.44 -15.28 6.70
CA LEU A 29 61.19 -16.45 7.12
C LEU A 29 61.04 -16.69 8.61
N THR A 30 60.26 -15.83 9.26
CA THR A 30 60.03 -15.94 10.70
C THR A 30 58.98 -17.00 10.99
N SER A 31 58.87 -17.39 12.25
CA SER A 31 57.90 -18.40 12.65
C SER A 31 56.49 -17.91 12.40
N ASN A 32 55.61 -18.81 11.96
CA ASN A 32 54.22 -18.46 11.67
C ASN A 32 53.35 -18.67 12.92
N ARG A 33 53.99 -18.97 14.04
CA ARG A 33 53.27 -19.18 15.28
C ARG A 33 52.56 -17.92 15.72
N ARG A 34 53.22 -16.78 15.54
CA ARG A 34 52.66 -15.50 15.93
C ARG A 34 51.54 -15.10 14.97
N LEU A 35 50.87 -16.08 14.40
CA LEU A 35 49.79 -15.81 13.46
C LEU A 35 48.68 -15.02 14.13
N GLN A 36 48.73 -14.96 15.47
CA GLN A 36 47.72 -14.23 16.22
C GLN A 36 47.72 -12.75 15.82
N GLN A 37 48.91 -12.19 15.66
CA GLN A 37 49.04 -10.79 15.29
C GLN A 37 48.49 -10.55 13.89
N THR A 38 48.67 -11.54 13.01
CA THR A 38 48.19 -11.43 11.64
C THR A 38 46.67 -11.27 11.60
N GLN A 39 45.97 -12.08 12.40
CA GLN A 39 44.52 -12.01 12.45
C GLN A 39 44.05 -10.65 12.94
N ALA A 40 44.79 -10.09 13.90
CA ALA A 40 44.44 -8.78 14.45
C ALA A 40 44.47 -7.72 13.36
N GLN A 41 45.43 -7.82 12.45
CA GLN A 41 45.54 -6.86 11.37
C GLN A 41 44.32 -6.94 10.45
N VAL A 42 43.85 -8.15 10.20
CA VAL A 42 42.68 -8.34 9.34
C VAL A 42 41.45 -7.68 9.96
N ASP A 43 41.27 -7.88 11.27
CA ASP A 43 40.13 -7.31 11.96
C ASP A 43 40.21 -5.78 11.94
N GLU A 44 41.43 -5.26 12.01
CA GLU A 44 41.62 -3.81 12.00
C GLU A 44 41.08 -3.21 10.71
N VAL A 45 41.14 -3.98 9.64
CA VAL A 45 40.65 -3.50 8.34
C VAL A 45 39.15 -3.24 8.39
N VAL A 46 38.49 -3.81 9.39
CA VAL A 46 37.04 -3.65 9.54
C VAL A 46 36.69 -2.17 9.73
N ASP A 47 37.41 -1.51 10.63
CA ASP A 47 37.16 -0.10 10.91
C ASP A 47 37.55 0.75 9.70
N ILE A 48 38.64 0.37 9.04
CA ILE A 48 39.12 1.11 7.87
C ILE A 48 38.11 1.01 6.74
N MET A 49 37.58 -0.18 6.52
CA MET A 49 36.61 -0.39 5.46
C MET A 49 35.36 0.45 5.71
N ARG A 50 34.95 0.52 6.97
CA ARG A 50 33.76 1.29 7.34
C ARG A 50 33.92 2.75 6.93
N VAL A 51 35.10 3.30 7.19
CA VAL A 51 35.37 4.69 6.85
C VAL A 51 35.28 4.90 5.34
N ASN A 52 35.84 3.97 4.58
CA ASN A 52 35.82 4.07 3.13
C ASN A 52 34.38 4.11 2.63
N VAL A 53 33.53 3.27 3.22
CA VAL A 53 32.14 3.21 2.83
C VAL A 53 31.42 4.51 3.18
N ASP A 54 31.71 5.00 4.38
CA ASP A 54 31.09 6.24 4.85
C ASP A 54 31.59 7.43 4.05
N LYS A 55 32.73 7.25 3.39
CA LYS A 55 33.31 8.32 2.58
C LYS A 55 32.49 8.53 1.31
N VAL A 56 31.88 7.46 0.82
CA VAL A 56 31.07 7.54 -0.39
C VAL A 56 29.85 8.41 -0.16
N LEU A 57 29.39 8.47 1.08
CA LEU A 57 28.22 9.26 1.43
C LEU A 57 28.46 10.74 1.17
N GLU A 58 29.65 11.19 1.53
CA GLU A 58 30.01 12.59 1.33
C GLU A 58 30.51 12.81 -0.10
N ARG A 59 30.89 11.73 -0.76
CA ARG A 59 31.39 11.81 -2.13
C ARG A 59 30.31 12.36 -3.06
N ASP A 60 29.09 11.87 -2.89
CA ASP A 60 27.97 12.31 -3.72
C ASP A 60 27.70 13.79 -3.49
N GLN A 61 27.85 14.24 -2.25
CA GLN A 61 27.60 15.64 -1.91
C GLN A 61 26.35 16.15 -2.60
N LYS A 62 25.23 16.12 -1.88
CA LYS A 62 23.96 16.58 -2.43
C LYS A 62 24.03 18.06 -2.76
N LEU A 63 24.66 18.83 -1.87
CA LEU A 63 24.78 20.27 -2.08
C LEU A 63 25.61 20.55 -3.32
N SER A 64 25.00 20.45 -4.49
CA SER A 64 25.70 20.70 -5.74
C SER A 64 24.81 20.35 -6.93
N GLU A 65 23.88 21.23 -7.26
CA GLU A 65 22.98 21.00 -8.38
C GLU A 65 22.17 22.25 -8.69
N LEU A 66 22.75 23.41 -8.39
CA LEU A 66 22.08 24.68 -8.64
C LEU A 66 20.62 24.61 -8.17
N ASP A 67 20.40 24.99 -6.92
CA ASP A 67 19.05 24.97 -6.36
C ASP A 67 18.25 26.17 -6.86
N ASP A 68 17.08 25.88 -7.43
CA ASP A 68 16.23 26.95 -7.94
C ASP A 68 15.79 27.88 -6.82
N ARG A 69 15.44 27.30 -5.68
CA ARG A 69 15.00 28.09 -4.53
C ARG A 69 15.02 27.24 -3.27
N ALA A 70 14.94 25.93 -3.44
CA ALA A 70 14.93 25.01 -2.29
C ALA A 70 13.71 25.26 -1.41
N ASP A 71 12.97 24.20 -1.13
CA ASP A 71 11.78 24.31 -0.31
C ASP A 71 12.14 24.80 1.09
N ALA A 72 13.25 24.28 1.63
CA ALA A 72 13.69 24.67 2.97
C ALA A 72 15.17 25.02 2.96
N LEU A 73 15.47 26.28 2.68
CA LEU A 73 16.85 26.74 2.64
C LEU A 73 17.43 26.82 4.05
N GLN A 74 16.58 27.13 5.01
CA GLN A 74 17.01 27.25 6.39
C GLN A 74 17.72 25.98 6.84
N ALA A 75 18.57 26.12 7.86
CA ALA A 75 19.30 24.98 8.38
C ALA A 75 18.40 24.09 9.22
N GLY A 76 18.13 22.88 8.74
CA GLY A 76 17.27 21.95 9.45
C GLY A 76 17.90 21.54 10.78
N ALA A 77 19.21 21.40 10.79
CA ALA A 77 19.92 21.01 12.01
C ALA A 77 19.48 21.88 13.18
N SER A 78 19.98 21.57 14.37
CA SER A 78 19.64 22.32 15.56
C SER A 78 18.21 21.97 16.03
N GLN A 79 17.64 22.85 16.83
CA GLN A 79 16.28 22.63 17.34
C GLN A 79 15.28 22.57 16.18
N PHE A 80 15.57 23.31 15.12
CA PHE A 80 14.70 23.34 13.96
C PHE A 80 14.52 21.93 13.39
N GLU A 81 15.51 21.08 13.60
CA GLU A 81 15.45 19.71 13.11
C GLU A 81 14.21 19.00 13.66
N THR A 82 13.82 19.35 14.87
CA THR A 82 12.65 18.73 15.49
C THR A 82 11.40 18.99 14.66
N SER A 83 11.24 20.22 14.20
CA SER A 83 10.08 20.58 13.39
C SER A 83 10.06 19.78 12.09
N ALA A 84 11.23 19.60 11.50
CA ALA A 84 11.34 18.85 10.25
C ALA A 84 10.95 17.40 10.47
N ALA A 85 11.31 16.86 11.62
CA ALA A 85 10.99 15.47 11.94
C ALA A 85 9.48 15.25 11.94
N LYS A 86 8.74 16.25 12.40
CA LYS A 86 7.29 16.15 12.45
C LYS A 86 6.72 16.00 11.04
N LEU A 87 7.26 16.77 10.10
CA LEU A 87 6.79 16.71 8.72
C LEU A 87 7.03 15.33 8.13
N LYS A 88 8.21 14.77 8.42
CA LYS A 88 8.55 13.45 7.91
C LYS A 88 7.84 12.37 8.71
N ARG A 89 7.37 12.73 9.89
CA ARG A 89 6.68 11.77 10.75
C ARG A 89 5.42 11.24 10.05
N LYS A 90 4.64 12.16 9.52
CA LYS A 90 3.41 11.80 8.82
C LYS A 90 3.71 11.00 7.57
N TYR A 91 4.79 11.37 6.89
CA TYR A 91 5.18 10.70 5.66
C TYR A 91 5.35 9.19 5.91
N TRP A 92 6.04 8.85 6.99
CA TRP A 92 6.27 7.45 7.31
C TRP A 92 6.37 7.26 8.83
N TRP A 93 5.35 6.65 9.40
CA TRP A 93 5.32 6.41 10.84
C TRP A 93 4.13 5.53 11.21
N LYS A 94 2.98 6.18 11.45
CA LYS A 94 1.76 5.45 11.82
C LYS A 94 0.56 6.02 11.08
N ASN A 95 -0.41 5.16 10.79
CA ASN A 95 -1.63 5.57 10.07
C ASN A 95 -2.86 4.95 10.71
N LEU A 96 -3.60 4.18 9.93
CA LEU A 96 -4.80 3.54 10.42
C LEU A 96 -4.45 2.34 11.30
N LYS A 97 -3.16 2.05 11.41
CA LYS A 97 -2.70 0.93 12.21
C LYS A 97 -3.08 1.14 13.68
N MET A 98 -2.90 2.36 14.16
CA MET A 98 -3.23 2.70 15.54
C MET A 98 -4.72 2.54 15.80
N MET A 99 -5.51 2.85 14.79
CA MET A 99 -6.97 2.74 14.90
C MET A 99 -7.38 1.30 15.17
N ILE A 100 -6.66 0.36 14.57
CA ILE A 100 -6.98 -1.06 14.76
C ILE A 100 -6.82 -1.45 16.22
N ILE A 101 -5.72 -1.03 16.82
CA ILE A 101 -5.47 -1.35 18.23
C ILE A 101 -6.51 -0.66 19.11
N LEU A 102 -6.78 0.60 18.82
CA LEU A 102 -7.75 1.35 19.60
C LEU A 102 -9.12 0.71 19.52
N GLY A 103 -9.48 0.27 18.32
CA GLY A 103 -10.78 -0.36 18.11
C GLY A 103 -10.98 -1.55 19.04
N VAL A 104 -9.90 -2.30 19.27
CA VAL A 104 -9.96 -3.46 20.14
C VAL A 104 -10.36 -3.04 21.55
N ILE A 105 -9.73 -1.98 22.05
CA ILE A 105 -10.00 -1.50 23.40
C ILE A 105 -11.44 -1.02 23.51
N CYS A 106 -11.85 -0.27 22.51
CA CYS A 106 -13.22 0.27 22.47
C CYS A 106 -14.24 -0.86 22.40
N ALA A 107 -13.91 -1.90 21.64
CA ALA A 107 -14.80 -3.04 21.48
C ALA A 107 -15.09 -3.67 22.84
N ILE A 108 -14.08 -3.68 23.71
CA ILE A 108 -14.25 -4.27 25.03
C ILE A 108 -15.30 -3.49 25.83
N ILE A 109 -15.24 -2.17 25.76
CA ILE A 109 -16.18 -1.32 26.49
C ILE A 109 -17.61 -1.71 26.14
N LEU A 110 -17.83 -2.05 24.88
CA LEU A 110 -19.16 -2.44 24.44
C LEU A 110 -19.63 -3.68 25.18
N ILE A 111 -18.73 -4.64 25.37
CA ILE A 111 -19.07 -5.87 26.07
C ILE A 111 -19.76 -5.57 27.39
N ILE A 112 -19.28 -4.55 28.09
CA ILE A 112 -19.87 -4.17 29.37
C ILE A 112 -21.32 -3.74 29.18
N ILE A 113 -21.57 -2.96 28.12
CA ILE A 113 -22.91 -2.48 27.85
C ILE A 113 -23.86 -3.65 27.60
N ILE A 114 -23.41 -4.62 26.82
CA ILE A 114 -24.23 -5.77 26.50
C ILE A 114 -24.51 -6.59 27.77
N VAL A 115 -23.48 -6.80 28.57
CA VAL A 115 -23.63 -7.57 29.79
C VAL A 115 -24.55 -6.84 30.76
N TYR A 116 -24.32 -5.54 30.90
CA TYR A 116 -25.12 -4.74 31.81
C TYR A 116 -26.57 -4.65 31.32
N PHE A 117 -26.72 -4.55 30.01
CA PHE A 117 -28.05 -4.45 29.42
C PHE A 117 -28.87 -5.69 29.76
N SER A 118 -28.26 -6.85 29.61
CA SER A 118 -28.92 -8.11 29.88
C SER A 118 -29.18 -8.27 31.37
N THR A 119 -28.47 -7.48 32.18
CA THR A 119 -28.62 -7.52 33.64
C THR A 119 -28.98 -8.93 34.11
N MET A 4 0.26 -56.17 -100.62
CA MET A 4 -0.06 -56.85 -99.34
C MET A 4 -1.47 -56.47 -98.90
N SER A 5 -2.39 -57.42 -99.00
CA SER A 5 -3.78 -57.16 -98.62
C SER A 5 -3.89 -56.97 -97.11
N ALA A 6 -4.76 -56.06 -96.70
CA ALA A 6 -4.94 -55.78 -95.27
C ALA A 6 -5.58 -56.98 -94.58
N THR A 7 -5.13 -57.26 -93.36
CA THR A 7 -5.68 -58.38 -92.60
C THR A 7 -6.96 -57.99 -91.90
N ALA A 8 -7.70 -58.98 -91.41
CA ALA A 8 -8.96 -58.72 -90.72
C ALA A 8 -9.93 -57.98 -91.63
N ALA A 9 -11.22 -58.20 -91.41
CA ALA A 9 -12.24 -57.55 -92.23
C ALA A 9 -12.17 -56.03 -92.07
N THR A 10 -11.71 -55.58 -90.90
CA THR A 10 -11.60 -54.14 -90.63
C THR A 10 -10.38 -53.87 -89.76
N VAL A 11 -9.86 -52.64 -89.86
CA VAL A 11 -8.70 -52.26 -89.08
C VAL A 11 -9.05 -52.13 -87.60
N PRO A 12 -8.11 -52.38 -86.73
CA PRO A 12 -8.34 -52.28 -85.27
C PRO A 12 -8.59 -50.84 -84.81
N PRO A 13 -9.09 -50.67 -83.60
CA PRO A 13 -9.36 -49.32 -83.04
C PRO A 13 -8.15 -48.39 -83.17
N ALA A 14 -8.42 -47.12 -83.46
CA ALA A 14 -7.36 -46.12 -83.62
C ALA A 14 -7.59 -44.94 -82.68
N ALA A 15 -6.50 -44.28 -82.30
CA ALA A 15 -6.60 -43.13 -81.40
C ALA A 15 -5.40 -42.22 -81.59
N PRO A 16 -5.36 -41.50 -82.68
CA PRO A 16 -4.25 -40.55 -82.99
C PRO A 16 -4.11 -39.45 -81.93
N ALA A 17 -2.87 -39.05 -81.68
CA ALA A 17 -2.62 -38.01 -80.69
C ALA A 17 -3.24 -36.69 -81.12
N GLY A 18 -3.19 -36.42 -82.41
CA GLY A 18 -3.76 -35.18 -82.95
C GLY A 18 -5.29 -35.20 -82.84
N GLU A 19 -5.82 -34.47 -81.88
CA GLU A 19 -7.27 -34.42 -81.68
C GLU A 19 -7.92 -33.52 -82.75
N GLY A 20 -7.85 -32.22 -82.54
CA GLY A 20 -8.43 -31.27 -83.48
C GLY A 20 -8.56 -29.90 -82.86
N GLY A 21 -9.40 -29.05 -83.44
CA GLY A 21 -9.61 -27.69 -82.93
C GLY A 21 -11.06 -27.26 -83.17
N PRO A 22 -11.97 -27.81 -82.43
CA PRO A 22 -13.42 -27.47 -82.56
C PRO A 22 -13.68 -25.98 -82.35
N PRO A 23 -14.79 -25.48 -82.84
CA PRO A 23 -15.16 -24.04 -82.69
C PRO A 23 -15.58 -23.70 -81.25
N ALA A 24 -14.77 -24.13 -80.29
CA ALA A 24 -15.06 -23.86 -78.89
C ALA A 24 -13.84 -24.12 -78.03
N PRO A 25 -12.72 -23.57 -78.40
CA PRO A 25 -11.44 -23.74 -77.66
C PRO A 25 -11.50 -23.16 -76.25
N PRO A 26 -10.58 -23.53 -75.40
CA PRO A 26 -10.54 -23.04 -74.00
C PRO A 26 -10.87 -21.55 -73.89
N PRO A 27 -11.33 -21.11 -72.75
CA PRO A 27 -11.67 -19.68 -72.52
C PRO A 27 -10.43 -18.79 -72.51
N ASN A 28 -9.31 -19.32 -72.98
CA ASN A 28 -8.07 -18.56 -73.01
C ASN A 28 -7.69 -18.08 -71.62
N LEU A 29 -7.07 -18.97 -70.84
CA LEU A 29 -6.66 -18.64 -69.49
C LEU A 29 -5.43 -17.75 -69.50
N THR A 30 -5.08 -17.20 -68.34
CA THR A 30 -3.92 -16.32 -68.24
C THR A 30 -4.00 -15.19 -69.26
N SER A 31 -2.98 -14.34 -69.28
CA SER A 31 -2.95 -13.22 -70.22
C SER A 31 -1.51 -12.79 -70.49
N ASN A 32 -1.33 -12.04 -71.58
CA ASN A 32 0.01 -11.58 -71.95
C ASN A 32 0.58 -10.67 -70.86
N ARG A 33 -0.28 -9.81 -70.31
CA ARG A 33 0.15 -8.89 -69.26
C ARG A 33 -0.98 -8.65 -68.26
N ARG A 34 -0.63 -8.58 -66.98
CA ARG A 34 -1.62 -8.35 -65.93
C ARG A 34 -2.22 -6.95 -66.06
N LEU A 35 -1.48 -6.05 -66.69
CA LEU A 35 -1.94 -4.68 -66.87
C LEU A 35 -2.99 -4.60 -67.97
N GLN A 36 -3.34 -5.75 -68.52
CA GLN A 36 -4.34 -5.80 -69.59
C GLN A 36 -5.65 -5.18 -69.11
N GLN A 37 -6.03 -5.51 -67.88
CA GLN A 37 -7.26 -4.99 -67.31
C GLN A 37 -7.21 -3.48 -67.16
N THR A 38 -6.04 -2.97 -66.76
CA THR A 38 -5.83 -1.54 -66.55
C THR A 38 -6.74 -1.02 -65.44
N GLN A 39 -7.93 -1.60 -65.32
CA GLN A 39 -8.89 -1.18 -64.30
C GLN A 39 -8.25 -1.28 -62.91
N ALA A 40 -7.13 -1.99 -62.83
CA ALA A 40 -6.44 -2.15 -61.56
C ALA A 40 -5.99 -0.80 -61.01
N GLN A 41 -5.60 0.10 -61.91
CA GLN A 41 -5.15 1.42 -61.51
C GLN A 41 -6.10 2.03 -60.48
N VAL A 42 -7.33 1.51 -60.44
CA VAL A 42 -8.32 2.00 -59.50
C VAL A 42 -7.83 1.85 -58.06
N ASP A 43 -7.03 0.82 -57.83
CA ASP A 43 -6.49 0.59 -56.50
C ASP A 43 -5.57 1.73 -56.07
N GLU A 44 -4.78 2.24 -57.01
CA GLU A 44 -3.86 3.33 -56.71
C GLU A 44 -4.64 4.60 -56.40
N VAL A 45 -5.76 4.80 -57.08
CA VAL A 45 -6.58 5.98 -56.85
C VAL A 45 -6.91 6.13 -55.37
N VAL A 46 -6.72 5.06 -54.62
CA VAL A 46 -7.01 5.08 -53.19
C VAL A 46 -6.17 6.14 -52.49
N ASP A 47 -4.89 6.16 -52.81
CA ASP A 47 -3.98 7.12 -52.20
C ASP A 47 -4.38 8.55 -52.57
N ILE A 48 -4.74 8.75 -53.83
CA ILE A 48 -5.16 10.06 -54.30
C ILE A 48 -6.43 10.52 -53.59
N MET A 49 -7.37 9.59 -53.46
CA MET A 49 -8.63 9.90 -52.80
C MET A 49 -8.39 10.30 -51.35
N ARG A 50 -7.48 9.59 -50.69
CA ARG A 50 -7.16 9.86 -49.30
C ARG A 50 -6.67 11.31 -49.14
N VAL A 51 -5.82 11.73 -50.06
CA VAL A 51 -5.27 13.08 -50.01
C VAL A 51 -6.38 14.12 -50.15
N ASN A 52 -7.30 13.87 -51.08
CA ASN A 52 -8.41 14.79 -51.30
C ASN A 52 -9.26 14.90 -50.04
N VAL A 53 -9.49 13.78 -49.38
CA VAL A 53 -10.28 13.77 -48.15
C VAL A 53 -9.54 14.49 -47.03
N ASP A 54 -8.24 14.31 -46.99
CA ASP A 54 -7.42 14.95 -45.95
C ASP A 54 -7.67 16.45 -45.91
N LYS A 55 -8.25 16.98 -46.98
CA LYS A 55 -8.55 18.40 -47.05
C LYS A 55 -9.60 18.78 -46.02
N VAL A 56 -10.59 17.91 -45.84
CA VAL A 56 -11.66 18.16 -44.89
C VAL A 56 -11.10 18.27 -43.47
N LEU A 57 -10.21 17.35 -43.13
CA LEU A 57 -9.61 17.35 -41.80
C LEU A 57 -8.58 18.47 -41.67
N GLU A 58 -8.89 19.60 -42.27
CA GLU A 58 -8.00 20.75 -42.21
C GLU A 58 -7.85 21.23 -40.77
N ARG A 59 -8.91 21.09 -39.98
CA ARG A 59 -8.88 21.51 -38.59
C ARG A 59 -7.97 20.60 -37.77
N ASP A 60 -7.34 21.16 -36.75
CA ASP A 60 -6.44 20.39 -35.90
C ASP A 60 -7.21 19.31 -35.16
N GLN A 61 -6.76 18.06 -35.32
CA GLN A 61 -7.41 16.94 -34.66
C GLN A 61 -7.28 17.04 -33.16
N LYS A 62 -8.36 16.73 -32.45
CA LYS A 62 -8.35 16.80 -30.99
C LYS A 62 -7.79 15.50 -30.40
N LEU A 63 -8.69 14.58 -30.04
CA LEU A 63 -8.28 13.31 -29.47
C LEU A 63 -7.23 13.53 -28.39
N SER A 64 -6.05 12.95 -28.60
CA SER A 64 -4.96 13.08 -27.63
C SER A 64 -5.49 12.97 -26.20
N GLU A 65 -6.06 11.83 -25.86
CA GLU A 65 -6.61 11.62 -24.54
C GLU A 65 -5.51 11.75 -23.49
N LEU A 66 -4.36 11.13 -23.75
CA LEU A 66 -3.25 11.18 -22.82
C LEU A 66 -1.99 10.59 -23.45
N ASP A 67 -1.70 11.00 -24.67
CA ASP A 67 -0.52 10.50 -25.38
C ASP A 67 0.69 11.39 -25.10
N ASP A 68 1.70 10.83 -24.46
CA ASP A 68 2.91 11.57 -24.13
C ASP A 68 3.97 11.39 -25.23
N ARG A 69 3.61 10.63 -26.26
CA ARG A 69 4.54 10.39 -27.37
C ARG A 69 4.33 11.41 -28.47
N ALA A 70 3.31 12.26 -28.31
CA ALA A 70 3.00 13.29 -29.30
C ALA A 70 4.16 14.28 -29.40
N ASP A 71 4.76 14.61 -28.26
CA ASP A 71 5.87 15.54 -28.23
C ASP A 71 7.17 14.86 -28.65
N ALA A 72 7.08 13.55 -28.91
CA ALA A 72 8.25 12.80 -29.32
C ALA A 72 9.41 13.05 -28.39
N LEU A 73 9.13 13.68 -27.25
CA LEU A 73 10.18 13.99 -26.27
C LEU A 73 9.97 13.16 -25.01
N GLN A 74 11.03 12.46 -24.59
CA GLN A 74 10.96 11.64 -23.39
C GLN A 74 10.37 12.43 -22.23
N ALA A 75 10.01 11.73 -21.16
CA ALA A 75 9.43 12.37 -20.00
C ALA A 75 9.66 11.53 -18.75
N GLY A 76 9.67 12.18 -17.59
CA GLY A 76 9.89 11.48 -16.33
C GLY A 76 8.78 10.47 -16.07
N ALA A 77 9.15 9.23 -15.76
CA ALA A 77 8.18 8.19 -15.50
C ALA A 77 7.37 8.53 -14.25
N SER A 78 8.03 9.10 -13.25
CA SER A 78 7.36 9.46 -12.01
C SER A 78 6.29 10.51 -12.27
N GLN A 79 5.19 10.42 -11.52
CA GLN A 79 4.09 11.39 -11.69
C GLN A 79 4.24 12.53 -10.70
N PHE A 80 5.42 12.64 -10.10
CA PHE A 80 5.68 13.70 -9.12
C PHE A 80 4.75 13.56 -7.92
N GLU A 81 3.86 12.59 -7.98
CA GLU A 81 2.91 12.35 -6.89
C GLU A 81 3.65 11.84 -5.66
N THR A 82 4.73 11.09 -5.88
CA THR A 82 5.49 10.54 -4.77
C THR A 82 6.15 11.66 -3.96
N SER A 83 6.54 12.73 -4.65
CA SER A 83 7.17 13.86 -3.98
C SER A 83 6.22 14.46 -2.94
N ALA A 84 4.95 14.60 -3.32
CA ALA A 84 3.95 15.17 -2.41
C ALA A 84 3.46 14.13 -1.42
N ALA A 85 3.70 12.85 -1.74
CA ALA A 85 3.27 11.77 -0.87
C ALA A 85 3.97 11.86 0.49
N LYS A 86 5.17 12.44 0.50
CA LYS A 86 5.93 12.58 1.73
C LYS A 86 5.21 13.51 2.70
N LEU A 87 4.68 14.61 2.18
CA LEU A 87 3.97 15.57 3.02
C LEU A 87 2.72 14.94 3.61
N LYS A 88 2.02 14.15 2.80
CA LYS A 88 0.80 13.49 3.26
C LYS A 88 1.11 12.52 4.38
N ARG A 89 2.21 11.78 4.24
CA ARG A 89 2.61 10.81 5.25
C ARG A 89 2.83 11.51 6.59
N LYS A 90 3.35 12.71 6.53
CA LYS A 90 3.63 13.48 7.75
C LYS A 90 2.33 13.76 8.50
N TYR A 91 1.28 14.10 7.76
CA TYR A 91 -0.01 14.41 8.37
C TYR A 91 -0.63 13.14 8.96
N TRP A 92 -0.80 12.12 8.11
CA TRP A 92 -1.38 10.86 8.56
C TRP A 92 -0.49 10.20 9.60
N TRP A 93 0.82 10.29 9.40
CA TRP A 93 1.77 9.70 10.34
C TRP A 93 1.50 8.20 10.50
N LYS A 94 0.77 7.64 9.55
CA LYS A 94 0.44 6.21 9.60
C LYS A 94 -0.28 5.87 10.90
N ASN A 95 -1.53 6.31 11.00
CA ASN A 95 -2.32 6.04 12.21
C ASN A 95 -3.29 4.90 11.96
N LEU A 96 -3.09 4.18 10.87
CA LEU A 96 -3.96 3.05 10.54
C LEU A 96 -3.86 1.98 11.61
N LYS A 97 -2.64 1.69 12.05
CA LYS A 97 -2.43 0.67 13.07
C LYS A 97 -3.11 1.07 14.37
N MET A 98 -3.03 2.35 14.70
CA MET A 98 -3.63 2.85 15.93
C MET A 98 -5.14 2.66 15.89
N MET A 99 -5.74 2.89 14.74
CA MET A 99 -7.19 2.76 14.60
C MET A 99 -7.62 1.32 14.92
N ILE A 100 -6.87 0.36 14.39
CA ILE A 100 -7.18 -1.04 14.63
C ILE A 100 -7.01 -1.38 16.11
N ILE A 101 -5.92 -0.92 16.70
CA ILE A 101 -5.66 -1.20 18.11
C ILE A 101 -6.71 -0.54 18.98
N LEU A 102 -7.05 0.69 18.66
CA LEU A 102 -8.04 1.42 19.43
C LEU A 102 -9.39 0.69 19.38
N GLY A 103 -9.72 0.15 18.22
CA GLY A 103 -10.97 -0.55 18.05
C GLY A 103 -11.09 -1.71 19.03
N VAL A 104 -9.96 -2.35 19.32
CA VAL A 104 -9.96 -3.48 20.24
C VAL A 104 -10.44 -3.04 21.62
N ILE A 105 -9.89 -1.94 22.11
CA ILE A 105 -10.27 -1.43 23.42
C ILE A 105 -11.74 -1.02 23.43
N CYS A 106 -12.15 -0.35 22.38
CA CYS A 106 -13.53 0.12 22.28
C CYS A 106 -14.49 -1.07 22.30
N ALA A 107 -14.07 -2.17 21.70
CA ALA A 107 -14.89 -3.36 21.66
C ALA A 107 -15.20 -3.84 23.08
N ILE A 108 -14.24 -3.67 23.98
CA ILE A 108 -14.41 -4.10 25.37
C ILE A 108 -15.54 -3.33 26.03
N ILE A 109 -15.58 -2.02 25.79
CA ILE A 109 -16.61 -1.17 26.37
C ILE A 109 -17.98 -1.59 25.86
N LEU A 110 -18.06 -1.88 24.56
CA LEU A 110 -19.32 -2.29 23.96
C LEU A 110 -19.83 -3.58 24.60
N ILE A 111 -18.91 -4.52 24.80
CA ILE A 111 -19.28 -5.80 25.39
C ILE A 111 -19.82 -5.60 26.80
N ILE A 112 -19.17 -4.74 27.56
CA ILE A 112 -19.60 -4.48 28.94
C ILE A 112 -21.00 -3.89 28.95
N ILE A 113 -21.27 -2.95 28.05
CA ILE A 113 -22.58 -2.31 27.98
C ILE A 113 -23.65 -3.34 27.67
N ILE A 114 -23.38 -4.21 26.69
CA ILE A 114 -24.33 -5.24 26.31
C ILE A 114 -24.55 -6.23 27.46
N VAL A 115 -23.46 -6.65 28.07
CA VAL A 115 -23.54 -7.59 29.18
C VAL A 115 -24.22 -6.93 30.37
N TYR A 116 -23.85 -5.69 30.65
CA TYR A 116 -24.42 -4.98 31.77
C TYR A 116 -25.93 -4.84 31.63
N PHE A 117 -26.36 -4.50 30.43
CA PHE A 117 -27.78 -4.33 30.16
C PHE A 117 -28.53 -5.65 30.35
N SER A 118 -27.82 -6.75 30.17
CA SER A 118 -28.41 -8.06 30.33
C SER A 118 -28.45 -8.46 31.80
N THR A 119 -27.76 -7.69 32.63
CA THR A 119 -27.73 -7.98 34.07
C THR A 119 -29.15 -8.01 34.64
N MET A 4 58.87 4.35 -62.03
CA MET A 4 57.72 5.26 -62.22
C MET A 4 57.04 5.50 -60.87
N SER A 5 57.47 4.78 -59.86
CA SER A 5 56.89 4.92 -58.53
C SER A 5 55.36 4.92 -58.60
N ALA A 6 54.83 4.51 -59.74
CA ALA A 6 53.38 4.46 -59.93
C ALA A 6 52.75 3.48 -58.96
N THR A 7 53.43 2.37 -58.72
CA THR A 7 52.93 1.34 -57.80
C THR A 7 52.88 1.89 -56.38
N ALA A 8 53.92 2.62 -55.99
CA ALA A 8 53.98 3.20 -54.65
C ALA A 8 52.94 4.29 -54.49
N ALA A 9 51.77 3.92 -53.97
CA ALA A 9 50.68 4.87 -53.76
C ALA A 9 49.90 4.51 -52.51
N THR A 10 49.53 5.52 -51.74
CA THR A 10 48.77 5.30 -50.51
C THR A 10 47.53 6.21 -50.48
N VAL A 11 46.38 5.62 -50.17
CA VAL A 11 45.13 6.40 -50.12
C VAL A 11 44.27 5.93 -48.95
N PRO A 12 43.49 6.82 -48.37
CA PRO A 12 42.60 6.50 -47.22
C PRO A 12 41.96 5.11 -47.37
N PRO A 13 41.58 4.49 -46.27
CA PRO A 13 40.94 3.15 -46.28
C PRO A 13 39.54 3.18 -46.90
N ALA A 14 38.65 4.00 -46.33
CA ALA A 14 37.30 4.11 -46.83
C ALA A 14 36.60 5.33 -46.21
N ALA A 15 35.56 5.80 -46.88
CA ALA A 15 34.82 6.96 -46.39
C ALA A 15 34.57 6.84 -44.88
N PRO A 16 34.08 7.89 -44.26
CA PRO A 16 33.78 7.89 -42.80
C PRO A 16 32.92 6.69 -42.39
N ALA A 17 31.90 6.40 -43.18
CA ALA A 17 31.00 5.29 -42.90
C ALA A 17 29.90 5.20 -43.94
N GLY A 18 28.71 5.69 -43.58
CA GLY A 18 27.57 5.66 -44.50
C GLY A 18 26.39 6.41 -43.90
N GLU A 19 25.36 6.62 -44.72
CA GLU A 19 24.16 7.33 -44.27
C GLU A 19 22.97 6.98 -45.15
N GLY A 20 21.77 7.19 -44.63
CA GLY A 20 20.54 6.89 -45.37
C GLY A 20 19.44 7.88 -45.03
N GLY A 21 19.82 8.97 -44.37
CA GLY A 21 18.84 9.99 -44.00
C GLY A 21 19.47 11.03 -43.07
N PRO A 22 18.79 12.11 -42.84
CA PRO A 22 19.28 13.21 -41.96
C PRO A 22 19.40 12.77 -40.49
N PRO A 23 20.14 13.51 -39.69
CA PRO A 23 20.32 13.19 -38.24
C PRO A 23 19.02 12.77 -37.56
N ALA A 24 18.66 11.49 -37.71
CA ALA A 24 17.43 10.98 -37.10
C ALA A 24 16.30 12.01 -37.17
N PRO A 25 15.50 12.00 -38.22
CA PRO A 25 14.40 12.98 -38.37
C PRO A 25 13.19 12.62 -37.49
N PRO A 26 12.84 13.45 -36.51
CA PRO A 26 11.67 13.17 -35.63
C PRO A 26 10.40 12.86 -36.44
N PRO A 27 10.14 13.60 -37.51
CA PRO A 27 8.93 13.37 -38.35
C PRO A 27 8.87 11.93 -38.89
N ASN A 28 9.91 11.56 -39.64
CA ASN A 28 9.97 10.22 -40.23
C ASN A 28 8.75 9.95 -41.09
N LEU A 29 8.17 11.00 -41.66
CA LEU A 29 7.00 10.86 -42.53
C LEU A 29 7.35 10.07 -43.78
N THR A 30 8.54 10.33 -44.33
CA THR A 30 8.97 9.65 -45.54
C THR A 30 8.64 8.15 -45.47
N SER A 31 9.26 7.45 -44.52
CA SER A 31 9.02 6.03 -44.37
C SER A 31 7.55 5.75 -44.05
N ASN A 32 6.99 6.55 -43.16
CA ASN A 32 5.60 6.38 -42.76
C ASN A 32 4.67 6.92 -43.85
N ARG A 33 3.36 6.74 -43.65
CA ARG A 33 2.37 7.21 -44.62
C ARG A 33 0.96 7.12 -44.05
N ARG A 34 0.09 6.38 -44.73
CA ARG A 34 -1.28 6.21 -44.28
C ARG A 34 -1.32 5.62 -42.88
N LEU A 35 -0.20 5.03 -42.46
CA LEU A 35 -0.11 4.43 -41.14
C LEU A 35 0.16 5.48 -40.07
N GLN A 36 0.23 6.74 -40.51
CA GLN A 36 0.49 7.84 -39.59
C GLN A 36 -0.57 7.86 -38.49
N GLN A 37 -1.82 7.64 -38.87
CA GLN A 37 -2.91 7.64 -37.92
C GLN A 37 -2.76 6.50 -36.91
N THR A 38 -2.31 5.35 -37.40
CA THR A 38 -2.12 4.19 -36.54
C THR A 38 -1.07 4.48 -35.47
N GLN A 39 0.05 5.07 -35.89
CA GLN A 39 1.13 5.38 -34.97
C GLN A 39 0.67 6.41 -33.94
N ALA A 40 -0.12 7.38 -34.39
CA ALA A 40 -0.62 8.42 -33.50
C ALA A 40 -1.33 7.80 -32.29
N GLN A 41 -1.57 6.50 -32.36
CA GLN A 41 -2.25 5.80 -31.29
C GLN A 41 -1.51 6.01 -29.96
N VAL A 42 -0.18 6.00 -30.02
CA VAL A 42 0.63 6.21 -28.83
C VAL A 42 0.41 7.61 -28.26
N ASP A 43 0.31 8.59 -29.15
CA ASP A 43 0.11 9.98 -28.74
C ASP A 43 -1.28 10.17 -28.15
N GLU A 44 -2.19 9.25 -28.47
CA GLU A 44 -3.55 9.33 -27.95
C GLU A 44 -3.57 9.15 -26.45
N VAL A 45 -2.76 8.21 -25.96
CA VAL A 45 -2.69 7.92 -24.54
C VAL A 45 -2.16 9.14 -23.78
N VAL A 46 -1.11 9.75 -24.33
CA VAL A 46 -0.52 10.92 -23.70
C VAL A 46 -1.55 12.05 -23.59
N ASP A 47 -2.33 12.23 -24.65
CA ASP A 47 -3.33 13.28 -24.66
C ASP A 47 -4.36 13.04 -23.56
N ILE A 48 -4.76 11.79 -23.36
CA ILE A 48 -5.73 11.46 -22.33
C ILE A 48 -5.18 11.78 -20.95
N MET A 49 -3.92 11.43 -20.70
CA MET A 49 -3.30 11.68 -19.41
C MET A 49 -3.17 13.18 -19.17
N ARG A 50 -2.84 13.93 -20.21
CA ARG A 50 -2.70 15.37 -20.09
C ARG A 50 -4.02 16.01 -19.68
N VAL A 51 -5.11 15.56 -20.30
CA VAL A 51 -6.43 16.08 -20.00
C VAL A 51 -6.81 15.78 -18.55
N ASN A 52 -6.52 14.56 -18.11
CA ASN A 52 -6.85 14.16 -16.75
C ASN A 52 -6.13 15.06 -15.75
N VAL A 53 -4.88 15.38 -16.05
CA VAL A 53 -4.09 16.24 -15.17
C VAL A 53 -4.69 17.64 -15.12
N ASP A 54 -5.08 18.14 -16.28
CA ASP A 54 -5.67 19.48 -16.37
C ASP A 54 -7.01 19.52 -15.67
N LYS A 55 -7.69 18.38 -15.61
CA LYS A 55 -9.00 18.30 -14.96
C LYS A 55 -8.85 18.53 -13.47
N VAL A 56 -7.76 18.05 -12.90
CA VAL A 56 -7.51 18.21 -11.48
C VAL A 56 -7.40 19.68 -11.11
N LEU A 57 -6.66 20.42 -11.92
CA LEU A 57 -6.47 21.85 -11.67
C LEU A 57 -7.81 22.58 -11.75
N GLU A 58 -8.60 22.23 -12.74
CA GLU A 58 -9.90 22.87 -12.94
C GLU A 58 -10.73 22.09 -13.95
N ARG A 59 -11.68 22.79 -14.57
CA ARG A 59 -12.54 22.15 -15.57
C ARG A 59 -13.25 20.94 -14.97
N ASP A 60 -14.32 21.20 -14.22
CA ASP A 60 -15.07 20.12 -13.60
C ASP A 60 -16.00 19.46 -14.61
N GLN A 61 -16.58 18.33 -14.23
CA GLN A 61 -17.47 17.60 -15.11
C GLN A 61 -18.69 18.45 -15.46
N LYS A 62 -19.04 18.48 -16.73
CA LYS A 62 -20.19 19.27 -17.19
C LYS A 62 -21.47 18.76 -16.56
N LEU A 63 -21.63 17.44 -16.50
CA LEU A 63 -22.81 16.83 -15.92
C LEU A 63 -22.42 15.87 -14.80
N SER A 64 -23.01 16.07 -13.63
CA SER A 64 -22.72 15.23 -12.49
C SER A 64 -23.65 15.55 -11.32
N GLU A 65 -24.04 16.81 -11.21
CA GLU A 65 -24.92 17.25 -10.14
C GLU A 65 -25.38 18.68 -10.37
N LEU A 66 -24.52 19.48 -10.99
CA LEU A 66 -24.85 20.87 -11.25
C LEU A 66 -26.14 20.97 -12.04
N ASP A 67 -27.24 21.25 -11.36
CA ASP A 67 -28.53 21.37 -12.02
C ASP A 67 -29.50 22.17 -11.15
N ASP A 68 -30.38 21.46 -10.44
CA ASP A 68 -31.35 22.11 -9.58
C ASP A 68 -30.66 22.89 -8.47
N ARG A 69 -29.64 22.29 -7.87
CA ARG A 69 -28.90 22.95 -6.79
C ARG A 69 -27.48 22.39 -6.69
N ALA A 70 -26.56 23.22 -6.21
CA ALA A 70 -25.17 22.79 -6.07
C ALA A 70 -24.41 23.76 -5.16
N ASP A 71 -24.93 24.98 -5.04
CA ASP A 71 -24.29 25.98 -4.21
C ASP A 71 -24.25 25.53 -2.75
N ALA A 72 -25.37 24.97 -2.27
CA ALA A 72 -25.45 24.50 -0.90
C ALA A 72 -25.42 25.67 0.07
N LEU A 73 -26.57 25.97 0.66
CA LEU A 73 -26.68 27.07 1.60
C LEU A 73 -26.54 26.56 3.03
N GLN A 74 -26.08 27.43 3.93
CA GLN A 74 -25.90 27.06 5.32
C GLN A 74 -25.06 25.80 5.43
N ALA A 75 -25.73 24.65 5.52
CA ALA A 75 -25.03 23.38 5.63
C ALA A 75 -24.01 23.42 6.77
N GLY A 76 -22.82 23.93 6.48
CA GLY A 76 -21.78 24.02 7.49
C GLY A 76 -21.16 22.66 7.75
N ALA A 77 -21.28 21.76 6.79
CA ALA A 77 -20.74 20.42 6.92
C ALA A 77 -19.22 20.43 6.72
N SER A 78 -18.71 21.55 6.21
CA SER A 78 -17.28 21.68 5.97
C SER A 78 -16.78 20.55 5.07
N GLN A 79 -17.04 20.68 3.77
CA GLN A 79 -16.60 19.66 2.82
C GLN A 79 -15.13 19.84 2.48
N PHE A 80 -14.58 21.00 2.80
CA PHE A 80 -13.18 21.29 2.54
C PHE A 80 -12.28 20.31 3.29
N GLU A 81 -12.59 20.10 4.56
CA GLU A 81 -11.80 19.20 5.39
C GLU A 81 -11.93 17.76 4.88
N THR A 82 -13.13 17.40 4.45
CA THR A 82 -13.38 16.05 3.95
C THR A 82 -12.57 15.79 2.68
N SER A 83 -12.53 16.79 1.81
CA SER A 83 -11.79 16.66 0.55
C SER A 83 -10.31 16.45 0.83
N ALA A 84 -9.78 17.17 1.82
CA ALA A 84 -8.38 17.05 2.17
C ALA A 84 -8.13 15.77 2.97
N ALA A 85 -9.19 15.22 3.55
CA ALA A 85 -9.07 13.99 4.34
C ALA A 85 -8.62 12.83 3.45
N LYS A 86 -9.16 12.76 2.25
CA LYS A 86 -8.81 11.70 1.32
C LYS A 86 -7.34 11.79 0.93
N LEU A 87 -6.90 13.01 0.62
CA LEU A 87 -5.51 13.22 0.22
C LEU A 87 -4.56 12.87 1.36
N LYS A 88 -4.94 13.26 2.57
CA LYS A 88 -4.12 12.96 3.73
C LYS A 88 -3.95 11.46 3.91
N ARG A 89 -5.04 10.72 3.72
CA ARG A 89 -5.00 9.27 3.86
C ARG A 89 -4.41 8.63 2.62
N LYS A 90 -4.58 9.29 1.48
CA LYS A 90 -4.07 8.78 0.22
C LYS A 90 -2.56 8.55 0.32
N TYR A 91 -1.85 9.50 0.90
CA TYR A 91 -0.41 9.37 1.05
C TYR A 91 -0.07 8.36 2.14
N TRP A 92 0.49 8.85 3.24
CA TRP A 92 0.86 7.98 4.36
C TRP A 92 1.32 8.80 5.55
N TRP A 93 0.67 9.94 5.76
CA TRP A 93 1.04 10.81 6.87
C TRP A 93 0.83 10.08 8.20
N LYS A 94 -0.29 9.38 8.31
CA LYS A 94 -0.60 8.63 9.54
C LYS A 94 -0.98 7.19 9.20
N ASN A 95 -0.59 6.26 10.08
CA ASN A 95 -0.88 4.85 9.87
C ASN A 95 -2.22 4.50 10.51
N LEU A 96 -2.93 3.56 9.88
CA LEU A 96 -4.23 3.13 10.39
C LEU A 96 -4.04 2.09 11.50
N LYS A 97 -2.80 1.77 11.80
CA LYS A 97 -2.50 0.79 12.83
C LYS A 97 -3.06 1.25 14.18
N MET A 98 -2.98 2.56 14.42
CA MET A 98 -3.48 3.13 15.67
C MET A 98 -4.99 2.91 15.79
N MET A 99 -5.70 3.05 14.67
CA MET A 99 -7.14 2.87 14.66
C MET A 99 -7.52 1.42 14.96
N ILE A 100 -6.73 0.48 14.40
CA ILE A 100 -7.02 -0.93 14.60
C ILE A 100 -6.93 -1.31 16.07
N ILE A 101 -5.84 -0.91 16.73
CA ILE A 101 -5.66 -1.21 18.14
C ILE A 101 -6.69 -0.47 18.99
N LEU A 102 -7.00 0.76 18.59
CA LEU A 102 -7.97 1.57 19.32
C LEU A 102 -9.34 0.91 19.27
N GLY A 103 -9.69 0.36 18.12
CA GLY A 103 -10.98 -0.30 17.96
C GLY A 103 -11.12 -1.47 18.93
N VAL A 104 -10.01 -2.15 19.20
CA VAL A 104 -10.02 -3.28 20.11
C VAL A 104 -10.44 -2.85 21.52
N ILE A 105 -9.87 -1.73 21.97
CA ILE A 105 -10.17 -1.23 23.31
C ILE A 105 -11.64 -0.85 23.42
N CYS A 106 -12.12 -0.16 22.41
CA CYS A 106 -13.52 0.27 22.39
C CYS A 106 -14.45 -0.93 22.34
N ALA A 107 -14.04 -1.95 21.60
CA ALA A 107 -14.85 -3.16 21.45
C ALA A 107 -15.07 -3.81 22.82
N ILE A 108 -14.06 -3.77 23.67
CA ILE A 108 -14.16 -4.37 24.99
C ILE A 108 -15.22 -3.64 25.81
N ILE A 109 -15.24 -2.32 25.74
CA ILE A 109 -16.20 -1.53 26.49
C ILE A 109 -17.61 -1.94 26.11
N LEU A 110 -17.79 -2.38 24.87
CA LEU A 110 -19.10 -2.80 24.40
C LEU A 110 -19.54 -4.09 25.10
N ILE A 111 -18.58 -4.98 25.35
CA ILE A 111 -18.88 -6.26 25.97
C ILE A 111 -19.52 -6.07 27.34
N ILE A 112 -18.91 -5.22 28.16
CA ILE A 112 -19.44 -4.95 29.50
C ILE A 112 -20.79 -4.26 29.42
N ILE A 113 -20.95 -3.35 28.47
CA ILE A 113 -22.20 -2.63 28.29
C ILE A 113 -23.33 -3.60 27.97
N ILE A 114 -23.05 -4.56 27.10
CA ILE A 114 -24.05 -5.53 26.71
C ILE A 114 -24.52 -6.33 27.92
N VAL A 115 -23.59 -6.72 28.78
CA VAL A 115 -23.93 -7.49 29.96
C VAL A 115 -24.87 -6.70 30.84
N TYR A 116 -24.56 -5.42 31.05
CA TYR A 116 -25.39 -4.58 31.88
C TYR A 116 -26.78 -4.41 31.28
N PHE A 117 -26.82 -4.29 29.96
CA PHE A 117 -28.08 -4.12 29.26
C PHE A 117 -29.00 -5.30 29.51
N SER A 118 -28.45 -6.50 29.42
CA SER A 118 -29.22 -7.72 29.63
C SER A 118 -29.19 -8.15 31.09
N THR A 119 -28.25 -7.57 31.84
CA THR A 119 -28.12 -7.87 33.25
C THR A 119 -28.35 -9.36 33.52
N MET A 4 80.45 40.11 26.94
CA MET A 4 79.50 39.44 26.02
C MET A 4 78.08 39.64 26.53
N SER A 5 77.93 40.49 27.54
CA SER A 5 76.62 40.76 28.11
C SER A 5 75.88 39.46 28.42
N ALA A 6 76.64 38.37 28.51
CA ALA A 6 76.06 37.06 28.80
C ALA A 6 75.44 37.06 30.20
N THR A 7 76.10 37.73 31.13
CA THR A 7 75.61 37.79 32.50
C THR A 7 75.30 36.40 33.03
N ALA A 8 74.97 36.30 34.31
CA ALA A 8 74.66 35.01 34.94
C ALA A 8 73.66 35.20 36.07
N ALA A 9 73.67 36.36 36.69
CA ALA A 9 72.76 36.65 37.79
C ALA A 9 71.32 36.57 37.32
N THR A 10 71.05 37.09 36.12
CA THR A 10 69.69 37.07 35.56
C THR A 10 69.70 36.42 34.19
N VAL A 11 68.82 35.43 34.01
CA VAL A 11 68.75 34.73 32.73
C VAL A 11 68.05 35.59 31.67
N PRO A 12 68.42 35.44 30.43
CA PRO A 12 67.81 36.23 29.31
C PRO A 12 66.34 35.84 29.06
N PRO A 13 65.61 36.68 28.38
CA PRO A 13 64.17 36.42 28.05
C PRO A 13 64.02 35.28 27.05
N ALA A 14 62.89 34.60 27.10
CA ALA A 14 62.62 33.49 26.20
C ALA A 14 62.47 34.01 24.76
N ALA A 15 62.96 33.22 23.81
CA ALA A 15 62.89 33.61 22.41
C ALA A 15 63.15 32.41 21.51
N PRO A 16 62.21 31.50 21.44
CA PRO A 16 62.33 30.27 20.60
C PRO A 16 62.52 30.60 19.12
N ALA A 17 63.29 29.76 18.43
CA ALA A 17 63.55 29.98 17.01
C ALA A 17 62.25 29.87 16.22
N GLY A 18 61.39 28.94 16.63
CA GLY A 18 60.12 28.74 15.94
C GLY A 18 60.32 28.00 14.62
N GLU A 19 60.59 28.77 13.57
CA GLU A 19 60.79 28.18 12.25
C GLU A 19 61.85 27.08 12.31
N GLY A 20 62.22 26.55 11.16
CA GLY A 20 63.23 25.50 11.09
C GLY A 20 62.70 24.22 11.72
N GLY A 21 63.48 23.64 12.64
CA GLY A 21 63.08 22.41 13.31
C GLY A 21 63.61 21.19 12.57
N PRO A 22 63.12 20.02 12.90
CA PRO A 22 63.55 18.74 12.26
C PRO A 22 63.48 18.82 10.73
N PRO A 23 64.23 17.99 10.05
CA PRO A 23 64.24 17.94 8.56
C PRO A 23 62.93 17.40 7.99
N ALA A 24 62.62 17.79 6.76
CA ALA A 24 61.40 17.34 6.11
C ALA A 24 61.20 15.84 6.31
N PRO A 25 60.00 15.36 6.08
CA PRO A 25 59.68 13.92 6.25
C PRO A 25 60.79 13.00 5.71
N PRO A 26 60.89 11.81 6.22
CA PRO A 26 61.93 10.83 5.79
C PRO A 26 61.69 10.34 4.35
N PRO A 27 62.70 9.78 3.73
CA PRO A 27 62.60 9.25 2.34
C PRO A 27 61.66 8.05 2.26
N ASN A 28 60.96 7.94 1.12
CA ASN A 28 60.03 6.84 0.92
C ASN A 28 60.72 5.69 0.23
N LEU A 29 61.01 4.62 0.99
CA LEU A 29 61.67 3.44 0.46
C LEU A 29 60.81 2.21 0.68
N THR A 30 60.46 1.52 -0.42
CA THR A 30 59.65 0.31 -0.33
C THR A 30 60.50 -0.93 -0.61
N SER A 31 61.68 -0.97 -0.01
CA SER A 31 62.58 -2.11 -0.20
C SER A 31 61.94 -3.39 0.30
N ASN A 32 61.29 -3.31 1.46
CA ASN A 32 60.62 -4.47 2.04
C ASN A 32 59.22 -4.63 1.47
N ARG A 33 58.65 -5.83 1.61
CA ARG A 33 57.31 -6.09 1.10
C ARG A 33 57.13 -5.49 -0.28
N ARG A 34 57.87 -6.01 -1.26
CA ARG A 34 57.77 -5.50 -2.62
C ARG A 34 56.40 -5.79 -3.21
N LEU A 35 55.71 -6.77 -2.64
CA LEU A 35 54.38 -7.15 -3.11
C LEU A 35 53.33 -6.19 -2.56
N GLN A 36 53.79 -5.14 -1.90
CA GLN A 36 52.88 -4.16 -1.32
C GLN A 36 52.03 -3.50 -2.41
N GLN A 37 52.66 -3.16 -3.52
CA GLN A 37 51.95 -2.54 -4.63
C GLN A 37 51.11 -3.56 -5.38
N THR A 38 51.51 -4.82 -5.30
CA THR A 38 50.79 -5.88 -5.98
C THR A 38 49.37 -6.02 -5.43
N GLN A 39 49.25 -6.02 -4.10
CA GLN A 39 47.94 -6.15 -3.46
C GLN A 39 47.23 -4.80 -3.44
N ALA A 40 47.96 -3.74 -3.76
CA ALA A 40 47.38 -2.41 -3.77
C ALA A 40 46.36 -2.28 -4.89
N GLN A 41 46.36 -3.24 -5.81
CA GLN A 41 45.43 -3.23 -6.93
C GLN A 41 44.01 -2.99 -6.44
N VAL A 42 43.76 -3.32 -5.18
CA VAL A 42 42.43 -3.14 -4.59
C VAL A 42 42.03 -1.67 -4.63
N ASP A 43 43.03 -0.79 -4.62
CA ASP A 43 42.77 0.64 -4.67
C ASP A 43 42.04 1.03 -5.94
N GLU A 44 42.40 0.37 -7.04
CA GLU A 44 41.77 0.66 -8.33
C GLU A 44 40.30 0.25 -8.30
N VAL A 45 39.99 -0.76 -7.49
CA VAL A 45 38.62 -1.24 -7.39
C VAL A 45 37.73 -0.22 -6.68
N VAL A 46 38.35 0.62 -5.86
CA VAL A 46 37.60 1.65 -5.13
C VAL A 46 36.92 2.62 -6.09
N ASP A 47 37.68 3.09 -7.08
CA ASP A 47 37.13 4.02 -8.06
C ASP A 47 36.16 3.31 -8.99
N ILE A 48 36.50 2.09 -9.39
CA ILE A 48 35.65 1.33 -10.29
C ILE A 48 34.31 1.04 -9.64
N MET A 49 34.34 0.65 -8.37
CA MET A 49 33.12 0.34 -7.64
C MET A 49 32.23 1.57 -7.55
N ARG A 50 32.84 2.71 -7.33
CA ARG A 50 32.09 3.96 -7.22
C ARG A 50 31.26 4.20 -8.48
N VAL A 51 31.88 3.96 -9.63
CA VAL A 51 31.21 4.16 -10.91
C VAL A 51 29.97 3.26 -11.00
N ASN A 52 30.12 2.01 -10.58
CA ASN A 52 29.01 1.06 -10.63
C ASN A 52 27.84 1.59 -9.81
N VAL A 53 28.14 2.24 -8.69
CA VAL A 53 27.09 2.78 -7.83
C VAL A 53 26.31 3.86 -8.57
N ASP A 54 26.98 4.54 -9.48
CA ASP A 54 26.34 5.60 -10.26
C ASP A 54 25.47 5.01 -11.37
N LYS A 55 25.85 3.83 -11.86
CA LYS A 55 25.10 3.17 -12.92
C LYS A 55 23.74 2.71 -12.42
N VAL A 56 23.72 2.17 -11.20
CA VAL A 56 22.49 1.68 -10.62
C VAL A 56 21.61 2.83 -10.17
N LEU A 57 22.18 4.02 -10.10
CA LEU A 57 21.45 5.19 -9.68
C LEU A 57 20.31 5.49 -10.64
N GLU A 58 20.56 5.29 -11.92
CA GLU A 58 19.56 5.55 -12.94
C GLU A 58 18.50 4.47 -12.97
N ARG A 59 18.19 3.92 -11.78
CA ARG A 59 17.18 2.87 -11.66
C ARG A 59 15.97 3.38 -10.88
N ASP A 60 15.96 4.67 -10.58
CA ASP A 60 14.86 5.27 -9.84
C ASP A 60 13.56 5.13 -10.63
N GLN A 61 13.61 5.42 -11.92
CA GLN A 61 12.43 5.32 -12.77
C GLN A 61 12.15 3.87 -13.13
N LYS A 62 10.87 3.53 -13.20
CA LYS A 62 10.47 2.16 -13.54
C LYS A 62 10.84 1.84 -14.97
N LEU A 63 10.03 2.30 -15.91
CA LEU A 63 10.28 2.07 -17.33
C LEU A 63 11.16 3.16 -17.91
N SER A 64 12.07 2.78 -18.80
CA SER A 64 12.97 3.73 -19.43
C SER A 64 12.53 4.03 -20.86
N GLU A 65 12.92 3.17 -21.79
CA GLU A 65 12.56 3.35 -23.20
C GLU A 65 11.89 2.10 -23.76
N LEU A 66 11.94 1.01 -22.99
CA LEU A 66 11.32 -0.24 -23.42
C LEU A 66 9.83 -0.05 -23.62
N ASP A 67 9.20 0.72 -22.73
CA ASP A 67 7.77 0.96 -22.82
C ASP A 67 7.35 1.21 -24.27
N ASP A 68 7.89 2.28 -24.85
CA ASP A 68 7.58 2.62 -26.24
C ASP A 68 8.50 3.72 -26.74
N ARG A 69 8.43 3.99 -28.05
CA ARG A 69 9.28 5.01 -28.65
C ARG A 69 8.76 6.40 -28.29
N ALA A 70 9.19 6.92 -27.13
CA ALA A 70 8.76 8.25 -26.67
C ALA A 70 9.93 9.22 -26.70
N ASP A 71 9.70 10.39 -27.29
CA ASP A 71 10.74 11.40 -27.37
C ASP A 71 11.14 11.89 -25.99
N ALA A 72 10.13 12.09 -25.13
CA ALA A 72 10.38 12.55 -23.77
C ALA A 72 9.09 12.57 -22.97
N LEU A 73 8.59 13.77 -22.69
CA LEU A 73 7.35 13.91 -21.93
C LEU A 73 6.18 13.28 -22.67
N GLN A 74 6.14 13.49 -23.97
CA GLN A 74 5.07 12.95 -24.80
C GLN A 74 5.08 11.43 -24.73
N ALA A 75 3.92 10.84 -24.43
CA ALA A 75 3.81 9.39 -24.35
C ALA A 75 4.96 8.81 -23.54
N GLY A 76 5.35 9.52 -22.48
CA GLY A 76 6.44 9.06 -21.63
C GLY A 76 5.97 7.96 -20.68
N ALA A 77 6.13 8.20 -19.39
CA ALA A 77 5.72 7.22 -18.38
C ALA A 77 4.20 7.25 -18.20
N SER A 78 3.76 7.47 -16.96
CA SER A 78 2.34 7.52 -16.66
C SER A 78 1.74 8.85 -17.10
N GLN A 79 2.17 9.93 -16.45
CA GLN A 79 1.67 11.26 -16.76
C GLN A 79 0.19 11.37 -16.43
N PHE A 80 -0.43 10.22 -16.13
CA PHE A 80 -1.85 10.20 -15.80
C PHE A 80 -2.07 10.67 -14.36
N GLU A 81 -3.15 10.19 -13.75
CA GLU A 81 -3.47 10.56 -12.38
C GLU A 81 -2.89 9.56 -11.40
N THR A 82 -2.45 8.42 -11.92
CA THR A 82 -1.87 7.37 -11.07
C THR A 82 -0.64 7.89 -10.35
N SER A 83 0.20 8.63 -11.07
CA SER A 83 1.42 9.17 -10.50
C SER A 83 1.08 10.12 -9.35
N ALA A 84 0.01 10.88 -9.51
CA ALA A 84 -0.42 11.82 -8.48
C ALA A 84 -0.76 11.09 -7.18
N ALA A 85 -1.07 9.80 -7.30
CA ALA A 85 -1.41 9.00 -6.13
C ALA A 85 -0.23 8.92 -5.16
N LYS A 86 0.97 8.87 -5.71
CA LYS A 86 2.17 8.80 -4.89
C LYS A 86 2.28 10.04 -4.00
N LEU A 87 2.00 11.19 -4.58
CA LEU A 87 2.08 12.44 -3.83
C LEU A 87 1.06 12.44 -2.69
N LYS A 88 -0.15 11.97 -2.97
CA LYS A 88 -1.19 11.92 -1.97
C LYS A 88 -0.80 11.01 -0.81
N ARG A 89 -0.23 9.86 -1.16
CA ARG A 89 0.19 8.90 -0.14
C ARG A 89 1.30 9.49 0.73
N LYS A 90 2.25 10.13 0.08
CA LYS A 90 3.36 10.75 0.79
C LYS A 90 2.88 11.86 1.71
N TYR A 91 2.04 12.74 1.16
CA TYR A 91 1.49 13.86 1.94
C TYR A 91 0.67 13.34 3.11
N TRP A 92 -0.21 12.38 2.83
CA TRP A 92 -1.07 11.81 3.87
C TRP A 92 -0.43 10.56 4.46
N TRP A 93 -0.13 10.60 5.76
CA TRP A 93 0.49 9.47 6.44
C TRP A 93 -0.58 8.46 6.85
N LYS A 94 -0.30 7.18 6.59
CA LYS A 94 -1.24 6.12 6.92
C LYS A 94 -1.13 5.78 8.40
N ASN A 95 -2.27 5.76 9.10
CA ASN A 95 -2.29 5.43 10.52
C ASN A 95 -3.48 4.55 10.86
N LEU A 96 -3.93 3.78 9.87
CA LEU A 96 -5.06 2.89 10.08
C LEU A 96 -4.74 1.83 11.13
N LYS A 97 -3.48 1.41 11.16
CA LYS A 97 -3.05 0.39 12.10
C LYS A 97 -3.29 0.86 13.53
N MET A 98 -3.03 2.13 13.78
CA MET A 98 -3.22 2.69 15.12
C MET A 98 -4.70 2.64 15.50
N MET A 99 -5.57 2.88 14.52
CA MET A 99 -7.01 2.86 14.77
C MET A 99 -7.46 1.49 15.25
N ILE A 100 -6.83 0.45 14.71
CA ILE A 100 -7.18 -0.91 15.09
C ILE A 100 -6.92 -1.14 16.57
N ILE A 101 -5.80 -0.63 17.07
CA ILE A 101 -5.46 -0.81 18.47
C ILE A 101 -6.55 -0.22 19.37
N LEU A 102 -6.97 1.00 19.05
CA LEU A 102 -8.01 1.67 19.83
C LEU A 102 -9.33 0.91 19.71
N GLY A 103 -9.60 0.39 18.52
CA GLY A 103 -10.83 -0.35 18.29
C GLY A 103 -10.93 -1.54 19.24
N VAL A 104 -9.81 -2.20 19.49
CA VAL A 104 -9.80 -3.36 20.37
C VAL A 104 -10.25 -2.96 21.77
N ILE A 105 -9.66 -1.87 22.30
CA ILE A 105 -10.01 -1.40 23.64
C ILE A 105 -11.48 -1.00 23.70
N CYS A 106 -11.90 -0.23 22.72
CA CYS A 106 -13.29 0.22 22.67
C CYS A 106 -14.24 -0.97 22.62
N ALA A 107 -13.85 -2.00 21.88
CA ALA A 107 -14.67 -3.20 21.77
C ALA A 107 -14.99 -3.76 23.15
N ILE A 108 -14.04 -3.63 24.07
CA ILE A 108 -14.23 -4.13 25.42
C ILE A 108 -15.36 -3.38 26.12
N ILE A 109 -15.40 -2.07 25.92
CA ILE A 109 -16.43 -1.25 26.54
C ILE A 109 -17.81 -1.68 26.07
N LEU A 110 -17.95 -1.93 24.77
CA LEU A 110 -19.23 -2.36 24.22
C LEU A 110 -19.66 -3.69 24.82
N ILE A 111 -18.71 -4.60 24.98
CA ILE A 111 -19.02 -5.91 25.55
C ILE A 111 -19.52 -5.76 26.99
N ILE A 112 -18.85 -4.90 27.75
CA ILE A 112 -19.23 -4.69 29.15
C ILE A 112 -20.64 -4.12 29.23
N ILE A 113 -20.94 -3.16 28.36
CA ILE A 113 -22.27 -2.54 28.37
C ILE A 113 -23.34 -3.57 28.05
N ILE A 114 -23.07 -4.43 27.07
CA ILE A 114 -24.02 -5.46 26.69
C ILE A 114 -24.28 -6.42 27.84
N VAL A 115 -23.22 -6.79 28.55
CA VAL A 115 -23.35 -7.71 29.67
C VAL A 115 -24.32 -7.15 30.69
N TYR A 116 -24.39 -5.82 30.77
CA TYR A 116 -25.29 -5.17 31.71
C TYR A 116 -26.60 -4.79 31.02
N PHE A 117 -26.58 -4.76 29.70
CA PHE A 117 -27.77 -4.41 28.94
C PHE A 117 -28.90 -5.39 29.22
N SER A 118 -28.57 -6.67 29.18
CA SER A 118 -29.55 -7.72 29.42
C SER A 118 -30.12 -7.63 30.82
N THR A 119 -29.38 -6.96 31.71
CA THR A 119 -29.80 -6.79 33.11
C THR A 119 -30.59 -8.00 33.60
N MET A 4 -42.09 64.44 -21.75
CA MET A 4 -42.42 63.98 -20.38
C MET A 4 -41.21 64.19 -19.47
N SER A 5 -41.45 64.84 -18.32
CA SER A 5 -40.38 65.10 -17.37
C SER A 5 -39.79 63.79 -16.85
N ALA A 6 -40.66 62.79 -16.66
CA ALA A 6 -40.21 61.50 -16.17
C ALA A 6 -39.35 60.79 -17.23
N THR A 7 -38.31 60.10 -16.77
CA THR A 7 -37.41 59.38 -17.67
C THR A 7 -37.06 58.02 -17.10
N ALA A 8 -36.68 57.09 -17.98
CA ALA A 8 -36.33 55.75 -17.56
C ALA A 8 -35.48 55.05 -18.62
N ALA A 9 -34.61 54.15 -18.19
CA ALA A 9 -33.75 53.43 -19.12
C ALA A 9 -33.16 52.20 -18.43
N THR A 10 -32.80 51.20 -19.24
CA THR A 10 -32.21 49.97 -18.70
C THR A 10 -31.01 49.57 -19.51
N VAL A 11 -30.11 48.81 -18.90
CA VAL A 11 -28.90 48.35 -19.61
C VAL A 11 -28.54 46.92 -19.17
N PRO A 12 -28.31 46.02 -20.10
CA PRO A 12 -27.93 44.62 -19.77
C PRO A 12 -26.50 44.50 -19.25
N PRO A 13 -26.18 43.42 -18.60
CA PRO A 13 -24.81 43.17 -18.05
C PRO A 13 -23.76 43.08 -19.15
N ALA A 14 -24.19 42.64 -20.33
CA ALA A 14 -23.27 42.51 -21.46
C ALA A 14 -21.96 41.89 -21.02
N ALA A 15 -22.03 40.99 -20.04
CA ALA A 15 -20.84 40.32 -19.53
C ALA A 15 -21.19 38.98 -18.90
N PRO A 16 -21.85 38.12 -19.64
CA PRO A 16 -22.26 36.77 -19.14
C PRO A 16 -21.06 35.85 -18.95
N ALA A 17 -21.20 34.90 -18.03
CA ALA A 17 -20.13 33.96 -17.75
C ALA A 17 -19.94 33.02 -18.93
N GLY A 18 -18.68 32.69 -19.23
CA GLY A 18 -18.38 31.80 -20.34
C GLY A 18 -16.97 31.23 -20.20
N GLU A 19 -16.86 30.12 -19.47
CA GLU A 19 -15.57 29.48 -19.27
C GLU A 19 -14.54 30.48 -18.73
N GLY A 20 -15.02 31.43 -17.92
CA GLY A 20 -14.15 32.44 -17.34
C GLY A 20 -13.26 31.84 -16.26
N GLY A 21 -12.29 32.61 -15.81
CA GLY A 21 -11.37 32.14 -14.78
C GLY A 21 -10.40 33.23 -14.36
N PRO A 22 -9.72 33.05 -13.26
CA PRO A 22 -8.74 34.05 -12.74
C PRO A 22 -7.52 34.19 -13.66
N PRO A 23 -6.79 35.26 -13.52
CA PRO A 23 -5.56 35.51 -14.34
C PRO A 23 -4.43 34.56 -13.96
N ALA A 24 -3.31 34.67 -14.68
CA ALA A 24 -2.16 33.82 -14.42
C ALA A 24 -0.87 34.57 -14.73
N PRO A 25 -0.50 35.50 -13.87
CA PRO A 25 0.73 36.31 -14.05
C PRO A 25 1.99 35.54 -13.64
N PRO A 26 3.13 35.99 -14.10
CA PRO A 26 4.43 35.33 -13.78
C PRO A 26 4.80 35.48 -12.30
N PRO A 27 5.69 34.66 -11.82
CA PRO A 27 6.15 34.70 -10.40
C PRO A 27 6.93 35.99 -10.09
N ASN A 28 6.81 36.46 -8.86
CA ASN A 28 7.51 37.67 -8.43
C ASN A 28 7.78 37.64 -6.93
N LEU A 29 8.88 38.25 -6.52
CA LEU A 29 9.24 38.29 -5.10
C LEU A 29 8.48 39.40 -4.40
N THR A 30 7.23 39.14 -4.07
CA THR A 30 6.41 40.13 -3.38
C THR A 30 7.00 40.47 -2.02
N SER A 31 7.40 39.44 -1.28
CA SER A 31 7.99 39.65 0.04
C SER A 31 8.85 38.45 0.42
N ASN A 32 9.71 38.65 1.42
CA ASN A 32 10.59 37.58 1.89
C ASN A 32 9.79 36.55 2.69
N ARG A 33 10.40 35.39 2.92
CA ARG A 33 9.74 34.32 3.66
C ARG A 33 9.34 34.82 5.05
N ARG A 34 8.09 35.25 5.17
CA ARG A 34 7.57 35.74 6.45
C ARG A 34 7.60 34.65 7.51
N LEU A 35 7.32 33.42 7.10
CA LEU A 35 7.30 32.29 8.01
C LEU A 35 8.69 32.10 8.64
N GLN A 36 9.72 32.20 7.82
CA GLN A 36 11.08 32.03 8.30
C GLN A 36 11.43 33.15 9.28
N GLN A 37 11.00 34.36 8.96
CA GLN A 37 11.27 35.52 9.81
C GLN A 37 10.59 35.36 11.16
N THR A 38 9.47 34.65 11.18
CA THR A 38 8.74 34.45 12.42
C THR A 38 9.42 33.40 13.29
N GLN A 39 8.89 33.20 14.49
CA GLN A 39 9.45 32.22 15.41
C GLN A 39 8.98 30.81 15.05
N ALA A 40 8.00 30.73 14.16
CA ALA A 40 7.48 29.44 13.74
C ALA A 40 8.61 28.52 13.28
N GLN A 41 9.80 29.09 13.10
CA GLN A 41 10.95 28.32 12.66
C GLN A 41 11.22 27.18 13.64
N VAL A 42 10.86 27.38 14.89
CA VAL A 42 11.07 26.36 15.91
C VAL A 42 10.28 25.10 15.57
N ASP A 43 9.45 25.19 14.53
CA ASP A 43 8.65 24.05 14.10
C ASP A 43 9.55 22.91 13.63
N GLU A 44 10.65 23.27 12.99
CA GLU A 44 11.59 22.26 12.48
C GLU A 44 12.25 21.51 13.63
N VAL A 45 12.55 22.24 14.71
CA VAL A 45 13.19 21.62 15.87
C VAL A 45 12.36 20.43 16.36
N VAL A 46 11.12 20.36 15.93
CA VAL A 46 10.23 19.27 16.32
C VAL A 46 10.79 17.93 15.85
N ASP A 47 11.26 17.89 14.61
CA ASP A 47 11.81 16.66 14.05
C ASP A 47 13.04 16.22 14.82
N ILE A 48 13.82 17.19 15.30
CA ILE A 48 15.03 16.88 16.06
C ILE A 48 14.67 16.16 17.36
N MET A 49 13.65 16.65 18.04
CA MET A 49 13.21 16.05 19.29
C MET A 49 12.74 14.62 19.06
N ARG A 50 12.06 14.40 17.94
CA ARG A 50 11.55 13.08 17.62
C ARG A 50 12.70 12.08 17.47
N VAL A 51 13.78 12.53 16.84
CA VAL A 51 14.94 11.68 16.63
C VAL A 51 15.57 11.31 17.97
N ASN A 52 15.69 12.28 18.86
CA ASN A 52 16.29 12.03 20.17
C ASN A 52 15.49 10.97 20.90
N VAL A 53 14.17 11.04 20.80
CA VAL A 53 13.31 10.07 21.46
C VAL A 53 13.50 8.67 20.87
N ASP A 54 13.57 8.62 19.55
CA ASP A 54 13.75 7.35 18.86
C ASP A 54 15.18 6.84 19.00
N LYS A 55 16.08 7.73 19.43
CA LYS A 55 17.48 7.38 19.60
C LYS A 55 17.63 6.38 20.74
N VAL A 56 16.78 6.51 21.74
CA VAL A 56 16.84 5.62 22.89
C VAL A 56 16.53 4.18 22.48
N LEU A 57 15.48 4.03 21.66
CA LEU A 57 15.08 2.70 21.19
C LEU A 57 15.87 2.31 19.94
N GLU A 58 17.10 2.78 19.86
CA GLU A 58 17.95 2.46 18.72
C GLU A 58 18.33 0.99 18.73
N ARG A 59 19.27 0.63 17.86
CA ARG A 59 19.72 -0.75 17.76
C ARG A 59 20.63 -1.11 18.94
N ASP A 60 20.54 -2.36 19.39
CA ASP A 60 21.36 -2.81 20.51
C ASP A 60 22.84 -2.75 20.16
N GLN A 61 23.66 -2.34 21.11
CA GLN A 61 25.09 -2.25 20.89
C GLN A 61 25.65 -3.56 20.31
N LYS A 62 26.23 -4.39 21.17
CA LYS A 62 26.79 -5.67 20.75
C LYS A 62 26.52 -6.74 21.79
N LEU A 63 25.29 -6.78 22.29
CA LEU A 63 24.92 -7.76 23.31
C LEU A 63 25.02 -9.17 22.74
N SER A 64 24.56 -9.34 21.51
CA SER A 64 24.60 -10.64 20.86
C SER A 64 24.66 -10.49 19.35
N GLU A 65 23.50 -10.29 18.73
CA GLU A 65 23.42 -10.12 17.27
C GLU A 65 23.83 -11.40 16.55
N LEU A 66 24.71 -12.19 17.19
CA LEU A 66 25.18 -13.44 16.62
C LEU A 66 24.28 -14.59 17.03
N ASP A 67 23.20 -14.27 17.72
CA ASP A 67 22.27 -15.30 18.16
C ASP A 67 21.83 -16.16 16.98
N ASP A 68 20.60 -15.98 16.53
CA ASP A 68 20.08 -16.75 15.41
C ASP A 68 18.96 -15.99 14.71
N ARG A 69 18.13 -15.30 15.50
CA ARG A 69 17.02 -14.54 14.94
C ARG A 69 17.54 -13.43 14.05
N ALA A 70 18.58 -12.74 14.50
CA ALA A 70 19.16 -11.65 13.73
C ALA A 70 19.75 -12.17 12.42
N ASP A 71 20.34 -13.36 12.48
CA ASP A 71 20.94 -13.95 11.29
C ASP A 71 19.87 -14.21 10.23
N ALA A 72 18.73 -14.71 10.67
CA ALA A 72 17.63 -15.00 9.76
C ALA A 72 18.07 -15.96 8.67
N LEU A 73 18.50 -17.15 9.07
CA LEU A 73 18.97 -18.15 8.11
C LEU A 73 17.84 -18.55 7.17
N GLN A 74 16.66 -18.74 7.73
CA GLN A 74 15.51 -19.13 6.93
C GLN A 74 15.39 -18.24 5.70
N ALA A 75 14.65 -17.13 5.85
CA ALA A 75 14.46 -16.21 4.74
C ALA A 75 13.39 -15.17 5.10
N GLY A 76 13.38 -14.08 4.36
CA GLY A 76 12.40 -13.02 4.60
C GLY A 76 12.57 -12.42 5.99
N ALA A 77 11.44 -12.14 6.64
CA ALA A 77 11.48 -11.56 7.99
C ALA A 77 10.07 -11.44 8.55
N SER A 78 9.10 -11.22 7.68
CA SER A 78 7.71 -11.09 8.11
C SER A 78 6.77 -11.42 6.96
N GLN A 79 5.50 -11.63 7.29
CA GLN A 79 4.50 -11.95 6.27
C GLN A 79 4.10 -10.71 5.48
N PHE A 80 2.83 -10.33 5.56
CA PHE A 80 2.34 -9.15 4.86
C PHE A 80 2.32 -7.94 5.79
N GLU A 81 2.72 -8.15 7.03
CA GLU A 81 2.75 -7.07 8.01
C GLU A 81 3.73 -5.98 7.57
N THR A 82 4.87 -6.41 7.04
CA THR A 82 5.89 -5.46 6.58
C THR A 82 5.37 -4.67 5.39
N SER A 83 4.60 -5.32 4.53
CA SER A 83 4.05 -4.66 3.35
C SER A 83 3.14 -3.50 3.76
N ALA A 84 2.32 -3.73 4.76
CA ALA A 84 1.40 -2.70 5.24
C ALA A 84 2.18 -1.50 5.80
N ALA A 85 3.27 -1.80 6.50
CA ALA A 85 4.09 -0.75 7.08
C ALA A 85 4.68 0.14 5.99
N LYS A 86 5.08 -0.47 4.88
CA LYS A 86 5.64 0.28 3.78
C LYS A 86 4.64 1.27 3.21
N LEU A 87 3.41 0.79 3.02
CA LEU A 87 2.36 1.63 2.46
C LEU A 87 2.07 2.78 3.41
N LYS A 88 2.06 2.49 4.70
CA LYS A 88 1.78 3.53 5.69
C LYS A 88 2.86 4.60 5.65
N ARG A 89 4.11 4.19 5.51
CA ARG A 89 5.23 5.12 5.47
C ARG A 89 5.16 6.00 4.23
N LYS A 90 4.73 5.42 3.13
CA LYS A 90 4.64 6.15 1.87
C LYS A 90 3.84 7.45 2.07
N TYR A 91 2.80 7.38 2.87
CA TYR A 91 1.99 8.55 3.15
C TYR A 91 2.72 9.50 4.09
N TRP A 92 2.29 10.76 4.11
CA TRP A 92 2.92 11.76 4.96
C TRP A 92 3.13 11.21 6.36
N TRP A 93 2.07 10.73 6.98
CA TRP A 93 2.16 10.17 8.32
C TRP A 93 0.83 9.55 8.74
N LYS A 94 0.65 8.26 8.42
CA LYS A 94 -0.58 7.55 8.76
C LYS A 94 -0.30 6.46 9.79
N ASN A 95 -1.28 6.19 10.64
CA ASN A 95 -1.14 5.16 11.68
C ASN A 95 -2.37 4.27 11.73
N LEU A 96 -2.56 3.50 10.66
CA LEU A 96 -3.70 2.59 10.57
C LEU A 96 -3.61 1.54 11.68
N LYS A 97 -2.40 1.07 11.94
CA LYS A 97 -2.22 0.05 12.96
C LYS A 97 -2.73 0.53 14.31
N MET A 98 -2.42 1.78 14.64
CA MET A 98 -2.85 2.34 15.91
C MET A 98 -4.36 2.45 15.95
N MET A 99 -4.96 2.83 14.83
CA MET A 99 -6.41 2.97 14.76
C MET A 99 -7.09 1.63 15.04
N ILE A 100 -6.52 0.56 14.49
CA ILE A 100 -7.08 -0.78 14.68
C ILE A 100 -7.01 -1.16 16.15
N ILE A 101 -5.88 -0.89 16.79
CA ILE A 101 -5.70 -1.23 18.19
C ILE A 101 -6.70 -0.47 19.06
N LEU A 102 -6.89 0.80 18.76
CA LEU A 102 -7.82 1.63 19.51
C LEU A 102 -9.25 1.11 19.37
N GLY A 103 -9.59 0.68 18.17
CA GLY A 103 -10.93 0.16 17.92
C GLY A 103 -11.20 -1.09 18.77
N VAL A 104 -10.17 -1.88 18.99
CA VAL A 104 -10.32 -3.10 19.78
C VAL A 104 -10.75 -2.76 21.21
N ILE A 105 -10.07 -1.78 21.80
CA ILE A 105 -10.39 -1.38 23.17
C ILE A 105 -11.84 -0.91 23.28
N CYS A 106 -12.21 -0.04 22.36
CA CYS A 106 -13.58 0.48 22.34
C CYS A 106 -14.58 -0.66 22.26
N ALA A 107 -14.22 -1.72 21.54
CA ALA A 107 -15.12 -2.86 21.39
C ALA A 107 -15.51 -3.41 22.75
N ILE A 108 -14.57 -3.43 23.67
CA ILE A 108 -14.84 -3.94 25.01
C ILE A 108 -15.90 -3.07 25.70
N ILE A 109 -15.79 -1.77 25.51
CA ILE A 109 -16.73 -0.85 26.13
C ILE A 109 -18.17 -1.19 25.71
N LEU A 110 -18.37 -1.36 24.42
CA LEU A 110 -19.71 -1.69 23.92
C LEU A 110 -20.19 -3.03 24.47
N ILE A 111 -19.27 -4.00 24.53
CA ILE A 111 -19.62 -5.32 25.01
C ILE A 111 -20.07 -5.27 26.46
N ILE A 112 -19.36 -4.50 27.28
CA ILE A 112 -19.70 -4.41 28.69
C ILE A 112 -21.18 -4.04 28.85
N ILE A 113 -21.68 -3.24 27.93
CA ILE A 113 -23.06 -2.80 27.99
C ILE A 113 -24.01 -3.97 27.80
N ILE A 114 -23.68 -4.84 26.86
CA ILE A 114 -24.54 -6.00 26.59
C ILE A 114 -24.67 -6.87 27.83
N VAL A 115 -23.56 -7.24 28.42
CA VAL A 115 -23.57 -8.07 29.61
C VAL A 115 -24.15 -7.31 30.78
N TYR A 116 -23.74 -6.05 30.92
CA TYR A 116 -24.22 -5.22 32.00
C TYR A 116 -25.74 -5.08 31.96
N PHE A 117 -26.25 -4.86 30.76
CA PHE A 117 -27.69 -4.70 30.58
C PHE A 117 -28.43 -5.95 31.04
N SER A 118 -27.90 -7.10 30.66
CA SER A 118 -28.51 -8.38 31.03
C SER A 118 -28.05 -8.82 32.40
N THR A 119 -27.08 -8.09 32.97
CA THR A 119 -26.55 -8.41 34.28
C THR A 119 -26.16 -7.13 35.03
N MET A 4 -7.16 -40.85 -7.37
CA MET A 4 -7.87 -39.55 -7.16
C MET A 4 -7.12 -38.72 -6.15
N SER A 5 -6.61 -37.58 -6.57
CA SER A 5 -5.86 -36.69 -5.69
C SER A 5 -5.97 -35.25 -6.15
N ALA A 6 -5.93 -34.31 -5.20
CA ALA A 6 -6.03 -32.89 -5.53
C ALA A 6 -4.80 -32.44 -6.31
N THR A 7 -5.01 -31.54 -7.27
CA THR A 7 -3.91 -31.03 -8.08
C THR A 7 -3.12 -29.97 -7.32
N ALA A 8 -1.93 -29.65 -7.81
CA ALA A 8 -1.09 -28.65 -7.17
C ALA A 8 -1.74 -27.27 -7.27
N ALA A 9 -1.62 -26.49 -6.20
CA ALA A 9 -2.19 -25.14 -6.18
C ALA A 9 -1.18 -24.13 -6.70
N THR A 10 -1.53 -23.47 -7.80
CA THR A 10 -0.65 -22.47 -8.40
C THR A 10 -1.46 -21.24 -8.81
N VAL A 11 -0.76 -20.11 -8.93
CA VAL A 11 -1.42 -18.85 -9.31
C VAL A 11 -0.49 -18.01 -10.17
N PRO A 12 -0.12 -18.51 -11.31
CA PRO A 12 0.79 -17.79 -12.24
C PRO A 12 0.10 -16.62 -12.95
N PRO A 13 0.86 -15.74 -13.56
CA PRO A 13 0.29 -14.59 -14.30
C PRO A 13 -0.80 -15.00 -15.29
N ALA A 14 -1.87 -14.22 -15.35
CA ALA A 14 -2.98 -14.52 -16.24
C ALA A 14 -2.64 -14.08 -17.67
N ALA A 15 -1.56 -13.31 -17.80
CA ALA A 15 -1.14 -12.83 -19.12
C ALA A 15 -2.23 -11.96 -19.74
N PRO A 16 -2.68 -10.96 -19.03
CA PRO A 16 -3.74 -10.03 -19.51
C PRO A 16 -3.27 -9.18 -20.70
N ALA A 17 -1.95 -9.06 -20.83
CA ALA A 17 -1.38 -8.27 -21.93
C ALA A 17 -1.63 -8.95 -23.26
N GLY A 18 -1.90 -8.15 -24.28
CA GLY A 18 -2.16 -8.68 -25.62
C GLY A 18 -1.93 -7.62 -26.68
N GLU A 19 -0.71 -7.57 -27.21
CA GLU A 19 -0.37 -6.59 -28.24
C GLU A 19 -1.16 -6.88 -29.53
N GLY A 20 -1.64 -5.81 -30.15
CA GLY A 20 -2.40 -5.96 -31.39
C GLY A 20 -3.07 -4.64 -31.77
N GLY A 21 -3.11 -4.36 -33.06
CA GLY A 21 -3.72 -3.12 -33.56
C GLY A 21 -3.67 -3.07 -35.08
N PRO A 22 -4.52 -3.83 -35.73
CA PRO A 22 -4.58 -3.87 -37.22
C PRO A 22 -4.71 -2.47 -37.83
N PRO A 23 -4.30 -2.30 -39.06
CA PRO A 23 -4.39 -0.99 -39.77
C PRO A 23 -5.84 -0.56 -39.99
N ALA A 24 -6.74 -1.53 -40.08
CA ALA A 24 -8.15 -1.25 -40.29
C ALA A 24 -8.32 -0.15 -41.35
N PRO A 25 -8.03 -0.47 -42.59
CA PRO A 25 -8.13 0.50 -43.71
C PRO A 25 -9.50 1.20 -43.75
N PRO A 26 -9.57 2.36 -44.33
CA PRO A 26 -10.83 3.13 -44.43
C PRO A 26 -11.87 2.43 -45.31
N PRO A 27 -13.11 2.87 -45.27
CA PRO A 27 -14.19 2.28 -46.12
C PRO A 27 -13.83 2.25 -47.60
N ASN A 28 -14.25 1.19 -48.28
CA ASN A 28 -13.96 1.05 -49.70
C ASN A 28 -14.68 2.13 -50.51
N LEU A 29 -13.97 2.70 -51.48
CA LEU A 29 -14.54 3.76 -52.31
C LEU A 29 -15.53 3.15 -53.32
N THR A 30 -16.55 3.93 -53.67
CA THR A 30 -17.55 3.47 -54.62
C THR A 30 -18.04 2.08 -54.26
N SER A 31 -18.45 1.31 -55.26
CA SER A 31 -18.95 -0.04 -55.04
C SER A 31 -19.89 -0.07 -53.83
N ASN A 32 -20.10 -1.27 -53.30
CA ASN A 32 -20.98 -1.43 -52.14
C ASN A 32 -22.36 -0.82 -52.43
N ARG A 33 -23.29 -1.65 -52.88
CA ARG A 33 -24.63 -1.18 -53.18
C ARG A 33 -25.43 -0.95 -51.90
N ARG A 34 -24.76 -0.40 -50.89
CA ARG A 34 -25.40 -0.13 -49.62
C ARG A 34 -26.32 1.08 -49.72
N LEU A 35 -26.80 1.35 -50.93
CA LEU A 35 -27.68 2.50 -51.15
C LEU A 35 -28.98 2.34 -50.38
N GLN A 36 -29.53 1.13 -50.38
CA GLN A 36 -30.78 0.87 -49.68
C GLN A 36 -30.62 1.20 -48.20
N GLN A 37 -29.47 0.87 -47.64
CA GLN A 37 -29.22 1.14 -46.23
C GLN A 37 -29.24 2.63 -45.96
N THR A 38 -28.85 3.42 -46.95
CA THR A 38 -28.83 4.88 -46.80
C THR A 38 -30.24 5.42 -46.54
N GLN A 39 -31.19 4.94 -47.31
CA GLN A 39 -32.58 5.38 -47.17
C GLN A 39 -33.09 5.07 -45.77
N ALA A 40 -32.72 3.90 -45.25
CA ALA A 40 -33.15 3.50 -43.92
C ALA A 40 -32.43 4.31 -42.85
N GLN A 41 -31.38 5.02 -43.25
CA GLN A 41 -30.61 5.83 -42.32
C GLN A 41 -31.47 6.97 -41.77
N VAL A 42 -32.47 7.37 -42.55
CA VAL A 42 -33.36 8.45 -42.13
C VAL A 42 -34.14 8.07 -40.88
N ASP A 43 -34.68 6.85 -40.89
CA ASP A 43 -35.44 6.36 -39.74
C ASP A 43 -34.54 6.20 -38.53
N GLU A 44 -33.32 5.75 -38.77
CA GLU A 44 -32.36 5.54 -37.69
C GLU A 44 -32.11 6.84 -36.93
N VAL A 45 -32.44 7.97 -37.56
CA VAL A 45 -32.24 9.27 -36.94
C VAL A 45 -32.80 9.27 -35.52
N VAL A 46 -33.78 8.40 -35.29
CA VAL A 46 -34.41 8.31 -33.98
C VAL A 46 -33.38 7.91 -32.92
N ASP A 47 -32.55 6.92 -33.26
CA ASP A 47 -31.53 6.45 -32.34
C ASP A 47 -30.60 7.57 -31.93
N ILE A 48 -30.17 8.36 -32.91
CA ILE A 48 -29.27 9.48 -32.66
C ILE A 48 -29.95 10.53 -31.79
N MET A 49 -31.22 10.81 -32.09
CA MET A 49 -31.96 11.80 -31.33
C MET A 49 -32.09 11.38 -29.87
N ARG A 50 -32.34 10.10 -29.65
CA ARG A 50 -32.47 9.58 -28.29
C ARG A 50 -31.17 9.74 -27.52
N VAL A 51 -30.06 9.50 -28.21
CA VAL A 51 -28.75 9.62 -27.58
C VAL A 51 -28.49 11.06 -27.15
N ASN A 52 -28.82 12.00 -28.04
CA ASN A 52 -28.60 13.41 -27.74
C ASN A 52 -29.41 13.82 -26.52
N VAL A 53 -30.65 13.36 -26.45
CA VAL A 53 -31.53 13.68 -25.33
C VAL A 53 -31.08 12.96 -24.06
N ASP A 54 -30.45 11.82 -24.26
CA ASP A 54 -29.97 11.02 -23.12
C ASP A 54 -29.03 11.84 -22.25
N LYS A 55 -28.67 13.03 -22.73
CA LYS A 55 -27.78 13.91 -21.99
C LYS A 55 -28.42 14.32 -20.67
N VAL A 56 -29.73 14.19 -20.59
CA VAL A 56 -30.45 14.56 -19.38
C VAL A 56 -30.02 13.68 -18.23
N LEU A 57 -29.75 12.42 -18.53
CA LEU A 57 -29.35 11.48 -17.49
C LEU A 57 -28.03 11.92 -16.85
N GLU A 58 -27.10 12.34 -17.69
CA GLU A 58 -25.80 12.76 -17.20
C GLU A 58 -25.96 13.95 -16.25
N ARG A 59 -25.16 14.98 -16.47
CA ARG A 59 -25.21 16.18 -15.62
C ARG A 59 -24.96 15.81 -14.17
N ASP A 60 -24.46 16.78 -13.40
CA ASP A 60 -24.18 16.54 -11.99
C ASP A 60 -23.32 15.30 -11.80
N GLN A 61 -22.01 15.48 -11.89
CA GLN A 61 -21.07 14.37 -11.72
C GLN A 61 -19.82 14.83 -10.98
N LYS A 62 -19.24 13.92 -10.20
CA LYS A 62 -18.04 14.23 -9.44
C LYS A 62 -16.89 14.59 -10.37
N LEU A 63 -16.73 13.80 -11.44
CA LEU A 63 -15.66 14.04 -12.38
C LEU A 63 -16.09 15.09 -13.41
N SER A 64 -15.22 16.07 -13.63
CA SER A 64 -15.52 17.14 -14.58
C SER A 64 -14.31 18.04 -14.78
N GLU A 65 -13.79 18.58 -13.69
CA GLU A 65 -12.64 19.46 -13.76
C GLU A 65 -12.02 19.64 -12.37
N LEU A 66 -12.87 19.77 -11.37
CA LEU A 66 -12.41 19.97 -10.00
C LEU A 66 -12.02 18.63 -9.38
N ASP A 67 -10.85 18.60 -8.74
CA ASP A 67 -10.38 17.38 -8.11
C ASP A 67 -9.42 17.71 -6.95
N ASP A 68 -9.26 16.77 -6.03
CA ASP A 68 -8.38 16.96 -4.90
C ASP A 68 -8.74 18.25 -4.15
N ARG A 69 -8.15 18.43 -2.98
CA ARG A 69 -8.41 19.62 -2.18
C ARG A 69 -9.91 19.87 -2.08
N ALA A 70 -10.55 19.22 -1.11
CA ALA A 70 -11.99 19.38 -0.91
C ALA A 70 -12.35 19.21 0.56
N ASP A 71 -13.30 20.00 1.03
CA ASP A 71 -13.73 19.94 2.43
C ASP A 71 -12.53 20.14 3.36
N ALA A 72 -11.54 20.86 2.88
CA ALA A 72 -10.34 21.12 3.69
C ALA A 72 -10.60 22.21 4.71
N LEU A 73 -11.01 23.38 4.23
CA LEU A 73 -11.30 24.50 5.12
C LEU A 73 -10.23 24.62 6.21
N GLN A 74 -9.08 24.02 5.98
CA GLN A 74 -8.00 24.05 6.94
C GLN A 74 -7.53 25.48 7.17
N ALA A 75 -7.42 25.87 8.44
CA ALA A 75 -6.99 27.22 8.78
C ALA A 75 -5.54 27.44 8.36
N GLY A 76 -5.23 28.63 7.88
CA GLY A 76 -3.88 28.96 7.44
C GLY A 76 -3.08 29.61 8.56
N ALA A 77 -3.65 29.59 9.76
CA ALA A 77 -2.98 30.20 10.91
C ALA A 77 -1.66 29.48 11.19
N SER A 78 -1.67 28.17 11.08
CA SER A 78 -0.46 27.38 11.33
C SER A 78 0.53 27.56 10.17
N GLN A 79 1.82 27.45 10.49
CA GLN A 79 2.85 27.58 9.48
C GLN A 79 2.66 26.55 8.37
N PHE A 80 3.60 26.52 7.43
CA PHE A 80 3.53 25.58 6.32
C PHE A 80 4.07 24.21 6.73
N GLU A 81 4.52 24.12 7.98
CA GLU A 81 5.05 22.86 8.50
C GLU A 81 3.92 21.92 8.91
N THR A 82 2.86 22.48 9.47
CA THR A 82 1.73 21.69 9.90
C THR A 82 1.07 20.98 8.72
N SER A 83 0.89 21.71 7.63
CA SER A 83 0.28 21.14 6.44
C SER A 83 1.13 20.00 5.89
N ALA A 84 2.45 20.21 5.86
CA ALA A 84 3.37 19.19 5.36
C ALA A 84 3.32 17.95 6.24
N ALA A 85 3.18 18.16 7.56
CA ALA A 85 3.13 17.05 8.49
C ALA A 85 2.00 16.09 8.13
N LYS A 86 0.81 16.65 7.88
CA LYS A 86 -0.34 15.82 7.52
C LYS A 86 -0.08 15.08 6.23
N LEU A 87 0.52 15.76 5.26
CA LEU A 87 0.81 15.15 3.97
C LEU A 87 1.77 13.98 4.15
N LYS A 88 2.77 14.17 5.00
CA LYS A 88 3.76 13.14 5.25
C LYS A 88 3.10 11.89 5.81
N ARG A 89 2.07 12.08 6.64
CA ARG A 89 1.38 10.96 7.26
C ARG A 89 0.68 10.12 6.21
N LYS A 90 0.02 10.78 5.26
CA LYS A 90 -0.70 10.09 4.18
C LYS A 90 0.08 10.15 2.88
N TYR A 91 1.40 10.19 2.98
CA TYR A 91 2.25 10.26 1.79
C TYR A 91 2.01 9.05 0.90
N TRP A 92 1.99 7.86 1.52
CA TRP A 92 1.78 6.62 0.76
C TRP A 92 1.04 5.59 1.63
N TRP A 93 1.09 5.80 2.93
CA TRP A 93 0.42 4.89 3.86
C TRP A 93 0.23 5.55 5.22
N LYS A 94 -1.02 5.76 5.60
CA LYS A 94 -1.33 6.38 6.89
C LYS A 94 -1.21 5.35 8.02
N ASN A 95 -0.98 5.84 9.22
CA ASN A 95 -0.85 4.97 10.38
C ASN A 95 -2.23 4.50 10.85
N LEU A 96 -2.84 3.59 10.10
CA LEU A 96 -4.15 3.08 10.44
C LEU A 96 -4.02 1.93 11.45
N LYS A 97 -2.79 1.53 11.72
CA LYS A 97 -2.54 0.45 12.66
C LYS A 97 -2.98 0.85 14.06
N MET A 98 -2.84 2.14 14.38
CA MET A 98 -3.24 2.64 15.69
C MET A 98 -4.74 2.51 15.88
N MET A 99 -5.49 2.78 14.82
CA MET A 99 -6.95 2.70 14.88
C MET A 99 -7.39 1.28 15.21
N ILE A 100 -6.66 0.30 14.68
CA ILE A 100 -6.98 -1.10 14.93
C ILE A 100 -6.89 -1.42 16.41
N ILE A 101 -5.82 -0.99 17.05
CA ILE A 101 -5.63 -1.24 18.47
C ILE A 101 -6.70 -0.54 19.28
N LEU A 102 -6.98 0.70 18.92
CA LEU A 102 -7.98 1.48 19.62
C LEU A 102 -9.35 0.83 19.50
N GLY A 103 -9.64 0.30 18.32
CA GLY A 103 -10.93 -0.36 18.09
C GLY A 103 -11.14 -1.52 19.05
N VAL A 104 -10.04 -2.20 19.38
CA VAL A 104 -10.12 -3.34 20.29
C VAL A 104 -10.58 -2.89 21.67
N ILE A 105 -10.01 -1.80 22.16
CA ILE A 105 -10.36 -1.28 23.48
C ILE A 105 -11.82 -0.84 23.52
N CYS A 106 -12.21 -0.15 22.46
CA CYS A 106 -13.60 0.34 22.36
C CYS A 106 -14.57 -0.83 22.31
N ALA A 107 -14.16 -1.90 21.65
CA ALA A 107 -15.00 -3.08 21.53
C ALA A 107 -15.31 -3.67 22.91
N ILE A 108 -14.33 -3.59 23.80
CA ILE A 108 -14.50 -4.12 25.15
C ILE A 108 -15.60 -3.37 25.89
N ILE A 109 -15.60 -2.05 25.75
CA ILE A 109 -16.59 -1.22 26.41
C ILE A 109 -17.98 -1.53 25.87
N LEU A 110 -18.07 -1.68 24.55
CA LEU A 110 -19.36 -1.96 23.93
C LEU A 110 -19.93 -3.28 24.46
N ILE A 111 -19.07 -4.29 24.55
CA ILE A 111 -19.49 -5.60 25.04
C ILE A 111 -19.97 -5.50 26.49
N ILE A 112 -19.25 -4.73 27.29
CA ILE A 112 -19.60 -4.58 28.70
C ILE A 112 -20.97 -3.92 28.83
N ILE A 113 -21.23 -2.91 28.01
CA ILE A 113 -22.51 -2.23 28.06
C ILE A 113 -23.64 -3.19 27.72
N ILE A 114 -23.43 -4.00 26.69
CA ILE A 114 -24.45 -4.96 26.28
C ILE A 114 -24.68 -6.00 27.36
N VAL A 115 -23.58 -6.50 27.94
CA VAL A 115 -23.68 -7.51 28.98
C VAL A 115 -24.20 -6.89 30.26
N TYR A 116 -23.99 -5.59 30.42
CA TYR A 116 -24.44 -4.89 31.62
C TYR A 116 -25.95 -5.00 31.77
N PHE A 117 -26.65 -4.79 30.67
CA PHE A 117 -28.11 -4.86 30.68
C PHE A 117 -28.57 -6.28 30.98
N SER A 118 -27.86 -7.25 30.43
CA SER A 118 -28.20 -8.65 30.62
C SER A 118 -27.63 -9.16 31.95
N THR A 119 -26.82 -8.33 32.60
CA THR A 119 -26.23 -8.71 33.88
C THR A 119 -27.24 -9.45 34.75
N MET A 4 84.98 43.66 -9.59
CA MET A 4 84.10 42.82 -8.74
C MET A 4 83.02 42.18 -9.62
N SER A 5 83.40 41.14 -10.37
CA SER A 5 82.47 40.46 -11.24
C SER A 5 81.30 39.90 -10.44
N ALA A 6 81.60 39.34 -9.27
CA ALA A 6 80.56 38.76 -8.42
C ALA A 6 79.81 39.86 -7.69
N THR A 7 78.54 40.04 -8.04
CA THR A 7 77.70 41.08 -7.42
C THR A 7 76.51 40.44 -6.72
N ALA A 8 76.33 40.78 -5.45
CA ALA A 8 75.22 40.24 -4.67
C ALA A 8 73.89 40.73 -5.24
N ALA A 9 72.90 39.83 -5.28
CA ALA A 9 71.59 40.20 -5.79
C ALA A 9 70.56 39.12 -5.42
N THR A 10 69.77 39.40 -4.39
CA THR A 10 68.74 38.46 -3.93
C THR A 10 67.39 39.13 -3.91
N VAL A 11 66.39 38.47 -4.50
CA VAL A 11 65.04 39.01 -4.54
C VAL A 11 64.01 37.89 -4.40
N PRO A 12 62.87 38.19 -3.83
CA PRO A 12 61.78 37.19 -3.64
C PRO A 12 61.18 36.72 -4.97
N PRO A 13 60.40 35.67 -4.93
CA PRO A 13 59.75 35.12 -6.16
C PRO A 13 58.92 36.19 -6.89
N ALA A 14 58.93 36.12 -8.22
CA ALA A 14 58.19 37.09 -9.03
C ALA A 14 56.69 36.96 -8.76
N ALA A 15 56.22 35.73 -8.58
CA ALA A 15 54.81 35.48 -8.32
C ALA A 15 53.95 36.03 -9.46
N PRO A 16 54.19 35.57 -10.66
CA PRO A 16 53.44 36.02 -11.86
C PRO A 16 51.99 35.52 -11.86
N ALA A 17 51.11 36.25 -12.52
CA ALA A 17 49.70 35.85 -12.60
C ALA A 17 49.13 36.18 -13.97
N GLY A 18 48.23 35.33 -14.44
CA GLY A 18 47.61 35.52 -15.75
C GLY A 18 46.93 34.25 -16.23
N GLU A 19 45.65 34.35 -16.55
CA GLU A 19 44.89 33.19 -17.02
C GLU A 19 45.38 32.78 -18.41
N GLY A 20 45.43 33.73 -19.32
CA GLY A 20 45.87 33.46 -20.69
C GLY A 20 45.28 32.15 -21.20
N GLY A 21 44.20 31.71 -20.57
CA GLY A 21 43.54 30.48 -20.96
C GLY A 21 42.70 29.91 -19.82
N PRO A 22 41.58 30.52 -19.54
CA PRO A 22 40.67 30.08 -18.45
C PRO A 22 40.20 28.63 -18.64
N PRO A 23 39.32 28.17 -17.80
CA PRO A 23 38.77 26.79 -17.86
C PRO A 23 38.05 26.53 -19.18
N ALA A 24 38.12 25.29 -19.65
CA ALA A 24 37.46 24.91 -20.89
C ALA A 24 36.96 23.48 -20.83
N PRO A 25 35.92 23.17 -21.57
CA PRO A 25 35.33 21.81 -21.60
C PRO A 25 36.29 20.78 -22.23
N PRO A 26 36.06 19.53 -21.96
CA PRO A 26 36.91 18.43 -22.50
C PRO A 26 36.72 18.25 -24.01
N PRO A 27 37.63 17.57 -24.65
CA PRO A 27 37.55 17.29 -26.11
C PRO A 27 36.15 16.91 -26.56
N ASN A 28 35.96 16.81 -27.87
CA ASN A 28 34.65 16.45 -28.41
C ASN A 28 34.24 15.06 -27.95
N LEU A 29 35.19 14.13 -27.93
CA LEU A 29 34.91 12.76 -27.51
C LEU A 29 35.00 12.65 -25.99
N THR A 30 33.90 12.22 -25.38
CA THR A 30 33.86 12.06 -23.93
C THR A 30 34.09 10.61 -23.53
N SER A 31 35.14 10.37 -22.75
CA SER A 31 35.47 9.03 -22.31
C SER A 31 34.36 8.47 -21.42
N ASN A 32 33.54 9.36 -20.88
CA ASN A 32 32.45 8.96 -20.01
C ASN A 32 31.30 8.37 -20.82
N ARG A 33 30.49 7.53 -20.18
CA ARG A 33 29.36 6.90 -20.86
C ARG A 33 28.28 7.93 -21.17
N ARG A 34 27.59 7.73 -22.28
CA ARG A 34 26.54 8.65 -22.69
C ARG A 34 25.41 8.65 -21.66
N LEU A 35 25.14 7.49 -21.08
CA LEU A 35 24.09 7.37 -20.08
C LEU A 35 24.39 8.25 -18.88
N GLN A 36 25.64 8.28 -18.47
CA GLN A 36 26.04 9.09 -17.33
C GLN A 36 25.82 10.56 -17.61
N GLN A 37 26.07 10.97 -18.85
CA GLN A 37 25.90 12.37 -19.23
C GLN A 37 24.44 12.79 -19.08
N THR A 38 23.53 12.07 -19.76
CA THR A 38 22.11 12.38 -19.68
C THR A 38 21.41 11.45 -18.71
N GLN A 39 20.63 12.04 -17.83
CA GLN A 39 19.89 11.26 -16.83
C GLN A 39 18.47 10.97 -17.30
N ALA A 40 18.00 11.74 -18.28
CA ALA A 40 16.66 11.57 -18.81
C ALA A 40 16.61 10.39 -19.78
N GLN A 41 17.78 9.95 -20.23
CA GLN A 41 17.85 8.84 -21.17
C GLN A 41 17.34 7.55 -20.51
N VAL A 42 17.91 7.22 -19.36
CA VAL A 42 17.50 6.02 -18.64
C VAL A 42 16.07 6.16 -18.12
N ASP A 43 15.72 7.36 -17.68
CA ASP A 43 14.39 7.62 -17.17
C ASP A 43 13.34 7.46 -18.27
N GLU A 44 13.79 7.57 -19.51
CA GLU A 44 12.88 7.43 -20.65
C GLU A 44 12.13 6.10 -20.58
N VAL A 45 12.71 5.14 -19.86
CA VAL A 45 12.09 3.83 -19.72
C VAL A 45 10.73 3.95 -19.04
N VAL A 46 10.54 5.03 -18.29
CA VAL A 46 9.28 5.25 -17.59
C VAL A 46 8.11 5.27 -18.57
N ASP A 47 8.30 5.99 -19.67
CA ASP A 47 7.26 6.10 -20.69
C ASP A 47 6.86 4.71 -21.19
N ILE A 48 7.86 3.89 -21.47
CA ILE A 48 7.61 2.54 -21.95
C ILE A 48 6.86 1.72 -20.90
N MET A 49 7.28 1.86 -19.65
CA MET A 49 6.65 1.12 -18.56
C MET A 49 5.16 1.48 -18.46
N ARG A 50 4.85 2.75 -18.67
CA ARG A 50 3.47 3.20 -18.60
C ARG A 50 2.63 2.51 -19.68
N VAL A 51 3.20 2.34 -20.86
CA VAL A 51 2.49 1.70 -21.95
C VAL A 51 2.14 0.26 -21.58
N ASN A 52 3.09 -0.45 -21.00
CA ASN A 52 2.86 -1.84 -20.61
C ASN A 52 1.71 -1.91 -19.61
N VAL A 53 1.67 -0.96 -18.68
CA VAL A 53 0.62 -0.92 -17.68
C VAL A 53 -0.74 -0.69 -18.33
N ASP A 54 -0.76 0.20 -19.31
CA ASP A 54 -2.00 0.51 -20.02
C ASP A 54 -2.57 -0.73 -20.70
N LYS A 55 -1.69 -1.55 -21.24
CA LYS A 55 -2.11 -2.78 -21.91
C LYS A 55 -2.72 -3.75 -20.91
N VAL A 56 -2.10 -3.84 -19.74
CA VAL A 56 -2.59 -4.75 -18.71
C VAL A 56 -3.95 -4.28 -18.19
N LEU A 57 -4.05 -2.97 -17.95
CA LEU A 57 -5.29 -2.41 -17.44
C LEU A 57 -6.31 -2.22 -18.55
N GLU A 58 -6.18 -3.03 -19.60
CA GLU A 58 -7.09 -2.94 -20.73
C GLU A 58 -8.50 -3.35 -20.31
N ARG A 59 -8.59 -4.26 -19.36
CA ARG A 59 -9.89 -4.73 -18.87
C ARG A 59 -10.68 -5.39 -20.00
N ASP A 60 -10.07 -6.41 -20.62
CA ASP A 60 -10.74 -7.11 -21.71
C ASP A 60 -11.63 -8.22 -21.17
N GLN A 61 -11.61 -8.41 -19.86
CA GLN A 61 -12.41 -9.45 -19.23
C GLN A 61 -13.90 -9.11 -19.33
N LYS A 62 -14.74 -10.13 -19.35
CA LYS A 62 -16.18 -9.93 -19.45
C LYS A 62 -16.71 -9.17 -18.24
N LEU A 63 -16.20 -9.53 -17.07
CA LEU A 63 -16.62 -8.87 -15.84
C LEU A 63 -18.03 -9.31 -15.44
N SER A 64 -18.41 -10.50 -15.90
CA SER A 64 -19.73 -11.03 -15.59
C SER A 64 -19.81 -12.50 -15.98
N GLU A 65 -19.35 -13.37 -15.08
CA GLU A 65 -19.37 -14.80 -15.35
C GLU A 65 -19.08 -15.58 -14.07
N LEU A 66 -17.83 -15.55 -13.64
CA LEU A 66 -17.43 -16.26 -12.43
C LEU A 66 -17.44 -15.33 -11.23
N ASP A 67 -18.23 -15.69 -10.21
CA ASP A 67 -18.33 -14.88 -9.00
C ASP A 67 -18.41 -15.77 -7.77
N ASP A 68 -17.86 -15.28 -6.66
CA ASP A 68 -17.88 -16.05 -5.41
C ASP A 68 -19.19 -15.84 -4.68
N ARG A 69 -19.12 -15.23 -3.50
CA ARG A 69 -20.32 -14.98 -2.70
C ARG A 69 -21.25 -14.01 -3.43
N ALA A 70 -20.66 -13.01 -4.07
CA ALA A 70 -21.45 -12.02 -4.80
C ALA A 70 -22.16 -12.66 -5.99
N ASP A 71 -23.37 -12.20 -6.28
CA ASP A 71 -24.14 -12.73 -7.39
C ASP A 71 -25.39 -11.89 -7.64
N ALA A 72 -25.26 -10.59 -7.45
CA ALA A 72 -26.38 -9.68 -7.65
C ALA A 72 -25.89 -8.25 -7.84
N LEU A 73 -25.69 -7.54 -6.74
CA LEU A 73 -25.22 -6.16 -6.81
C LEU A 73 -23.74 -6.12 -7.16
N GLN A 74 -23.35 -5.11 -7.93
CA GLN A 74 -21.97 -4.96 -8.35
C GLN A 74 -21.07 -4.72 -7.14
N ALA A 75 -21.58 -3.95 -6.18
CA ALA A 75 -20.82 -3.66 -4.97
C ALA A 75 -19.60 -2.80 -5.30
N GLY A 76 -19.73 -1.95 -6.31
CA GLY A 76 -18.63 -1.09 -6.72
C GLY A 76 -17.48 -1.90 -7.31
N ALA A 77 -17.83 -3.01 -7.98
CA ALA A 77 -16.82 -3.86 -8.59
C ALA A 77 -15.73 -4.22 -7.58
N SER A 78 -14.50 -4.36 -8.06
CA SER A 78 -13.39 -4.70 -7.19
C SER A 78 -13.06 -3.53 -6.26
N GLN A 79 -12.73 -3.84 -5.02
CA GLN A 79 -12.39 -2.81 -4.04
C GLN A 79 -10.91 -2.48 -4.10
N PHE A 80 -10.16 -3.28 -4.86
CA PHE A 80 -8.72 -3.06 -5.00
C PHE A 80 -8.44 -1.73 -5.69
N GLU A 81 -9.25 -1.41 -6.69
CA GLU A 81 -9.08 -0.17 -7.42
C GLU A 81 -9.33 1.03 -6.52
N THR A 82 -10.37 0.94 -5.71
CA THR A 82 -10.72 2.03 -4.79
C THR A 82 -9.70 2.12 -3.65
N SER A 83 -9.19 0.97 -3.24
CA SER A 83 -8.21 0.92 -2.16
C SER A 83 -6.94 1.68 -2.55
N ALA A 84 -6.65 1.69 -3.85
CA ALA A 84 -5.46 2.37 -4.35
C ALA A 84 -5.54 3.87 -4.04
N ALA A 85 -6.72 4.44 -4.22
CA ALA A 85 -6.91 5.87 -3.96
C ALA A 85 -6.57 6.20 -2.52
N LYS A 86 -7.09 5.41 -1.59
CA LYS A 86 -6.84 5.62 -0.17
C LYS A 86 -5.37 5.38 0.14
N LEU A 87 -4.79 4.40 -0.51
CA LEU A 87 -3.39 4.07 -0.28
C LEU A 87 -2.49 5.25 -0.63
N LYS A 88 -2.79 5.90 -1.74
CA LYS A 88 -2.01 7.05 -2.18
C LYS A 88 -2.10 8.17 -1.15
N ARG A 89 -3.29 8.37 -0.60
CA ARG A 89 -3.49 9.41 0.39
C ARG A 89 -2.67 9.15 1.64
N LYS A 90 -2.66 7.90 2.07
CA LYS A 90 -1.92 7.52 3.27
C LYS A 90 -0.44 7.79 3.09
N TYR A 91 0.10 7.39 1.94
CA TYR A 91 1.52 7.61 1.64
C TYR A 91 2.37 7.35 2.88
N TRP A 92 2.06 6.26 3.58
CA TRP A 92 2.80 5.91 4.80
C TRP A 92 2.61 6.99 5.87
N TRP A 93 2.05 8.12 5.47
CA TRP A 93 1.82 9.23 6.40
C TRP A 93 0.74 8.86 7.40
N LYS A 94 -0.39 8.35 6.89
CA LYS A 94 -1.51 7.96 7.75
C LYS A 94 -1.68 6.45 7.75
N ASN A 95 -1.67 5.85 8.94
CA ASN A 95 -1.82 4.40 9.08
C ASN A 95 -2.94 4.07 10.05
N LEU A 96 -3.83 3.18 9.65
CA LEU A 96 -4.95 2.77 10.50
C LEU A 96 -4.51 1.70 11.48
N LYS A 97 -3.25 1.30 11.41
CA LYS A 97 -2.73 0.26 12.28
C LYS A 97 -2.99 0.63 13.75
N MET A 98 -2.63 1.85 14.12
CA MET A 98 -2.83 2.31 15.48
C MET A 98 -4.32 2.37 15.80
N MET A 99 -5.11 2.78 14.81
CA MET A 99 -6.55 2.89 15.00
C MET A 99 -7.16 1.52 15.29
N ILE A 100 -6.61 0.49 14.67
CA ILE A 100 -7.11 -0.86 14.87
C ILE A 100 -6.94 -1.28 16.33
N ILE A 101 -5.78 -0.96 16.89
CA ILE A 101 -5.50 -1.31 18.27
C ILE A 101 -6.50 -0.61 19.20
N LEU A 102 -6.74 0.66 18.94
CA LEU A 102 -7.64 1.43 19.77
C LEU A 102 -9.06 0.84 19.72
N GLY A 103 -9.46 0.42 18.53
CA GLY A 103 -10.79 -0.15 18.36
C GLY A 103 -10.98 -1.35 19.27
N VAL A 104 -9.91 -2.09 19.51
CA VAL A 104 -9.98 -3.27 20.37
C VAL A 104 -10.38 -2.87 21.79
N ILE A 105 -9.74 -1.85 22.31
CA ILE A 105 -10.06 -1.39 23.66
C ILE A 105 -11.51 -0.88 23.73
N CYS A 106 -11.88 -0.10 22.74
CA CYS A 106 -13.22 0.45 22.71
C CYS A 106 -14.26 -0.66 22.57
N ALA A 107 -13.98 -1.63 21.71
CA ALA A 107 -14.88 -2.74 21.49
C ALA A 107 -15.28 -3.37 22.83
N ILE A 108 -14.33 -3.42 23.75
CA ILE A 108 -14.59 -4.01 25.06
C ILE A 108 -15.65 -3.20 25.81
N ILE A 109 -15.54 -1.87 25.73
CA ILE A 109 -16.48 -1.00 26.42
C ILE A 109 -17.90 -1.25 25.92
N LEU A 110 -18.05 -1.39 24.61
CA LEU A 110 -19.36 -1.63 24.04
C LEU A 110 -19.94 -2.96 24.51
N ILE A 111 -19.10 -3.97 24.57
CA ILE A 111 -19.54 -5.29 25.00
C ILE A 111 -20.07 -5.23 26.43
N ILE A 112 -19.38 -4.51 27.29
CA ILE A 112 -19.79 -4.39 28.67
C ILE A 112 -21.22 -3.84 28.76
N ILE A 113 -21.54 -2.88 27.90
CA ILE A 113 -22.87 -2.29 27.92
C ILE A 113 -23.93 -3.35 27.64
N ILE A 114 -23.67 -4.21 26.66
CA ILE A 114 -24.62 -5.25 26.31
C ILE A 114 -24.75 -6.25 27.47
N VAL A 115 -23.62 -6.63 28.04
CA VAL A 115 -23.62 -7.58 29.14
C VAL A 115 -24.31 -6.98 30.35
N TYR A 116 -24.09 -5.69 30.58
CA TYR A 116 -24.69 -5.02 31.71
C TYR A 116 -26.20 -5.22 31.72
N PHE A 117 -26.81 -5.05 30.57
CA PHE A 117 -28.26 -5.24 30.44
C PHE A 117 -28.66 -6.67 30.77
N SER A 118 -27.87 -7.61 30.30
CA SER A 118 -28.14 -9.03 30.54
C SER A 118 -27.86 -9.39 31.99
N THR A 119 -27.05 -8.58 32.65
CA THR A 119 -26.70 -8.82 34.05
C THR A 119 -27.97 -8.86 34.91
N MET A 4 -11.20 -14.37 7.18
CA MET A 4 -11.28 -14.08 8.64
C MET A 4 -12.75 -14.03 9.07
N SER A 5 -13.22 -15.14 9.63
CA SER A 5 -14.61 -15.21 10.08
C SER A 5 -14.82 -14.37 11.33
N ALA A 6 -15.99 -13.72 11.42
CA ALA A 6 -16.29 -12.89 12.56
C ALA A 6 -16.59 -13.73 13.79
N THR A 7 -15.58 -13.92 14.64
CA THR A 7 -15.73 -14.71 15.85
C THR A 7 -16.79 -14.10 16.76
N ALA A 8 -16.72 -12.78 16.94
CA ALA A 8 -17.68 -12.08 17.79
C ALA A 8 -19.08 -12.18 17.20
N ALA A 9 -20.08 -12.28 18.08
CA ALA A 9 -21.46 -12.37 17.63
C ALA A 9 -21.89 -11.09 16.95
N THR A 10 -22.71 -11.21 15.89
CA THR A 10 -23.19 -10.05 15.15
C THR A 10 -24.69 -10.16 14.90
N VAL A 11 -25.32 -9.03 14.63
CA VAL A 11 -26.76 -9.00 14.37
C VAL A 11 -27.15 -7.71 13.66
N PRO A 12 -26.85 -7.61 12.40
CA PRO A 12 -27.17 -6.39 11.60
C PRO A 12 -28.67 -6.05 11.64
N PRO A 13 -29.02 -4.82 11.40
CA PRO A 13 -30.44 -4.36 11.39
C PRO A 13 -31.23 -4.98 10.23
N ALA A 14 -32.54 -5.12 10.44
CA ALA A 14 -33.40 -5.68 9.41
C ALA A 14 -33.47 -4.75 8.20
N ALA A 15 -32.61 -5.00 7.22
CA ALA A 15 -32.58 -4.18 6.02
C ALA A 15 -31.61 -4.77 5.00
N PRO A 16 -32.01 -5.81 4.33
CA PRO A 16 -31.16 -6.49 3.31
C PRO A 16 -30.77 -5.55 2.17
N ALA A 17 -29.57 -5.74 1.64
CA ALA A 17 -29.08 -4.90 0.56
C ALA A 17 -27.96 -5.60 -0.20
N GLY A 18 -27.75 -5.19 -1.45
CA GLY A 18 -26.70 -5.78 -2.28
C GLY A 18 -27.23 -6.98 -3.04
N GLU A 19 -26.45 -7.46 -4.00
CA GLU A 19 -26.85 -8.61 -4.81
C GLU A 19 -25.64 -9.42 -5.24
N GLY A 20 -25.83 -10.72 -5.43
CA GLY A 20 -24.74 -11.59 -5.84
C GLY A 20 -25.21 -13.05 -5.91
N GLY A 21 -24.81 -13.74 -6.98
CA GLY A 21 -25.19 -15.14 -7.16
C GLY A 21 -26.71 -15.28 -7.18
N PRO A 22 -27.37 -14.53 -8.04
CA PRO A 22 -28.85 -14.57 -8.16
C PRO A 22 -29.34 -15.92 -8.71
N PRO A 23 -30.60 -16.21 -8.52
CA PRO A 23 -31.21 -17.48 -9.02
C PRO A 23 -31.22 -17.56 -10.54
N ALA A 24 -31.00 -18.76 -11.07
CA ALA A 24 -31.01 -18.96 -12.51
C ALA A 24 -32.44 -19.02 -13.04
N PRO A 25 -33.30 -19.76 -12.36
CA PRO A 25 -34.71 -19.93 -12.79
C PRO A 25 -35.58 -18.75 -12.33
N PRO A 26 -36.73 -18.59 -12.94
CA PRO A 26 -37.67 -17.50 -12.59
C PRO A 26 -38.14 -17.58 -11.14
N PRO A 27 -38.69 -16.51 -10.62
CA PRO A 27 -39.20 -16.46 -9.23
C PRO A 27 -40.40 -17.38 -9.02
N ASN A 28 -41.05 -17.75 -10.11
CA ASN A 28 -42.22 -18.62 -10.03
C ASN A 28 -41.79 -20.08 -9.96
N LEU A 29 -41.67 -20.60 -8.73
CA LEU A 29 -41.26 -21.98 -8.53
C LEU A 29 -41.33 -22.35 -7.05
N THR A 30 -40.46 -21.73 -6.26
CA THR A 30 -40.41 -22.00 -4.82
C THR A 30 -40.04 -20.74 -4.06
N SER A 31 -40.25 -20.76 -2.75
CA SER A 31 -39.95 -19.61 -1.90
C SER A 31 -38.96 -20.00 -0.80
N ASN A 32 -37.89 -19.24 -0.66
CA ASN A 32 -36.88 -19.51 0.35
C ASN A 32 -37.17 -18.73 1.63
N ARG A 33 -38.33 -18.07 1.66
CA ARG A 33 -38.72 -17.29 2.83
C ARG A 33 -38.92 -18.20 4.04
N ARG A 34 -39.57 -19.35 3.82
CA ARG A 34 -39.83 -20.28 4.89
C ARG A 34 -38.51 -20.80 5.48
N LEU A 35 -37.55 -21.05 4.61
CA LEU A 35 -36.24 -21.55 5.04
C LEU A 35 -35.55 -20.53 5.93
N GLN A 36 -35.81 -19.25 5.66
CA GLN A 36 -35.19 -18.19 6.43
C GLN A 36 -35.44 -18.39 7.93
N GLN A 37 -36.51 -19.11 8.25
CA GLN A 37 -36.86 -19.38 9.63
C GLN A 37 -35.81 -20.28 10.28
N THR A 38 -35.23 -21.18 9.48
CA THR A 38 -34.21 -22.09 10.00
C THR A 38 -32.89 -21.36 10.20
N GLN A 39 -31.92 -22.07 10.77
CA GLN A 39 -30.59 -21.49 11.00
C GLN A 39 -29.66 -21.79 9.84
N ALA A 40 -30.07 -22.72 8.98
CA ALA A 40 -29.25 -23.09 7.82
C ALA A 40 -29.03 -21.88 6.92
N GLN A 41 -30.08 -21.09 6.71
CA GLN A 41 -29.98 -19.91 5.87
C GLN A 41 -29.22 -18.80 6.58
N VAL A 42 -29.30 -18.79 7.91
CA VAL A 42 -28.63 -17.77 8.71
C VAL A 42 -27.11 -17.86 8.51
N ASP A 43 -26.60 -19.08 8.52
CA ASP A 43 -25.17 -19.29 8.34
C ASP A 43 -24.71 -18.76 6.98
N GLU A 44 -25.57 -18.89 5.98
CA GLU A 44 -25.25 -18.41 4.65
C GLU A 44 -25.09 -16.90 4.62
N VAL A 45 -25.87 -16.21 5.45
CA VAL A 45 -25.80 -14.76 5.52
C VAL A 45 -24.43 -14.31 6.00
N VAL A 46 -23.61 -15.26 6.43
CA VAL A 46 -22.28 -14.94 6.92
C VAL A 46 -21.46 -14.26 5.83
N ASP A 47 -21.51 -14.82 4.64
CA ASP A 47 -20.76 -14.27 3.51
C ASP A 47 -21.27 -12.87 3.17
N ILE A 48 -22.58 -12.71 3.17
CA ILE A 48 -23.20 -11.42 2.86
C ILE A 48 -22.84 -10.39 3.92
N MET A 49 -22.90 -10.80 5.18
CA MET A 49 -22.58 -9.90 6.28
C MET A 49 -21.23 -9.24 6.05
N ARG A 50 -20.25 -10.03 5.62
CA ARG A 50 -18.91 -9.50 5.36
C ARG A 50 -18.96 -8.44 4.27
N VAL A 51 -19.72 -8.70 3.22
CA VAL A 51 -19.84 -7.77 2.11
C VAL A 51 -20.55 -6.50 2.56
N ASN A 52 -21.61 -6.66 3.34
CA ASN A 52 -22.37 -5.51 3.83
C ASN A 52 -21.46 -4.58 4.61
N VAL A 53 -20.58 -5.15 5.42
CA VAL A 53 -19.66 -4.36 6.22
C VAL A 53 -18.70 -3.58 5.32
N ASP A 54 -18.20 -4.26 4.31
CA ASP A 54 -17.26 -3.63 3.37
C ASP A 54 -17.94 -2.49 2.62
N LYS A 55 -19.23 -2.64 2.36
CA LYS A 55 -19.99 -1.62 1.65
C LYS A 55 -20.06 -0.34 2.47
N VAL A 56 -20.12 -0.50 3.79
CA VAL A 56 -20.21 0.66 4.68
C VAL A 56 -18.98 1.54 4.52
N LEU A 57 -17.80 0.92 4.53
CA LEU A 57 -16.56 1.66 4.39
C LEU A 57 -16.47 2.31 3.03
N GLU A 58 -16.95 1.61 2.02
CA GLU A 58 -16.91 2.14 0.65
C GLU A 58 -17.67 3.46 0.58
N ARG A 59 -18.86 3.50 1.16
CA ARG A 59 -19.68 4.72 1.15
C ARG A 59 -19.52 5.49 2.45
N ASP A 60 -19.40 6.80 2.33
CA ASP A 60 -19.23 7.64 3.51
C ASP A 60 -19.37 9.12 3.12
N GLN A 61 -20.22 9.83 3.85
CA GLN A 61 -20.44 11.25 3.59
C GLN A 61 -20.52 11.51 2.08
N LYS A 62 -20.38 12.78 1.70
CA LYS A 62 -20.44 13.15 0.31
C LYS A 62 -21.73 12.64 -0.33
N LEU A 63 -22.70 12.29 0.50
CA LEU A 63 -23.97 11.79 0.01
C LEU A 63 -24.68 12.86 -0.82
N SER A 64 -24.64 14.09 -0.33
CA SER A 64 -25.29 15.20 -1.03
C SER A 64 -25.00 16.53 -0.33
N GLU A 65 -25.59 16.72 0.84
CA GLU A 65 -25.38 17.94 1.59
C GLU A 65 -26.02 17.85 2.97
N LEU A 66 -27.24 18.37 3.09
CA LEU A 66 -27.96 18.33 4.36
C LEU A 66 -27.02 18.60 5.52
N ASP A 67 -25.93 19.30 5.23
CA ASP A 67 -24.94 19.63 6.26
C ASP A 67 -24.48 21.08 6.11
N ASP A 68 -23.42 21.28 5.33
CA ASP A 68 -22.89 22.61 5.11
C ASP A 68 -23.78 23.41 4.18
N ARG A 69 -23.85 24.71 4.41
CA ARG A 69 -24.68 25.59 3.59
C ARG A 69 -23.97 25.92 2.28
N ALA A 70 -24.72 25.93 1.19
CA ALA A 70 -24.14 26.24 -0.13
C ALA A 70 -24.50 27.67 -0.53
N ASP A 71 -23.47 28.48 -0.76
CA ASP A 71 -23.67 29.87 -1.15
C ASP A 71 -22.43 30.41 -1.87
N ALA A 72 -21.63 29.51 -2.42
CA ALA A 72 -20.41 29.91 -3.12
C ALA A 72 -19.78 28.72 -3.81
N LEU A 73 -18.47 28.80 -4.06
CA LEU A 73 -17.75 27.72 -4.71
C LEU A 73 -16.40 27.50 -4.06
N GLN A 74 -15.86 28.54 -3.45
CA GLN A 74 -14.57 28.46 -2.80
C GLN A 74 -14.29 29.73 -2.00
N ALA A 75 -13.42 29.61 -1.00
CA ALA A 75 -13.08 30.74 -0.17
C ALA A 75 -11.78 30.48 0.59
N GLY A 76 -11.05 31.55 0.91
CA GLY A 76 -9.78 31.42 1.62
C GLY A 76 -10.02 30.88 3.02
N ALA A 77 -11.06 31.37 3.70
CA ALA A 77 -11.37 30.92 5.05
C ALA A 77 -12.53 29.92 5.03
N SER A 78 -12.24 28.69 5.43
CA SER A 78 -13.25 27.65 5.46
C SER A 78 -12.85 26.52 6.39
N GLN A 79 -13.81 25.72 6.81
CA GLN A 79 -13.54 24.60 7.71
C GLN A 79 -12.84 23.46 6.97
N PHE A 80 -12.88 23.52 5.65
CA PHE A 80 -12.24 22.50 4.83
C PHE A 80 -10.73 22.50 5.05
N GLU A 81 -10.19 23.65 5.43
CA GLU A 81 -8.76 23.77 5.67
C GLU A 81 -8.29 22.72 6.67
N THR A 82 -9.23 22.19 7.45
CA THR A 82 -8.90 21.17 8.44
C THR A 82 -8.56 19.85 7.75
N SER A 83 -9.06 19.66 6.54
CA SER A 83 -8.81 18.44 5.79
C SER A 83 -7.31 18.24 5.60
N ALA A 84 -6.57 19.34 5.50
CA ALA A 84 -5.13 19.28 5.31
C ALA A 84 -4.47 18.54 6.48
N ALA A 85 -5.04 18.72 7.67
CA ALA A 85 -4.49 18.07 8.86
C ALA A 85 -4.47 16.56 8.70
N LYS A 86 -5.57 16.01 8.19
CA LYS A 86 -5.67 14.58 7.99
C LYS A 86 -4.65 14.12 6.96
N LEU A 87 -4.46 14.92 5.93
CA LEU A 87 -3.49 14.59 4.88
C LEU A 87 -2.08 14.50 5.45
N LYS A 88 -1.75 15.45 6.31
CA LYS A 88 -0.42 15.48 6.92
C LYS A 88 -0.19 14.21 7.73
N ARG A 89 -1.22 13.76 8.43
CA ARG A 89 -1.12 12.55 9.25
C ARG A 89 -0.80 11.34 8.38
N LYS A 90 -1.35 11.33 7.18
CA LYS A 90 -1.13 10.22 6.25
C LYS A 90 0.35 10.10 5.91
N TYR A 91 1.02 11.24 5.79
CA TYR A 91 2.44 11.26 5.45
C TYR A 91 3.24 10.52 6.52
N TRP A 92 2.89 10.74 7.78
CA TRP A 92 3.59 10.10 8.89
C TRP A 92 3.57 8.57 8.71
N TRP A 93 3.75 7.85 9.82
CA TRP A 93 3.75 6.39 9.78
C TRP A 93 2.60 5.89 8.93
N LYS A 94 1.40 5.91 9.50
CA LYS A 94 0.22 5.45 8.77
C LYS A 94 -1.05 5.67 9.59
N ASN A 95 -0.89 5.65 10.91
CA ASN A 95 -2.02 5.85 11.81
C ASN A 95 -3.00 4.68 11.69
N LEU A 96 -2.71 3.77 10.77
CA LEU A 96 -3.59 2.62 10.57
C LEU A 96 -3.64 1.76 11.83
N LYS A 97 -2.47 1.51 12.40
CA LYS A 97 -2.38 0.70 13.60
C LYS A 97 -3.10 1.36 14.76
N MET A 98 -3.06 2.68 14.79
CA MET A 98 -3.70 3.44 15.85
C MET A 98 -5.21 3.20 15.82
N MET A 99 -5.76 3.04 14.64
CA MET A 99 -7.19 2.80 14.50
C MET A 99 -7.55 1.37 14.90
N ILE A 100 -6.68 0.42 14.54
CA ILE A 100 -6.92 -0.99 14.85
C ILE A 100 -6.88 -1.23 16.36
N ILE A 101 -5.87 -0.68 17.02
CA ILE A 101 -5.73 -0.84 18.46
C ILE A 101 -6.87 -0.17 19.20
N LEU A 102 -7.28 0.99 18.70
CA LEU A 102 -8.38 1.73 19.32
C LEU A 102 -9.67 0.92 19.26
N GLY A 103 -9.89 0.26 18.14
CA GLY A 103 -11.10 -0.53 17.97
C GLY A 103 -11.18 -1.64 19.00
N VAL A 104 -10.02 -2.17 19.38
CA VAL A 104 -9.98 -3.24 20.38
C VAL A 104 -10.51 -2.74 21.72
N ILE A 105 -10.10 -1.54 22.11
CA ILE A 105 -10.53 -0.97 23.38
C ILE A 105 -12.04 -0.78 23.40
N CYS A 106 -12.55 -0.25 22.31
CA CYS A 106 -13.99 -0.02 22.19
C CYS A 106 -14.74 -1.33 22.06
N ALA A 107 -14.10 -2.31 21.44
CA ALA A 107 -14.72 -3.62 21.23
C ALA A 107 -15.12 -4.24 22.57
N ILE A 108 -14.18 -4.29 23.51
CA ILE A 108 -14.45 -4.86 24.82
C ILE A 108 -15.49 -4.04 25.56
N ILE A 109 -15.47 -2.73 25.35
CA ILE A 109 -16.42 -1.84 26.00
C ILE A 109 -17.84 -2.18 25.57
N LEU A 110 -18.02 -2.45 24.28
CA LEU A 110 -19.33 -2.75 23.76
C LEU A 110 -19.90 -3.99 24.45
N ILE A 111 -19.07 -5.00 24.64
CA ILE A 111 -19.51 -6.23 25.28
C ILE A 111 -19.94 -5.95 26.72
N ILE A 112 -19.16 -5.13 27.41
CA ILE A 112 -19.46 -4.81 28.79
C ILE A 112 -20.81 -4.08 28.88
N ILE A 113 -21.04 -3.15 27.97
CA ILE A 113 -22.28 -2.39 27.97
C ILE A 113 -23.47 -3.33 27.74
N ILE A 114 -23.33 -4.24 26.78
CA ILE A 114 -24.41 -5.17 26.48
C ILE A 114 -24.65 -6.11 27.66
N VAL A 115 -23.57 -6.62 28.24
CA VAL A 115 -23.68 -7.53 29.37
C VAL A 115 -24.21 -6.78 30.58
N TYR A 116 -23.71 -5.58 30.80
CA TYR A 116 -24.15 -4.78 31.94
C TYR A 116 -25.63 -4.47 31.84
N PHE A 117 -26.08 -4.17 30.64
CA PHE A 117 -27.48 -3.86 30.41
C PHE A 117 -28.36 -5.07 30.73
N SER A 118 -27.90 -6.24 30.31
CA SER A 118 -28.64 -7.47 30.53
C SER A 118 -28.70 -7.81 32.02
N THR A 119 -27.79 -7.22 32.79
CA THR A 119 -27.76 -7.46 34.23
C THR A 119 -29.16 -7.54 34.81
N MET A 4 53.81 -45.03 -13.90
CA MET A 4 52.34 -44.77 -13.76
C MET A 4 52.04 -44.37 -12.33
N SER A 5 50.75 -44.35 -11.99
CA SER A 5 50.33 -43.98 -10.65
C SER A 5 51.08 -42.73 -10.17
N ALA A 6 51.59 -41.97 -11.12
CA ALA A 6 52.33 -40.76 -10.79
C ALA A 6 52.73 -40.00 -12.05
N THR A 7 52.20 -40.44 -13.19
CA THR A 7 52.51 -39.81 -14.47
C THR A 7 51.22 -39.37 -15.16
N ALA A 8 51.19 -38.09 -15.56
CA ALA A 8 50.01 -37.55 -16.24
C ALA A 8 50.39 -36.31 -17.04
N ALA A 9 49.63 -36.05 -18.10
CA ALA A 9 49.90 -34.88 -18.95
C ALA A 9 48.66 -34.53 -19.76
N THR A 10 47.54 -34.29 -19.07
CA THR A 10 46.30 -33.93 -19.75
C THR A 10 46.22 -32.43 -19.97
N VAL A 11 46.76 -32.00 -21.12
CA VAL A 11 46.76 -30.58 -21.45
C VAL A 11 45.33 -30.11 -21.79
N PRO A 12 44.88 -29.04 -21.18
CA PRO A 12 43.53 -28.49 -21.44
C PRO A 12 43.42 -27.81 -22.81
N PRO A 13 42.21 -27.56 -23.25
CA PRO A 13 41.98 -26.88 -24.57
C PRO A 13 42.78 -25.60 -24.70
N ALA A 14 43.31 -25.36 -25.90
CA ALA A 14 44.09 -24.15 -26.16
C ALA A 14 44.16 -23.87 -27.65
N ALA A 15 43.28 -22.98 -28.12
CA ALA A 15 43.24 -22.62 -29.53
C ALA A 15 42.14 -21.60 -29.79
N PRO A 16 40.97 -21.82 -29.22
CA PRO A 16 39.81 -20.90 -29.40
C PRO A 16 40.10 -19.50 -28.88
N ALA A 17 39.55 -18.50 -29.57
CA ALA A 17 39.75 -17.12 -29.17
C ALA A 17 38.60 -16.24 -29.67
N GLY A 18 38.31 -15.18 -28.92
CA GLY A 18 37.23 -14.27 -29.30
C GLY A 18 37.78 -13.06 -30.04
N GLU A 19 37.14 -12.71 -31.15
CA GLU A 19 37.56 -11.56 -31.94
C GLU A 19 37.34 -10.26 -31.18
N GLY A 20 36.24 -10.19 -30.44
CA GLY A 20 35.92 -9.01 -29.66
C GLY A 20 34.69 -9.23 -28.79
N GLY A 21 33.73 -9.99 -29.31
CA GLY A 21 32.51 -10.29 -28.57
C GLY A 21 31.89 -9.00 -28.03
N PRO A 22 31.30 -8.22 -28.89
CA PRO A 22 30.65 -6.94 -28.51
C PRO A 22 29.48 -7.16 -27.53
N PRO A 23 28.78 -6.11 -27.22
CA PRO A 23 27.62 -6.17 -26.28
C PRO A 23 26.51 -7.10 -26.80
N ALA A 24 25.84 -7.78 -25.88
CA ALA A 24 24.78 -8.69 -26.25
C ALA A 24 23.76 -7.99 -27.16
N PRO A 25 23.08 -8.74 -27.99
CA PRO A 25 22.07 -8.20 -28.93
C PRO A 25 20.84 -7.65 -28.19
N PRO A 26 20.62 -6.36 -28.25
CA PRO A 26 19.45 -5.72 -27.57
C PRO A 26 18.14 -6.45 -27.86
N PRO A 27 17.06 -5.95 -27.33
CA PRO A 27 15.70 -6.56 -27.53
C PRO A 27 15.30 -6.61 -29.01
N ASN A 28 14.65 -7.69 -29.41
CA ASN A 28 14.22 -7.85 -30.79
C ASN A 28 13.19 -6.78 -31.15
N LEU A 29 12.28 -6.50 -30.22
CA LEU A 29 11.25 -5.50 -30.45
C LEU A 29 10.56 -5.13 -29.15
N THR A 30 10.54 -3.84 -28.83
CA THR A 30 9.88 -3.37 -27.61
C THR A 30 9.13 -2.07 -27.86
N SER A 31 9.81 -1.11 -28.48
CA SER A 31 9.19 0.19 -28.77
C SER A 31 9.84 0.81 -30.00
N ASN A 32 9.02 1.35 -30.89
CA ASN A 32 9.52 1.99 -32.11
C ASN A 32 8.83 3.32 -32.34
N ARG A 33 8.11 3.80 -31.32
CA ARG A 33 7.39 5.07 -31.44
C ARG A 33 7.51 5.87 -30.14
N ARG A 34 8.67 6.48 -29.93
CA ARG A 34 8.91 7.27 -28.73
C ARG A 34 8.56 8.72 -28.97
N LEU A 35 7.95 9.00 -30.12
CA LEU A 35 7.56 10.37 -30.46
C LEU A 35 6.40 10.82 -29.60
N GLN A 36 5.75 9.87 -28.95
CA GLN A 36 4.61 10.19 -28.08
C GLN A 36 5.10 10.71 -26.74
N GLN A 37 6.09 10.02 -26.16
CA GLN A 37 6.63 10.41 -24.87
C GLN A 37 7.88 11.27 -25.05
N THR A 38 8.03 11.85 -26.24
CA THR A 38 9.20 12.68 -26.51
C THR A 38 9.44 13.66 -25.37
N GLN A 39 10.54 14.39 -25.45
CA GLN A 39 10.89 15.36 -24.42
C GLN A 39 10.15 16.67 -24.64
N ALA A 40 9.53 16.81 -25.82
CA ALA A 40 8.79 18.03 -26.14
C ALA A 40 7.68 18.26 -25.11
N GLN A 41 6.89 17.23 -24.84
CA GLN A 41 5.81 17.34 -23.86
C GLN A 41 6.36 17.57 -22.47
N VAL A 42 7.54 17.01 -22.20
CA VAL A 42 8.17 17.16 -20.90
C VAL A 42 8.52 18.62 -20.63
N ASP A 43 9.05 19.28 -21.65
CA ASP A 43 9.45 20.69 -21.51
C ASP A 43 8.23 21.55 -21.20
N GLU A 44 7.10 21.22 -21.82
CA GLU A 44 5.87 21.98 -21.60
C GLU A 44 5.56 22.09 -20.11
N VAL A 45 6.18 21.22 -19.32
CA VAL A 45 5.94 21.22 -17.88
C VAL A 45 6.22 22.61 -17.30
N VAL A 46 7.13 23.34 -17.94
CA VAL A 46 7.48 24.68 -17.48
C VAL A 46 6.26 25.59 -17.52
N ASP A 47 5.51 25.52 -18.62
CA ASP A 47 4.33 26.35 -18.78
C ASP A 47 3.29 26.02 -17.70
N ILE A 48 3.15 24.73 -17.41
CA ILE A 48 2.20 24.30 -16.38
C ILE A 48 2.77 24.52 -14.99
N MET A 49 4.09 24.42 -14.87
CA MET A 49 4.75 24.60 -13.59
C MET A 49 4.46 25.97 -13.01
N ARG A 50 4.63 27.01 -13.83
CA ARG A 50 4.38 28.37 -13.38
C ARG A 50 2.90 28.58 -13.08
N VAL A 51 2.04 27.99 -13.92
CA VAL A 51 0.61 28.12 -13.73
C VAL A 51 0.18 27.41 -12.45
N ASN A 52 0.73 26.22 -12.22
CA ASN A 52 0.39 25.44 -11.04
C ASN A 52 0.69 26.23 -9.78
N VAL A 53 1.82 26.92 -9.78
CA VAL A 53 2.21 27.73 -8.63
C VAL A 53 1.21 28.85 -8.40
N ASP A 54 0.82 29.49 -9.48
CA ASP A 54 -0.14 30.61 -9.39
C ASP A 54 -1.49 30.10 -8.87
N LYS A 55 -1.83 28.88 -9.23
CA LYS A 55 -3.10 28.30 -8.80
C LYS A 55 -3.10 28.09 -7.30
N VAL A 56 -1.96 27.68 -6.76
CA VAL A 56 -1.85 27.44 -5.32
C VAL A 56 -2.09 28.73 -4.55
N LEU A 57 -1.46 29.81 -5.00
CA LEU A 57 -1.61 31.10 -4.35
C LEU A 57 -3.05 31.58 -4.40
N GLU A 58 -3.68 31.38 -5.56
CA GLU A 58 -5.07 31.79 -5.74
C GLU A 58 -6.01 30.75 -5.18
N ARG A 59 -6.48 30.97 -3.95
CA ARG A 59 -7.39 30.03 -3.31
C ARG A 59 -7.98 30.65 -2.04
N ASP A 60 -8.14 31.96 -2.04
CA ASP A 60 -8.69 32.66 -0.89
C ASP A 60 -10.11 32.18 -0.60
N GLN A 61 -10.95 32.19 -1.64
CA GLN A 61 -12.33 31.76 -1.49
C GLN A 61 -12.79 30.98 -2.73
N LYS A 62 -13.79 30.12 -2.54
CA LYS A 62 -14.30 29.32 -3.64
C LYS A 62 -15.40 30.08 -4.39
N LEU A 63 -15.79 31.24 -3.85
CA LEU A 63 -16.82 32.04 -4.46
C LEU A 63 -16.38 32.51 -5.85
N SER A 64 -17.32 32.50 -6.79
CA SER A 64 -17.02 32.94 -8.15
C SER A 64 -15.84 32.15 -8.72
N GLU A 65 -16.12 30.97 -9.25
CA GLU A 65 -15.08 30.13 -9.82
C GLU A 65 -15.69 28.97 -10.60
N LEU A 66 -16.17 29.26 -11.80
CA LEU A 66 -16.77 28.22 -12.63
C LEU A 66 -17.82 27.43 -11.85
N ASP A 67 -18.14 27.92 -10.66
CA ASP A 67 -19.13 27.26 -9.81
C ASP A 67 -20.51 27.37 -10.43
N ASP A 68 -21.32 26.34 -10.23
CA ASP A 68 -22.68 26.32 -10.78
C ASP A 68 -23.52 27.43 -10.15
N ARG A 69 -23.42 27.56 -8.82
CA ARG A 69 -24.17 28.58 -8.11
C ARG A 69 -23.51 28.88 -6.77
N ALA A 70 -24.05 29.89 -6.07
CA ALA A 70 -23.51 30.27 -4.77
C ALA A 70 -24.63 30.56 -3.78
N ASP A 71 -24.37 30.31 -2.50
CA ASP A 71 -25.36 30.54 -1.47
C ASP A 71 -25.43 32.02 -1.11
N ALA A 72 -24.58 32.81 -1.75
CA ALA A 72 -24.55 34.26 -1.49
C ALA A 72 -24.07 34.53 -0.07
N LEU A 73 -23.30 33.60 0.48
CA LEU A 73 -22.77 33.75 1.84
C LEU A 73 -23.86 34.28 2.77
N GLN A 74 -23.71 35.53 3.20
CA GLN A 74 -24.68 36.14 4.09
C GLN A 74 -25.08 35.17 5.20
N ALA A 75 -26.12 35.52 5.94
CA ALA A 75 -26.59 34.67 7.03
C ALA A 75 -25.42 34.15 7.86
N GLY A 76 -24.92 32.98 7.51
CA GLY A 76 -23.80 32.38 8.22
C GLY A 76 -23.45 31.02 7.64
N ALA A 77 -24.46 30.28 7.22
CA ALA A 77 -24.24 28.95 6.65
C ALA A 77 -23.35 28.12 7.57
N SER A 78 -22.61 27.18 6.97
CA SER A 78 -21.71 26.32 7.74
C SER A 78 -20.61 27.14 8.38
N GLN A 79 -20.22 26.74 9.59
CA GLN A 79 -19.17 27.45 10.31
C GLN A 79 -18.52 26.55 11.35
N PHE A 80 -19.33 25.68 11.96
CA PHE A 80 -18.82 24.76 12.98
C PHE A 80 -18.48 23.41 12.35
N GLU A 81 -18.93 23.22 11.12
CA GLU A 81 -18.66 21.96 10.42
C GLU A 81 -17.19 21.84 10.07
N THR A 82 -16.56 22.97 9.73
CA THR A 82 -15.16 22.99 9.38
C THR A 82 -14.30 22.58 10.57
N SER A 83 -14.75 22.92 11.77
CA SER A 83 -14.01 22.59 12.98
C SER A 83 -13.82 21.08 13.10
N ALA A 84 -14.87 20.33 12.77
CA ALA A 84 -14.81 18.88 12.85
C ALA A 84 -13.77 18.34 11.86
N ALA A 85 -13.47 19.13 10.83
CA ALA A 85 -12.51 18.71 9.82
C ALA A 85 -11.17 18.36 10.47
N LYS A 86 -10.82 19.09 11.52
CA LYS A 86 -9.57 18.86 12.23
C LYS A 86 -9.52 17.44 12.78
N LEU A 87 -10.65 16.98 13.32
CA LEU A 87 -10.72 15.64 13.88
C LEU A 87 -10.49 14.60 12.79
N LYS A 88 -11.06 14.84 11.62
CA LYS A 88 -10.91 13.90 10.51
C LYS A 88 -9.44 13.81 10.07
N ARG A 89 -8.75 14.93 10.13
CA ARG A 89 -7.35 14.98 9.73
C ARG A 89 -6.51 14.06 10.60
N LYS A 90 -6.89 13.95 11.87
CA LYS A 90 -6.16 13.11 12.81
C LYS A 90 -5.98 11.71 12.25
N TYR A 91 -7.03 11.20 11.59
CA TYR A 91 -6.97 9.87 11.00
C TYR A 91 -5.86 9.78 9.97
N TRP A 92 -5.73 10.81 9.14
CA TRP A 92 -4.70 10.84 8.11
C TRP A 92 -3.32 10.94 8.74
N TRP A 93 -3.16 11.87 9.67
CA TRP A 93 -1.88 12.06 10.35
C TRP A 93 -1.51 10.82 11.16
N LYS A 94 -2.51 10.26 11.84
CA LYS A 94 -2.28 9.07 12.66
C LYS A 94 -2.18 7.83 11.78
N ASN A 95 -1.42 6.84 12.25
CA ASN A 95 -1.25 5.60 11.50
C ASN A 95 -2.50 4.74 11.59
N LEU A 96 -2.72 3.92 10.56
CA LEU A 96 -3.89 3.06 10.52
C LEU A 96 -3.84 2.05 11.66
N LYS A 97 -2.67 1.53 11.93
CA LYS A 97 -2.49 0.54 13.00
C LYS A 97 -3.08 1.08 14.30
N MET A 98 -2.97 2.39 14.51
CA MET A 98 -3.49 3.00 15.72
C MET A 98 -5.00 2.78 15.83
N MET A 99 -5.68 2.86 14.69
CA MET A 99 -7.13 2.67 14.67
C MET A 99 -7.49 1.22 14.99
N ILE A 100 -6.67 0.30 14.47
CA ILE A 100 -6.92 -1.13 14.70
C ILE A 100 -6.89 -1.46 16.18
N ILE A 101 -5.83 -1.03 16.85
CA ILE A 101 -5.71 -1.28 18.28
C ILE A 101 -6.75 -0.50 19.07
N LEU A 102 -7.03 0.71 18.62
CA LEU A 102 -8.01 1.55 19.29
C LEU A 102 -9.39 0.91 19.26
N GLY A 103 -9.73 0.32 18.11
CA GLY A 103 -11.03 -0.32 17.96
C GLY A 103 -11.19 -1.47 18.93
N VAL A 104 -10.08 -2.17 19.20
CA VAL A 104 -10.12 -3.30 20.11
C VAL A 104 -10.54 -2.84 21.51
N ILE A 105 -9.96 -1.75 21.98
CA ILE A 105 -10.29 -1.23 23.31
C ILE A 105 -11.76 -0.87 23.40
N CYS A 106 -12.23 -0.09 22.43
CA CYS A 106 -13.63 0.33 22.40
C CYS A 106 -14.54 -0.89 22.30
N ALA A 107 -14.11 -1.90 21.56
CA ALA A 107 -14.90 -3.11 21.37
C ALA A 107 -15.17 -3.77 22.73
N ILE A 108 -14.18 -3.75 23.59
CA ILE A 108 -14.32 -4.36 24.91
C ILE A 108 -15.41 -3.64 25.72
N ILE A 109 -15.42 -2.32 25.63
CA ILE A 109 -16.40 -1.53 26.37
C ILE A 109 -17.81 -1.94 25.97
N LEU A 110 -18.00 -2.23 24.70
CA LEU A 110 -19.31 -2.64 24.20
C LEU A 110 -19.78 -3.91 24.89
N ILE A 111 -18.84 -4.81 25.15
CA ILE A 111 -19.17 -6.07 25.82
C ILE A 111 -19.74 -5.80 27.21
N ILE A 112 -19.13 -4.88 27.92
CA ILE A 112 -19.58 -4.55 29.27
C ILE A 112 -20.93 -3.84 29.21
N ILE A 113 -21.07 -2.91 28.27
CA ILE A 113 -22.30 -2.15 28.14
C ILE A 113 -23.47 -3.06 27.82
N ILE A 114 -23.31 -3.91 26.81
CA ILE A 114 -24.36 -4.81 26.40
C ILE A 114 -24.62 -5.86 27.48
N VAL A 115 -23.56 -6.31 28.13
CA VAL A 115 -23.67 -7.31 29.17
C VAL A 115 -24.41 -6.73 30.37
N TYR A 116 -24.15 -5.46 30.67
CA TYR A 116 -24.78 -4.81 31.80
C TYR A 116 -26.29 -4.88 31.69
N PHE A 117 -26.80 -4.57 30.51
CA PHE A 117 -28.24 -4.61 30.26
C PHE A 117 -28.78 -6.02 30.44
N SER A 118 -28.02 -7.00 29.96
CA SER A 118 -28.43 -8.39 30.08
C SER A 118 -28.33 -8.87 31.52
N THR A 119 -27.35 -8.34 32.24
CA THR A 119 -27.15 -8.72 33.62
C THR A 119 -28.48 -8.76 34.38
N MET A 4 71.67 3.81 -12.54
CA MET A 4 72.73 4.61 -13.24
C MET A 4 72.91 4.08 -14.65
N SER A 5 73.03 2.76 -14.78
CA SER A 5 73.23 2.15 -16.08
C SER A 5 72.04 2.47 -17.00
N ALA A 6 72.35 2.75 -18.26
CA ALA A 6 71.31 3.07 -19.23
C ALA A 6 70.37 1.89 -19.41
N THR A 7 70.92 0.69 -19.39
CA THR A 7 70.10 -0.51 -19.54
C THR A 7 69.42 -0.86 -18.23
N ALA A 8 68.41 -1.74 -18.30
CA ALA A 8 67.69 -2.16 -17.11
C ALA A 8 67.13 -3.57 -17.29
N ALA A 9 67.02 -4.29 -16.19
CA ALA A 9 66.49 -5.66 -16.23
C ALA A 9 64.97 -5.65 -16.19
N THR A 10 64.36 -6.79 -16.52
CA THR A 10 62.90 -6.91 -16.52
C THR A 10 62.48 -8.17 -15.79
N VAL A 11 61.52 -8.03 -14.88
CA VAL A 11 61.02 -9.16 -14.11
C VAL A 11 59.57 -8.92 -13.72
N PRO A 12 58.74 -8.56 -14.66
CA PRO A 12 57.29 -8.29 -14.42
C PRO A 12 56.57 -9.52 -13.84
N PRO A 13 56.13 -9.47 -12.59
CA PRO A 13 55.41 -10.62 -11.97
C PRO A 13 54.21 -11.08 -12.81
N ALA A 14 53.99 -12.40 -12.85
CA ALA A 14 52.87 -12.96 -13.60
C ALA A 14 51.58 -12.84 -12.80
N ALA A 15 50.45 -13.12 -13.46
CA ALA A 15 49.15 -13.05 -12.80
C ALA A 15 48.24 -14.17 -13.31
N PRO A 16 48.50 -15.37 -12.87
CA PRO A 16 47.69 -16.57 -13.28
C PRO A 16 46.22 -16.42 -12.87
N ALA A 17 45.32 -16.95 -13.70
CA ALA A 17 43.90 -16.88 -13.42
C ALA A 17 43.45 -18.10 -12.65
N GLY A 18 42.34 -17.97 -11.94
CA GLY A 18 41.81 -19.08 -11.15
C GLY A 18 41.20 -20.15 -12.06
N GLU A 19 41.02 -21.35 -11.51
CA GLU A 19 40.45 -22.45 -12.26
C GLU A 19 38.93 -22.34 -12.33
N GLY A 20 38.36 -22.80 -13.43
CA GLY A 20 36.91 -22.75 -13.61
C GLY A 20 36.21 -23.77 -12.73
N GLY A 21 37.01 -24.62 -12.08
CA GLY A 21 36.46 -25.64 -11.20
C GLY A 21 35.39 -25.05 -10.28
N PRO A 22 35.79 -24.29 -9.29
CA PRO A 22 34.86 -23.65 -8.33
C PRO A 22 33.85 -22.72 -9.03
N PRO A 23 32.57 -23.06 -9.04
CA PRO A 23 31.53 -22.21 -9.70
C PRO A 23 31.58 -20.76 -9.21
N ALA A 24 31.36 -19.83 -10.14
CA ALA A 24 31.39 -18.41 -9.81
C ALA A 24 30.52 -18.13 -8.58
N PRO A 25 30.79 -17.06 -7.86
CA PRO A 25 30.03 -16.67 -6.65
C PRO A 25 28.53 -17.00 -6.79
N PRO A 26 28.07 -18.08 -6.22
CA PRO A 26 26.64 -18.47 -6.32
C PRO A 26 25.75 -17.68 -5.36
N PRO A 27 24.45 -17.72 -5.55
CA PRO A 27 23.49 -17.01 -4.67
C PRO A 27 23.77 -17.28 -3.18
N ASN A 28 23.74 -16.23 -2.37
CA ASN A 28 23.99 -16.36 -0.93
C ASN A 28 22.70 -16.12 -0.14
N LEU A 29 22.40 -17.05 0.76
CA LEU A 29 21.20 -16.95 1.59
C LEU A 29 21.27 -15.71 2.48
N THR A 30 22.46 -15.44 2.99
CA THR A 30 22.66 -14.29 3.87
C THR A 30 22.21 -13.00 3.17
N SER A 31 22.50 -12.90 1.88
CA SER A 31 22.11 -11.72 1.12
C SER A 31 20.60 -11.65 0.97
N ASN A 32 20.03 -10.50 1.28
CA ASN A 32 18.58 -10.31 1.17
C ASN A 32 18.20 -8.87 1.46
N ARG A 33 18.72 -7.94 0.65
CA ARG A 33 18.43 -6.52 0.83
C ARG A 33 17.06 -6.18 0.25
N ARG A 34 16.76 -4.88 0.19
CA ARG A 34 15.48 -4.42 -0.34
C ARG A 34 15.50 -4.44 -1.87
N LEU A 35 16.41 -5.22 -2.43
CA LEU A 35 16.52 -5.32 -3.87
C LEU A 35 15.16 -5.62 -4.49
N GLN A 36 14.35 -6.41 -3.80
CA GLN A 36 13.04 -6.77 -4.30
C GLN A 36 12.21 -5.50 -4.58
N GLN A 37 12.62 -4.40 -3.97
CA GLN A 37 11.92 -3.14 -4.15
C GLN A 37 12.04 -2.66 -5.59
N THR A 38 13.06 -3.14 -6.29
CA THR A 38 13.27 -2.74 -7.68
C THR A 38 12.15 -3.31 -8.57
N GLN A 39 12.21 -2.95 -9.84
CA GLN A 39 11.22 -3.42 -10.81
C GLN A 39 11.46 -4.88 -11.15
N ALA A 40 12.60 -5.41 -10.72
CA ALA A 40 12.94 -6.80 -11.00
C ALA A 40 11.79 -7.71 -10.59
N GLN A 41 11.25 -7.50 -9.40
CA GLN A 41 10.15 -8.31 -8.90
C GLN A 41 8.91 -8.10 -9.77
N VAL A 42 8.67 -6.86 -10.16
CA VAL A 42 7.52 -6.53 -10.98
C VAL A 42 7.60 -7.26 -12.32
N ASP A 43 8.79 -7.24 -12.92
CA ASP A 43 8.98 -7.89 -14.20
C ASP A 43 8.38 -9.29 -14.20
N GLU A 44 8.18 -9.84 -13.01
CA GLU A 44 7.61 -11.18 -12.87
C GLU A 44 6.10 -11.09 -12.71
N VAL A 45 5.65 -10.10 -11.95
CA VAL A 45 4.22 -9.91 -11.72
C VAL A 45 3.49 -9.59 -13.03
N VAL A 46 4.10 -8.72 -13.83
CA VAL A 46 3.50 -8.32 -15.10
C VAL A 46 3.19 -9.54 -15.95
N ASP A 47 4.10 -10.50 -15.92
CA ASP A 47 3.93 -11.72 -16.70
C ASP A 47 2.64 -12.43 -16.27
N ILE A 48 2.39 -12.47 -14.96
CA ILE A 48 1.20 -13.11 -14.44
C ILE A 48 -0.06 -12.40 -14.92
N MET A 49 -0.02 -11.07 -14.91
CA MET A 49 -1.16 -10.29 -15.35
C MET A 49 -1.55 -10.64 -16.77
N ARG A 50 -0.56 -10.85 -17.62
CA ARG A 50 -0.82 -11.21 -19.02
C ARG A 50 -1.55 -12.55 -19.10
N VAL A 51 -1.15 -13.49 -18.24
CA VAL A 51 -1.77 -14.81 -18.22
C VAL A 51 -3.24 -14.70 -17.84
N ASN A 52 -3.53 -13.88 -16.83
CA ASN A 52 -4.90 -13.71 -16.37
C ASN A 52 -5.78 -13.20 -17.51
N VAL A 53 -5.23 -12.29 -18.30
CA VAL A 53 -5.97 -11.73 -19.43
C VAL A 53 -6.27 -12.80 -20.47
N ASP A 54 -5.33 -13.70 -20.64
CA ASP A 54 -5.49 -14.79 -21.60
C ASP A 54 -6.80 -15.52 -21.38
N LYS A 55 -7.31 -15.46 -20.17
CA LYS A 55 -8.57 -16.12 -19.83
C LYS A 55 -9.72 -15.45 -20.58
N VAL A 56 -9.66 -14.13 -20.66
CA VAL A 56 -10.70 -13.38 -21.34
C VAL A 56 -10.59 -13.55 -22.85
N LEU A 57 -9.39 -13.87 -23.32
CA LEU A 57 -9.17 -14.04 -24.76
C LEU A 57 -10.03 -15.16 -25.30
N GLU A 58 -10.12 -16.24 -24.55
CA GLU A 58 -10.91 -17.39 -24.97
C GLU A 58 -12.39 -17.05 -25.01
N ARG A 59 -12.86 -16.62 -26.18
CA ARG A 59 -14.26 -16.26 -26.34
C ARG A 59 -15.17 -17.47 -26.18
N ASP A 60 -14.75 -18.59 -26.75
CA ASP A 60 -15.53 -19.82 -26.65
C ASP A 60 -15.32 -20.46 -25.29
N GLN A 61 -16.39 -21.03 -24.74
CA GLN A 61 -16.33 -21.68 -23.43
C GLN A 61 -16.47 -23.19 -23.59
N LYS A 62 -15.48 -23.92 -23.08
CA LYS A 62 -15.48 -25.38 -23.16
C LYS A 62 -16.00 -25.99 -21.86
N LEU A 63 -16.37 -25.12 -20.91
CA LEU A 63 -16.88 -25.58 -19.62
C LEU A 63 -16.06 -26.76 -19.11
N SER A 64 -14.85 -26.47 -18.64
CA SER A 64 -13.96 -27.51 -18.13
C SER A 64 -12.88 -26.89 -17.26
N GLU A 65 -13.23 -26.56 -16.02
CA GLU A 65 -12.27 -25.98 -15.10
C GLU A 65 -12.88 -25.89 -13.71
N LEU A 66 -13.69 -24.84 -13.49
CA LEU A 66 -14.32 -24.64 -12.19
C LEU A 66 -15.84 -24.79 -12.30
N ASP A 67 -16.39 -25.74 -11.56
CA ASP A 67 -17.82 -25.97 -11.59
C ASP A 67 -18.23 -26.92 -10.47
N ASP A 68 -17.30 -27.78 -10.06
CA ASP A 68 -17.58 -28.74 -9.00
C ASP A 68 -17.35 -28.11 -7.63
N ARG A 69 -16.92 -26.86 -7.62
CA ARG A 69 -16.68 -26.13 -6.37
C ARG A 69 -17.31 -24.75 -6.42
N ALA A 70 -18.02 -24.39 -5.35
CA ALA A 70 -18.68 -23.09 -5.27
C ALA A 70 -19.57 -22.87 -6.49
N ASP A 71 -20.35 -21.80 -6.46
CA ASP A 71 -21.25 -21.49 -7.57
C ASP A 71 -22.21 -22.65 -7.83
N ALA A 72 -22.68 -23.27 -6.76
CA ALA A 72 -23.60 -24.40 -6.88
C ALA A 72 -24.44 -24.54 -5.62
N LEU A 73 -25.60 -25.17 -5.74
CA LEU A 73 -26.50 -25.36 -4.61
C LEU A 73 -26.80 -24.03 -3.93
N GLN A 74 -28.05 -23.58 -4.07
CA GLN A 74 -28.46 -22.32 -3.46
C GLN A 74 -27.51 -21.20 -3.87
N ALA A 75 -26.39 -21.07 -3.15
CA ALA A 75 -25.39 -20.04 -3.44
C ALA A 75 -23.98 -20.61 -3.34
N GLY A 76 -23.60 -21.02 -2.13
CA GLY A 76 -22.26 -21.58 -1.93
C GLY A 76 -21.19 -20.52 -2.07
N ALA A 77 -21.57 -19.27 -1.81
CA ALA A 77 -20.63 -18.15 -1.91
C ALA A 77 -21.06 -17.01 -0.99
N SER A 78 -20.14 -16.07 -0.76
CA SER A 78 -20.41 -14.93 0.10
C SER A 78 -19.64 -13.71 -0.37
N GLN A 79 -19.31 -12.83 0.58
CA GLN A 79 -18.57 -11.61 0.25
C GLN A 79 -17.19 -11.96 -0.32
N PHE A 80 -16.92 -13.25 -0.43
CA PHE A 80 -15.64 -13.71 -0.96
C PHE A 80 -14.49 -13.16 -0.12
N GLU A 81 -13.71 -14.07 0.46
CA GLU A 81 -12.58 -13.66 1.29
C GLU A 81 -11.48 -13.04 0.44
N THR A 82 -11.27 -13.59 -0.76
CA THR A 82 -10.24 -13.07 -1.65
C THR A 82 -10.47 -11.59 -1.93
N SER A 83 -11.73 -11.21 -2.12
CA SER A 83 -12.06 -9.81 -2.39
C SER A 83 -11.64 -8.93 -1.23
N ALA A 84 -11.89 -9.40 0.00
CA ALA A 84 -11.53 -8.65 1.19
C ALA A 84 -10.02 -8.52 1.32
N ALA A 85 -9.29 -9.37 0.60
CA ALA A 85 -7.83 -9.35 0.65
C ALA A 85 -7.32 -7.94 0.41
N LYS A 86 -7.81 -7.30 -0.64
CA LYS A 86 -7.38 -5.93 -0.95
C LYS A 86 -7.77 -4.97 0.16
N LEU A 87 -8.97 -5.13 0.68
CA LEU A 87 -9.46 -4.26 1.76
C LEU A 87 -8.57 -4.39 3.00
N LYS A 88 -8.20 -5.62 3.32
CA LYS A 88 -7.35 -5.87 4.48
C LYS A 88 -6.00 -5.20 4.30
N ARG A 89 -5.46 -5.26 3.09
CA ARG A 89 -4.16 -4.65 2.82
C ARG A 89 -4.21 -3.14 3.03
N LYS A 90 -5.33 -2.55 2.65
CA LYS A 90 -5.51 -1.11 2.81
C LYS A 90 -5.44 -0.71 4.28
N TYR A 91 -6.09 -1.50 5.14
CA TYR A 91 -6.10 -1.22 6.58
C TYR A 91 -5.04 -2.06 7.29
N TRP A 92 -3.82 -2.05 6.74
CA TRP A 92 -2.72 -2.81 7.34
C TRP A 92 -1.39 -2.13 7.07
N TRP A 93 -0.92 -2.20 5.83
CA TRP A 93 0.35 -1.58 5.47
C TRP A 93 0.35 -0.10 5.82
N LYS A 94 -0.81 0.54 5.65
CA LYS A 94 -0.93 1.96 5.95
C LYS A 94 -0.65 2.22 7.43
N ASN A 95 -0.81 3.48 7.85
CA ASN A 95 -0.56 3.86 9.24
C ASN A 95 -1.85 3.79 10.05
N LEU A 96 -2.86 3.11 9.51
CA LEU A 96 -4.14 2.96 10.19
C LEU A 96 -4.07 1.84 11.22
N LYS A 97 -2.90 1.24 11.35
CA LYS A 97 -2.73 0.14 12.30
C LYS A 97 -3.06 0.61 13.72
N MET A 98 -2.64 1.82 14.04
CA MET A 98 -2.88 2.37 15.37
C MET A 98 -4.38 2.48 15.64
N MET A 99 -5.14 2.84 14.62
CA MET A 99 -6.59 2.97 14.75
C MET A 99 -7.21 1.64 15.15
N ILE A 100 -6.61 0.55 14.69
CA ILE A 100 -7.11 -0.78 15.01
C ILE A 100 -7.08 -1.02 16.51
N ILE A 101 -5.99 -0.60 17.15
CA ILE A 101 -5.85 -0.77 18.60
C ILE A 101 -6.99 -0.07 19.33
N LEU A 102 -7.32 1.14 18.89
CA LEU A 102 -8.39 1.91 19.52
C LEU A 102 -9.71 1.15 19.43
N GLY A 103 -9.97 0.54 18.29
CA GLY A 103 -11.20 -0.21 18.11
C GLY A 103 -11.27 -1.39 19.07
N VAL A 104 -10.13 -2.00 19.33
CA VAL A 104 -10.08 -3.15 20.24
C VAL A 104 -10.50 -2.73 21.65
N ILE A 105 -9.98 -1.61 22.12
CA ILE A 105 -10.30 -1.13 23.46
C ILE A 105 -11.79 -0.80 23.56
N CYS A 106 -12.28 -0.08 22.57
CA CYS A 106 -13.69 0.30 22.54
C CYS A 106 -14.57 -0.95 22.47
N ALA A 107 -14.12 -1.95 21.73
CA ALA A 107 -14.88 -3.18 21.59
C ALA A 107 -15.08 -3.84 22.95
N ILE A 108 -14.07 -3.76 23.80
CA ILE A 108 -14.16 -4.35 25.13
C ILE A 108 -15.24 -3.68 25.95
N ILE A 109 -15.28 -2.35 25.90
CA ILE A 109 -16.27 -1.58 26.65
C ILE A 109 -17.67 -1.96 26.20
N LEU A 110 -17.82 -2.15 24.90
CA LEU A 110 -19.12 -2.50 24.35
C LEU A 110 -19.65 -3.79 24.98
N ILE A 111 -18.75 -4.74 25.22
CA ILE A 111 -19.15 -6.01 25.81
C ILE A 111 -19.76 -5.79 27.19
N ILE A 112 -19.13 -4.95 27.98
CA ILE A 112 -19.64 -4.68 29.33
C ILE A 112 -20.98 -3.93 29.25
N ILE A 113 -21.06 -2.95 28.37
CA ILE A 113 -22.28 -2.17 28.23
C ILE A 113 -23.46 -3.05 27.84
N ILE A 114 -23.29 -3.84 26.78
CA ILE A 114 -24.35 -4.72 26.33
C ILE A 114 -24.63 -5.82 27.35
N VAL A 115 -23.58 -6.31 27.98
CA VAL A 115 -23.71 -7.35 28.98
C VAL A 115 -24.49 -6.83 30.18
N TYR A 116 -24.22 -5.59 30.55
CA TYR A 116 -24.88 -5.00 31.70
C TYR A 116 -26.39 -5.07 31.56
N PHE A 117 -26.87 -4.70 30.39
CA PHE A 117 -28.31 -4.74 30.13
C PHE A 117 -28.84 -6.15 30.25
N SER A 118 -28.11 -7.09 29.68
CA SER A 118 -28.51 -8.49 29.73
C SER A 118 -28.42 -9.03 31.14
N THR A 119 -27.67 -8.33 32.00
CA THR A 119 -27.48 -8.74 33.39
C THR A 119 -27.50 -10.26 33.54
N MET A 4 -33.12 -6.86 -27.25
CA MET A 4 -32.85 -5.89 -28.35
C MET A 4 -32.49 -4.53 -27.76
N SER A 5 -32.54 -4.44 -26.43
CA SER A 5 -32.21 -3.19 -25.74
C SER A 5 -31.72 -3.47 -24.33
N ALA A 6 -32.36 -4.43 -23.67
CA ALA A 6 -31.98 -4.78 -22.30
C ALA A 6 -31.70 -3.53 -21.48
N THR A 7 -31.02 -3.70 -20.36
CA THR A 7 -30.69 -2.57 -19.49
C THR A 7 -31.94 -1.73 -19.21
N ALA A 8 -33.10 -2.27 -19.57
CA ALA A 8 -34.35 -1.56 -19.35
C ALA A 8 -34.75 -1.61 -17.89
N ALA A 9 -35.36 -0.53 -17.40
CA ALA A 9 -35.79 -0.47 -16.01
C ALA A 9 -34.60 -0.61 -15.07
N THR A 10 -34.10 -1.83 -14.94
CA THR A 10 -32.96 -2.10 -14.07
C THR A 10 -33.21 -1.55 -12.67
N VAL A 11 -34.46 -1.59 -12.25
CA VAL A 11 -34.83 -1.10 -10.93
C VAL A 11 -34.47 0.37 -10.80
N PRO A 12 -35.20 1.24 -11.45
CA PRO A 12 -34.94 2.70 -11.41
C PRO A 12 -35.48 3.35 -10.13
N PRO A 13 -35.04 4.55 -9.84
CA PRO A 13 -35.52 5.30 -8.63
C PRO A 13 -37.05 5.31 -8.52
N ALA A 14 -37.54 5.11 -7.30
CA ALA A 14 -38.98 5.09 -7.07
C ALA A 14 -39.52 6.52 -6.98
N ALA A 15 -39.89 6.94 -5.77
CA ALA A 15 -40.41 8.28 -5.57
C ALA A 15 -40.88 8.46 -4.12
N PRO A 16 -40.88 9.69 -3.65
CA PRO A 16 -41.33 10.00 -2.26
C PRO A 16 -42.82 9.72 -2.05
N ALA A 17 -43.18 9.29 -0.85
CA ALA A 17 -44.56 8.99 -0.54
C ALA A 17 -44.74 8.72 0.96
N GLY A 18 -43.69 8.19 1.58
CA GLY A 18 -43.74 7.89 3.00
C GLY A 18 -43.59 9.17 3.82
N GLU A 19 -44.50 9.38 4.77
CA GLU A 19 -44.48 10.57 5.62
C GLU A 19 -44.01 10.20 7.02
N GLY A 20 -44.95 10.11 7.96
CA GLY A 20 -44.63 9.77 9.35
C GLY A 20 -45.47 10.59 10.32
N GLY A 21 -46.07 11.66 9.80
CA GLY A 21 -46.90 12.52 10.63
C GLY A 21 -46.02 13.47 11.46
N PRO A 22 -46.62 14.16 12.39
CA PRO A 22 -45.88 15.13 13.27
C PRO A 22 -44.73 14.46 14.03
N PRO A 23 -43.76 15.23 14.47
CA PRO A 23 -42.60 14.70 15.23
C PRO A 23 -43.00 14.22 16.62
N ALA A 24 -42.21 13.30 17.17
CA ALA A 24 -42.47 12.76 18.50
C ALA A 24 -43.82 12.07 18.52
N PRO A 25 -44.09 11.23 17.55
CA PRO A 25 -45.37 10.50 17.46
C PRO A 25 -45.64 9.68 18.73
N PRO A 26 -46.66 10.03 19.51
CA PRO A 26 -47.02 9.27 20.74
C PRO A 26 -47.12 7.76 20.48
N PRO A 27 -47.71 7.37 19.38
CA PRO A 27 -47.86 5.91 19.04
C PRO A 27 -46.51 5.21 18.91
N ASN A 28 -46.49 3.94 19.27
CA ASN A 28 -45.26 3.15 19.18
C ASN A 28 -44.12 3.83 19.94
N LEU A 29 -44.00 3.52 21.22
CA LEU A 29 -42.95 4.11 22.05
C LEU A 29 -41.61 3.50 21.70
N THR A 30 -40.54 4.30 21.86
CA THR A 30 -39.19 3.84 21.56
C THR A 30 -38.22 4.29 22.63
N SER A 31 -37.18 3.50 22.85
CA SER A 31 -36.18 3.83 23.86
C SER A 31 -35.18 4.85 23.33
N ASN A 32 -34.33 5.35 24.21
CA ASN A 32 -33.32 6.33 23.81
C ASN A 32 -32.22 5.68 22.99
N ARG A 33 -32.60 4.74 22.13
CA ARG A 33 -31.63 4.04 21.30
C ARG A 33 -31.33 4.83 20.03
N ARG A 34 -32.31 4.89 19.14
CA ARG A 34 -32.14 5.60 17.87
C ARG A 34 -32.03 7.11 18.12
N LEU A 35 -32.90 7.63 18.99
CA LEU A 35 -32.91 9.05 19.30
C LEU A 35 -31.83 9.38 20.32
N GLN A 36 -30.87 8.47 20.48
CA GLN A 36 -29.78 8.69 21.43
C GLN A 36 -29.04 9.97 21.11
N GLN A 37 -29.32 10.54 19.94
CA GLN A 37 -28.66 11.77 19.52
C GLN A 37 -29.06 12.93 20.43
N THR A 38 -30.29 12.89 20.94
CA THR A 38 -30.79 13.94 21.83
C THR A 38 -30.22 15.30 21.43
N GLN A 39 -30.10 16.18 22.41
CA GLN A 39 -29.55 17.52 22.16
C GLN A 39 -28.07 17.57 22.52
N ALA A 40 -27.62 16.58 23.28
CA ALA A 40 -26.22 16.52 23.69
C ALA A 40 -25.30 16.62 22.48
N GLN A 41 -25.58 15.81 21.46
CA GLN A 41 -24.78 15.82 20.25
C GLN A 41 -24.92 17.16 19.52
N VAL A 42 -26.13 17.70 19.51
CA VAL A 42 -26.39 18.97 18.85
C VAL A 42 -25.59 20.10 19.51
N ASP A 43 -25.59 20.10 20.84
CA ASP A 43 -24.87 21.12 21.59
C ASP A 43 -23.41 21.17 21.14
N GLU A 44 -22.83 20.01 20.87
CA GLU A 44 -21.44 19.94 20.43
C GLU A 44 -21.28 20.56 19.05
N VAL A 45 -22.30 20.39 18.21
CA VAL A 45 -22.25 20.94 16.86
C VAL A 45 -22.25 22.47 16.90
N VAL A 46 -22.84 23.02 17.95
CA VAL A 46 -22.90 24.47 18.10
C VAL A 46 -21.50 25.07 18.21
N ASP A 47 -20.67 24.45 19.04
CA ASP A 47 -19.30 24.92 19.23
C ASP A 47 -18.51 24.82 17.93
N ILE A 48 -18.70 23.70 17.22
CA ILE A 48 -17.99 23.50 15.96
C ILE A 48 -18.41 24.55 14.93
N MET A 49 -19.70 24.81 14.87
CA MET A 49 -20.22 25.80 13.92
C MET A 49 -19.70 27.20 14.25
N ARG A 50 -19.64 27.51 15.54
CA ARG A 50 -19.17 28.82 15.97
C ARG A 50 -17.72 29.04 15.52
N VAL A 51 -16.90 28.01 15.68
CA VAL A 51 -15.51 28.10 15.28
C VAL A 51 -15.38 28.31 13.79
N ASN A 52 -16.18 27.58 13.01
CA ASN A 52 -16.15 27.70 11.56
C ASN A 52 -16.46 29.14 11.14
N VAL A 53 -17.42 29.74 11.81
CA VAL A 53 -17.80 31.12 11.51
C VAL A 53 -16.67 32.07 11.82
N ASP A 54 -16.01 31.85 12.95
CA ASP A 54 -14.91 32.69 13.37
C ASP A 54 -13.78 32.65 12.35
N LYS A 55 -13.58 31.49 11.75
CA LYS A 55 -12.53 31.32 10.76
C LYS A 55 -12.79 32.19 9.55
N VAL A 56 -14.07 32.35 9.20
CA VAL A 56 -14.45 33.15 8.05
C VAL A 56 -14.05 34.61 8.27
N LEU A 57 -14.30 35.10 9.48
CA LEU A 57 -13.98 36.48 9.82
C LEU A 57 -12.49 36.72 9.70
N GLU A 58 -11.71 35.70 10.02
CA GLU A 58 -10.26 35.80 9.96
C GLU A 58 -9.77 36.95 10.83
N ARG A 59 -9.95 36.81 12.15
CA ARG A 59 -9.52 37.84 13.10
C ARG A 59 -8.68 37.23 14.20
N ASP A 60 -7.52 37.84 14.47
CA ASP A 60 -6.62 37.35 15.50
C ASP A 60 -6.99 37.95 16.85
N GLN A 61 -7.45 37.10 17.77
CA GLN A 61 -7.84 37.54 19.10
C GLN A 61 -7.66 36.42 20.12
N LYS A 62 -6.54 36.47 20.85
CA LYS A 62 -6.26 35.46 21.87
C LYS A 62 -5.40 36.04 22.98
N LEU A 63 -4.24 36.58 22.61
CA LEU A 63 -3.32 37.17 23.58
C LEU A 63 -3.98 38.35 24.28
N SER A 64 -4.69 39.17 23.51
CA SER A 64 -5.36 40.34 24.08
C SER A 64 -4.39 41.16 24.91
N GLU A 65 -3.10 40.82 24.83
CA GLU A 65 -2.09 41.55 25.58
C GLU A 65 -2.45 41.60 27.06
N LEU A 66 -3.15 40.56 27.53
CA LEU A 66 -3.55 40.50 28.92
C LEU A 66 -3.96 39.08 29.30
N ASP A 67 -3.45 38.11 28.56
CA ASP A 67 -3.78 36.72 28.84
C ASP A 67 -3.32 36.31 30.24
N ASP A 68 -2.09 36.68 30.56
CA ASP A 68 -1.53 36.36 31.87
C ASP A 68 -0.34 37.26 32.20
N ARG A 69 0.19 37.12 33.41
CA ARG A 69 1.32 37.94 33.82
C ARG A 69 2.60 37.46 33.13
N ALA A 70 3.45 38.42 32.76
CA ALA A 70 4.72 38.09 32.08
C ALA A 70 5.89 38.81 32.74
N ASP A 71 6.84 38.04 33.24
CA ASP A 71 8.01 38.60 33.89
C ASP A 71 8.97 39.22 32.87
N ALA A 72 9.13 38.51 31.74
CA ALA A 72 10.02 38.99 30.69
C ALA A 72 9.87 38.13 29.45
N LEU A 73 9.30 38.70 28.39
CA LEU A 73 9.10 37.97 27.14
C LEU A 73 10.30 38.18 26.22
N GLN A 74 10.89 37.08 25.77
CA GLN A 74 12.04 37.14 24.89
C GLN A 74 11.66 37.79 23.56
N ALA A 75 10.47 37.46 23.07
CA ALA A 75 9.99 38.01 21.81
C ALA A 75 8.48 37.80 21.65
N GLY A 76 8.07 37.31 20.49
CA GLY A 76 6.66 37.06 20.24
C GLY A 76 6.12 36.00 21.19
N ALA A 77 6.91 34.97 21.44
CA ALA A 77 6.50 33.89 22.33
C ALA A 77 5.25 33.21 21.79
N SER A 78 5.36 31.91 21.53
CA SER A 78 4.23 31.15 21.02
C SER A 78 4.55 29.66 20.99
N GLN A 79 5.38 29.21 21.93
CA GLN A 79 5.76 27.80 22.00
C GLN A 79 4.55 26.95 22.35
N PHE A 80 3.60 27.53 23.07
CA PHE A 80 2.40 26.81 23.47
C PHE A 80 1.56 26.43 22.25
N GLU A 81 1.50 27.33 21.27
CA GLU A 81 0.74 27.08 20.06
C GLU A 81 1.36 25.93 19.26
N THR A 82 2.68 25.87 19.24
CA THR A 82 3.38 24.81 18.51
C THR A 82 3.07 23.45 19.13
N SER A 83 3.00 23.40 20.46
CA SER A 83 2.72 22.15 21.16
C SER A 83 1.35 21.63 20.77
N ALA A 84 0.37 22.53 20.72
CA ALA A 84 -1.00 22.14 20.36
C ALA A 84 -1.04 21.60 18.94
N ALA A 85 -0.23 22.17 18.07
CA ALA A 85 -0.20 21.74 16.67
C ALA A 85 0.22 20.28 16.57
N LYS A 86 1.12 19.87 17.46
CA LYS A 86 1.59 18.48 17.46
C LYS A 86 0.42 17.52 17.67
N LEU A 87 -0.42 17.83 18.65
CA LEU A 87 -1.57 16.99 18.95
C LEU A 87 -2.53 16.95 17.77
N LYS A 88 -2.73 18.10 17.16
CA LYS A 88 -3.64 18.19 16.01
C LYS A 88 -3.11 17.34 14.86
N ARG A 89 -1.79 17.32 14.69
CA ARG A 89 -1.19 16.56 13.61
C ARG A 89 -1.53 15.08 13.74
N LYS A 90 -1.36 14.56 14.95
CA LYS A 90 -1.65 13.15 15.21
C LYS A 90 -3.13 12.86 15.02
N TYR A 91 -3.97 13.76 15.51
CA TYR A 91 -5.41 13.58 15.39
C TYR A 91 -5.82 13.55 13.92
N TRP A 92 -5.34 14.52 13.15
CA TRP A 92 -5.66 14.59 11.73
C TRP A 92 -5.03 13.41 10.98
N TRP A 93 -3.75 13.19 11.24
CA TRP A 93 -3.03 12.09 10.59
C TRP A 93 -3.52 10.74 11.11
N LYS A 94 -3.12 10.40 12.32
CA LYS A 94 -3.52 9.14 12.93
C LYS A 94 -3.07 7.96 12.06
N ASN A 95 -2.29 7.07 12.66
CA ASN A 95 -1.80 5.90 11.94
C ASN A 95 -2.86 4.80 11.89
N LEU A 96 -2.80 3.99 10.84
CA LEU A 96 -3.77 2.90 10.69
C LEU A 96 -3.62 1.89 11.81
N LYS A 97 -2.38 1.61 12.20
CA LYS A 97 -2.12 0.66 13.28
C LYS A 97 -2.77 1.12 14.57
N MET A 98 -2.67 2.41 14.86
CA MET A 98 -3.26 2.96 16.07
C MET A 98 -4.78 2.84 16.03
N MET A 99 -5.36 3.05 14.86
CA MET A 99 -6.80 2.96 14.70
C MET A 99 -7.29 1.54 14.99
N ILE A 100 -6.54 0.56 14.51
CA ILE A 100 -6.90 -0.84 14.71
C ILE A 100 -6.86 -1.18 16.20
N ILE A 101 -5.82 -0.71 16.89
CA ILE A 101 -5.69 -0.98 18.31
C ILE A 101 -6.83 -0.34 19.09
N LEU A 102 -7.17 0.89 18.72
CA LEU A 102 -8.23 1.62 19.40
C LEU A 102 -9.56 0.87 19.25
N GLY A 103 -9.81 0.36 18.04
CA GLY A 103 -11.05 -0.36 17.78
C GLY A 103 -11.21 -1.53 18.74
N VAL A 104 -10.10 -2.19 19.07
CA VAL A 104 -10.14 -3.33 19.97
C VAL A 104 -10.64 -2.89 21.35
N ILE A 105 -10.14 -1.77 21.84
CA ILE A 105 -10.52 -1.26 23.14
C ILE A 105 -12.00 -0.90 23.16
N CYS A 106 -12.43 -0.25 22.10
CA CYS A 106 -13.83 0.16 21.99
C CYS A 106 -14.74 -1.06 21.93
N ALA A 107 -14.27 -2.12 21.27
CA ALA A 107 -15.04 -3.34 21.15
C ALA A 107 -15.33 -3.93 22.52
N ILE A 108 -14.37 -3.80 23.43
CA ILE A 108 -14.53 -4.34 24.78
C ILE A 108 -15.67 -3.62 25.50
N ILE A 109 -15.74 -2.31 25.33
CA ILE A 109 -16.78 -1.50 25.97
C ILE A 109 -18.16 -2.02 25.58
N LEU A 110 -18.30 -2.40 24.31
CA LEU A 110 -19.58 -2.89 23.82
C LEU A 110 -20.01 -4.14 24.59
N ILE A 111 -19.05 -5.02 24.86
CA ILE A 111 -19.35 -6.25 25.59
C ILE A 111 -19.79 -5.92 27.01
N ILE A 112 -19.09 -4.98 27.64
CA ILE A 112 -19.43 -4.60 29.01
C ILE A 112 -20.82 -4.00 29.06
N ILE A 113 -21.14 -3.14 28.11
CA ILE A 113 -22.45 -2.51 28.06
C ILE A 113 -23.54 -3.55 27.86
N ILE A 114 -23.29 -4.49 26.95
CA ILE A 114 -24.27 -5.54 26.65
C ILE A 114 -24.51 -6.41 27.89
N VAL A 115 -23.42 -6.78 28.56
CA VAL A 115 -23.53 -7.61 29.74
C VAL A 115 -24.23 -6.84 30.86
N TYR A 116 -23.84 -5.60 31.04
CA TYR A 116 -24.41 -4.75 32.08
C TYR A 116 -25.89 -4.52 31.82
N PHE A 117 -26.22 -4.32 30.56
CA PHE A 117 -27.60 -4.08 30.18
C PHE A 117 -28.49 -5.24 30.57
N SER A 118 -28.01 -6.44 30.29
CA SER A 118 -28.76 -7.66 30.60
C SER A 118 -28.79 -7.89 32.11
N THR A 119 -27.68 -7.55 32.76
CA THR A 119 -27.58 -7.73 34.20
C THR A 119 -28.84 -7.23 34.91
N MET A 4 74.22 41.57 1.80
CA MET A 4 74.24 41.99 0.37
C MET A 4 75.04 40.97 -0.44
N SER A 5 76.35 40.97 -0.24
CA SER A 5 77.22 40.05 -0.96
C SER A 5 77.16 38.67 -0.34
N ALA A 6 76.48 38.56 0.80
CA ALA A 6 76.35 37.29 1.49
C ALA A 6 75.55 36.30 0.66
N THR A 7 75.96 35.03 0.68
CA THR A 7 75.27 34.00 -0.09
C THR A 7 74.38 33.16 0.82
N ALA A 8 74.35 33.53 2.10
CA ALA A 8 73.53 32.81 3.07
C ALA A 8 73.98 31.35 3.18
N ALA A 9 73.27 30.57 3.96
CA ALA A 9 73.60 29.16 4.14
C ALA A 9 72.40 28.38 4.65
N THR A 10 72.64 27.17 5.15
CA THR A 10 71.57 26.33 5.66
C THR A 10 72.08 25.45 6.80
N VAL A 11 71.20 25.14 7.73
CA VAL A 11 71.57 24.30 8.87
C VAL A 11 70.34 23.95 9.70
N PRO A 12 69.29 23.55 9.06
CA PRO A 12 68.02 23.17 9.74
C PRO A 12 68.21 22.01 10.72
N PRO A 13 67.24 21.77 11.57
CA PRO A 13 67.29 20.65 12.56
C PRO A 13 67.64 19.32 11.90
N ALA A 14 68.45 18.52 12.58
CA ALA A 14 68.86 17.23 12.06
C ALA A 14 67.78 16.19 12.33
N ALA A 15 67.92 15.02 11.70
CA ALA A 15 66.94 13.94 11.89
C ALA A 15 67.61 12.59 11.67
N PRO A 16 68.40 12.15 12.61
CA PRO A 16 69.11 10.84 12.53
C PRO A 16 68.14 9.68 12.41
N ALA A 17 68.55 8.64 11.68
CA ALA A 17 67.70 7.46 11.51
C ALA A 17 68.48 6.19 11.85
N GLY A 18 69.55 6.35 12.62
CA GLY A 18 70.38 5.21 13.01
C GLY A 18 69.57 4.24 13.88
N GLU A 19 68.68 4.79 14.70
CA GLU A 19 67.86 3.97 15.57
C GLU A 19 66.99 3.00 14.76
N GLY A 20 66.88 1.77 15.22
CA GLY A 20 66.08 0.77 14.52
C GLY A 20 65.80 -0.43 15.42
N GLY A 21 66.67 -0.64 16.40
CA GLY A 21 66.50 -1.76 17.33
C GLY A 21 65.06 -1.81 17.85
N PRO A 22 64.59 -0.73 18.40
CA PRO A 22 63.22 -0.64 18.96
C PRO A 22 62.17 -1.08 17.95
N PRO A 23 61.03 -1.52 18.42
CA PRO A 23 59.90 -1.98 17.54
C PRO A 23 59.31 -0.83 16.72
N ALA A 24 58.86 -1.15 15.52
CA ALA A 24 58.27 -0.15 14.65
C ALA A 24 57.19 0.64 15.38
N PRO A 25 56.97 1.86 14.98
CA PRO A 25 55.95 2.74 15.59
C PRO A 25 54.53 2.19 15.40
N PRO A 26 53.88 1.79 16.46
CA PRO A 26 52.48 1.26 16.40
C PRO A 26 51.56 2.15 15.58
N PRO A 27 51.65 3.44 15.77
CA PRO A 27 50.81 4.43 15.04
C PRO A 27 51.02 4.34 13.53
N ASN A 28 49.94 4.55 12.78
CA ASN A 28 50.01 4.49 11.32
C ASN A 28 49.04 5.48 10.70
N LEU A 29 49.55 6.33 9.82
CA LEU A 29 48.72 7.33 9.16
C LEU A 29 48.57 7.01 7.68
N THR A 30 47.33 6.91 7.21
CA THR A 30 47.07 6.61 5.80
C THR A 30 45.96 7.52 5.26
N SER A 31 45.95 7.69 3.94
CA SER A 31 44.94 8.53 3.31
C SER A 31 44.41 7.86 2.04
N ASN A 32 45.29 7.20 1.31
CA ASN A 32 44.90 6.52 0.07
C ASN A 32 44.61 5.06 0.34
N ARG A 33 43.48 4.57 -0.18
CA ARG A 33 43.09 3.18 0.02
C ARG A 33 42.63 2.57 -1.30
N ARG A 34 43.39 1.60 -1.80
CA ARG A 34 43.05 0.94 -3.05
C ARG A 34 42.12 -0.24 -2.80
N LEU A 35 41.95 -0.60 -1.53
CA LEU A 35 41.08 -1.71 -1.16
C LEU A 35 39.64 -1.42 -1.57
N GLN A 36 39.30 -0.14 -1.64
CA GLN A 36 37.95 0.27 -2.01
C GLN A 36 37.54 -0.38 -3.33
N GLN A 37 38.47 -0.44 -4.27
CA GLN A 37 38.21 -1.04 -5.57
C GLN A 37 37.95 -2.54 -5.43
N THR A 38 38.64 -3.17 -4.48
CA THR A 38 38.48 -4.60 -4.26
C THR A 38 37.06 -4.94 -3.84
N GLN A 39 36.54 -4.18 -2.88
CA GLN A 39 35.18 -4.40 -2.40
C GLN A 39 34.16 -3.78 -3.33
N ALA A 40 34.62 -2.90 -4.21
CA ALA A 40 33.74 -2.24 -5.16
C ALA A 40 33.03 -3.27 -6.04
N GLN A 41 33.78 -4.26 -6.51
CA GLN A 41 33.21 -5.30 -7.36
C GLN A 41 32.19 -6.12 -6.59
N VAL A 42 32.49 -6.40 -5.32
CA VAL A 42 31.59 -7.17 -4.48
C VAL A 42 30.29 -6.39 -4.23
N ASP A 43 30.43 -5.11 -3.95
CA ASP A 43 29.27 -4.27 -3.68
C ASP A 43 28.40 -4.15 -4.92
N GLU A 44 28.98 -4.44 -6.08
CA GLU A 44 28.24 -4.37 -7.34
C GLU A 44 27.12 -5.40 -7.36
N VAL A 45 27.34 -6.53 -6.69
CA VAL A 45 26.34 -7.59 -6.64
C VAL A 45 25.08 -7.10 -5.95
N VAL A 46 25.19 -5.98 -5.25
CA VAL A 46 24.04 -5.42 -4.54
C VAL A 46 22.89 -5.15 -5.51
N ASP A 47 23.22 -4.57 -6.65
CA ASP A 47 22.22 -4.25 -7.67
C ASP A 47 21.41 -5.50 -8.02
N ILE A 48 22.11 -6.62 -8.14
CA ILE A 48 21.44 -7.88 -8.48
C ILE A 48 20.47 -8.28 -7.38
N MET A 49 20.89 -8.12 -6.13
CA MET A 49 20.05 -8.48 -5.00
C MET A 49 18.83 -7.57 -4.92
N ARG A 50 19.02 -6.30 -5.27
CA ARG A 50 17.92 -5.34 -5.23
C ARG A 50 16.79 -5.76 -6.14
N VAL A 51 17.12 -6.12 -7.38
CA VAL A 51 16.12 -6.53 -8.34
C VAL A 51 15.56 -7.90 -7.97
N ASN A 52 16.35 -8.70 -7.28
CA ASN A 52 15.93 -10.03 -6.88
C ASN A 52 14.73 -9.95 -5.92
N VAL A 53 14.75 -8.94 -5.06
CA VAL A 53 13.67 -8.74 -4.11
C VAL A 53 12.35 -8.47 -4.84
N ASP A 54 12.44 -7.71 -5.91
CA ASP A 54 11.24 -7.37 -6.69
C ASP A 54 10.73 -8.58 -7.45
N LYS A 55 11.65 -9.42 -7.92
CA LYS A 55 11.28 -10.60 -8.67
C LYS A 55 10.50 -11.59 -7.79
N VAL A 56 11.03 -11.83 -6.59
CA VAL A 56 10.39 -12.75 -5.66
C VAL A 56 9.11 -12.13 -5.10
N LEU A 57 9.07 -10.82 -5.05
CA LEU A 57 7.92 -10.12 -4.52
C LEU A 57 6.68 -10.41 -5.37
N GLU A 58 6.86 -10.38 -6.67
CA GLU A 58 5.75 -10.63 -7.59
C GLU A 58 6.25 -10.71 -9.03
N ARG A 59 5.75 -11.69 -9.77
CA ARG A 59 6.15 -11.86 -11.16
C ARG A 59 5.72 -10.66 -12.00
N ASP A 60 4.48 -10.21 -11.78
CA ASP A 60 3.95 -9.08 -12.53
C ASP A 60 4.61 -7.78 -12.07
N GLN A 61 4.84 -6.87 -13.00
CA GLN A 61 5.46 -5.59 -12.68
C GLN A 61 4.56 -4.77 -11.77
N LYS A 62 3.29 -5.14 -11.72
CA LYS A 62 2.33 -4.43 -10.89
C LYS A 62 2.19 -2.98 -11.34
N LEU A 63 2.19 -2.78 -12.64
CA LEU A 63 2.06 -1.43 -13.19
C LEU A 63 0.72 -0.83 -12.81
N SER A 64 -0.34 -1.63 -12.90
CA SER A 64 -1.68 -1.16 -12.58
C SER A 64 -2.72 -2.20 -12.97
N GLU A 65 -3.10 -2.20 -14.24
CA GLU A 65 -4.10 -3.15 -14.73
C GLU A 65 -5.48 -2.84 -14.14
N LEU A 66 -5.50 -2.50 -12.86
CA LEU A 66 -6.74 -2.18 -12.20
C LEU A 66 -7.41 -0.97 -12.84
N ASP A 67 -6.61 0.06 -13.11
CA ASP A 67 -7.12 1.28 -13.72
C ASP A 67 -7.24 1.11 -15.23
N ASP A 68 -8.46 1.21 -15.74
CA ASP A 68 -8.71 1.07 -17.17
C ASP A 68 -8.62 2.43 -17.87
N ARG A 69 -9.55 2.68 -18.77
CA ARG A 69 -9.56 3.94 -19.51
C ARG A 69 -9.72 5.12 -18.55
N ALA A 70 -10.63 4.97 -17.59
CA ALA A 70 -10.87 6.02 -16.61
C ALA A 70 -11.36 7.29 -17.31
N ASP A 71 -12.53 7.78 -16.90
CA ASP A 71 -13.10 8.98 -17.49
C ASP A 71 -12.59 10.22 -16.75
N ALA A 72 -11.65 10.01 -15.84
CA ALA A 72 -11.09 11.13 -15.07
C ALA A 72 -12.19 11.92 -14.39
N LEU A 73 -12.43 13.13 -14.87
CA LEU A 73 -13.46 13.98 -14.30
C LEU A 73 -13.26 14.11 -12.79
N GLN A 74 -12.58 15.18 -12.37
CA GLN A 74 -12.34 15.40 -10.96
C GLN A 74 -13.65 15.62 -10.22
N ALA A 75 -14.60 16.25 -10.87
CA ALA A 75 -15.90 16.52 -10.27
C ALA A 75 -16.62 15.21 -9.96
N GLY A 76 -17.31 15.17 -8.82
CA GLY A 76 -18.03 13.98 -8.41
C GLY A 76 -18.43 14.04 -6.94
N ALA A 77 -17.57 13.51 -6.08
CA ALA A 77 -17.85 13.52 -4.65
C ALA A 77 -16.55 13.33 -3.86
N SER A 78 -16.54 13.84 -2.62
CA SER A 78 -15.36 13.73 -1.78
C SER A 78 -15.02 12.26 -1.53
N GLN A 79 -16.05 11.46 -1.23
CA GLN A 79 -15.85 10.04 -0.97
C GLN A 79 -14.89 9.85 0.20
N PHE A 80 -14.42 10.95 0.78
CA PHE A 80 -13.49 10.88 1.90
C PHE A 80 -12.23 10.11 1.51
N GLU A 81 -12.19 9.65 0.26
CA GLU A 81 -11.03 8.91 -0.22
C GLU A 81 -9.81 9.82 -0.32
N THR A 82 -10.06 11.10 -0.61
CA THR A 82 -8.97 12.05 -0.74
C THR A 82 -8.22 12.21 0.59
N SER A 83 -8.97 12.09 1.69
CA SER A 83 -8.36 12.22 3.01
C SER A 83 -7.26 11.19 3.21
N ALA A 84 -7.47 9.99 2.68
CA ALA A 84 -6.50 8.92 2.80
C ALA A 84 -5.19 9.32 2.11
N ALA A 85 -5.30 10.17 1.10
CA ALA A 85 -4.12 10.61 0.36
C ALA A 85 -3.14 11.33 1.28
N LYS A 86 -3.69 12.12 2.21
CA LYS A 86 -2.86 12.87 3.15
C LYS A 86 -2.06 11.91 4.01
N LEU A 87 -2.70 10.85 4.48
CA LEU A 87 -2.05 9.86 5.33
C LEU A 87 -0.96 9.13 4.54
N LYS A 88 -1.23 8.86 3.27
CA LYS A 88 -0.28 8.15 2.43
C LYS A 88 1.03 8.93 2.34
N ARG A 89 0.93 10.24 2.40
CA ARG A 89 2.13 11.09 2.30
C ARG A 89 3.25 10.53 3.18
N LYS A 90 3.00 10.43 4.47
CA LYS A 90 3.98 9.90 5.41
C LYS A 90 3.89 8.39 5.49
N TYR A 91 2.67 7.87 5.56
CA TYR A 91 2.45 6.43 5.65
C TYR A 91 3.10 5.86 6.91
N TRP A 92 4.42 5.90 6.96
CA TRP A 92 5.14 5.39 8.12
C TRP A 92 4.69 6.10 9.39
N TRP A 93 4.68 7.42 9.36
CA TRP A 93 4.26 8.20 10.52
C TRP A 93 2.76 8.05 10.75
N LYS A 94 1.97 8.31 9.71
CA LYS A 94 0.53 8.20 9.80
C LYS A 94 0.04 6.90 9.17
N ASN A 95 -0.79 6.17 9.91
CA ASN A 95 -1.33 4.91 9.40
C ASN A 95 -2.62 4.56 10.11
N LEU A 96 -3.40 3.65 9.52
CA LEU A 96 -4.67 3.23 10.10
C LEU A 96 -4.45 2.15 11.15
N LYS A 97 -3.20 1.79 11.36
CA LYS A 97 -2.86 0.76 12.34
C LYS A 97 -3.30 1.19 13.75
N MET A 98 -3.16 2.48 14.02
CA MET A 98 -3.55 3.01 15.33
C MET A 98 -5.06 2.84 15.55
N MET A 99 -5.83 3.00 14.49
CA MET A 99 -7.28 2.87 14.57
C MET A 99 -7.66 1.47 15.01
N ILE A 100 -6.94 0.48 14.50
CA ILE A 100 -7.22 -0.92 14.85
C ILE A 100 -6.98 -1.15 16.33
N ILE A 101 -5.89 -0.62 16.85
CA ILE A 101 -5.56 -0.77 18.26
C ILE A 101 -6.63 -0.12 19.13
N LEU A 102 -7.07 1.07 18.74
CA LEU A 102 -8.08 1.79 19.50
C LEU A 102 -9.38 1.00 19.53
N GLY A 103 -9.72 0.37 18.41
CA GLY A 103 -10.94 -0.41 18.32
C GLY A 103 -10.93 -1.56 19.32
N VAL A 104 -9.75 -2.14 19.55
CA VAL A 104 -9.62 -3.25 20.48
C VAL A 104 -10.04 -2.82 21.88
N ILE A 105 -9.56 -1.66 22.31
CA ILE A 105 -9.88 -1.17 23.64
C ILE A 105 -11.39 -0.98 23.80
N CYS A 106 -11.99 -0.30 22.85
CA CYS A 106 -13.42 -0.06 22.89
C CYS A 106 -14.19 -1.38 22.76
N ALA A 107 -13.55 -2.36 22.14
CA ALA A 107 -14.18 -3.66 21.92
C ALA A 107 -14.67 -4.25 23.23
N ILE A 108 -13.78 -4.33 24.22
CA ILE A 108 -14.13 -4.89 25.51
C ILE A 108 -15.21 -4.06 26.19
N ILE A 109 -15.11 -2.74 26.06
CA ILE A 109 -16.11 -1.87 26.65
C ILE A 109 -17.50 -2.22 26.13
N LEU A 110 -17.59 -2.49 24.85
CA LEU A 110 -18.88 -2.80 24.24
C LEU A 110 -19.49 -4.02 24.90
N ILE A 111 -18.65 -4.99 25.22
CA ILE A 111 -19.13 -6.22 25.86
C ILE A 111 -19.79 -5.90 27.19
N ILE A 112 -19.19 -5.02 27.96
CA ILE A 112 -19.73 -4.63 29.25
C ILE A 112 -21.10 -3.98 29.09
N ILE A 113 -21.20 -3.10 28.10
CA ILE A 113 -22.45 -2.40 27.86
C ILE A 113 -23.56 -3.38 27.49
N ILE A 114 -23.22 -4.33 26.63
CA ILE A 114 -24.19 -5.33 26.21
C ILE A 114 -24.63 -6.20 27.39
N VAL A 115 -23.67 -6.62 28.19
CA VAL A 115 -23.95 -7.44 29.35
C VAL A 115 -24.76 -6.66 30.38
N TYR A 116 -24.37 -5.41 30.59
CA TYR A 116 -25.05 -4.57 31.56
C TYR A 116 -26.52 -4.38 31.18
N PHE A 117 -26.76 -4.20 29.89
CA PHE A 117 -28.12 -4.02 29.39
C PHE A 117 -28.98 -5.22 29.74
N SER A 118 -28.43 -6.41 29.58
CA SER A 118 -29.16 -7.64 29.87
C SER A 118 -29.16 -7.92 31.37
N THR A 119 -28.38 -7.13 32.11
CA THR A 119 -28.31 -7.29 33.55
C THR A 119 -29.52 -6.67 34.24
#